data_9IML
#
_entry.id   9IML
#
_cell.length_a   101.570
_cell.length_b   84.970
_cell.length_c   106.990
_cell.angle_alpha   90.00
_cell.angle_beta   90.11
_cell.angle_gamma   90.00
#
_symmetry.space_group_name_H-M   'P 1 21 1'
#
loop_
_entity.id
_entity.type
_entity.pdbx_description
1 polymer 'Ubiquitin carboxyl-terminal hydrolase 7'
2 polymer Ubiquitin
3 non-polymer 1-[(4-fluorophenyl)methyl]-N-{1-[2-(4-methoxyphenyl)ethyl]piperidin-4-yl}-1H-benzimidazol-2-amine
4 water water
#
loop_
_entity_poly.entity_id
_entity_poly.type
_entity_poly.pdbx_seq_one_letter_code
_entity_poly.pdbx_strand_id
1 'polypeptide(L)'
;KKHTGYVGLKNQGATCYMNSLLQTLFFTNQLRKAVYMMPTEGDDSSKSVPLALQRVFYELQHSDKPVGTKKLTKSFGWET
LDSFMQHDVQELCRVLLDNVENKMKGTCVEGTIPKLFRGKMVSYIQCKEVDYRSDRREDYYDIQLSIKGKKNIFESFVDY
VAVEQLDGDNKYDAGEHGLQEAEKGVKFLTLPPVLHLQLMRFMYDPQTDQNIKINDRFEFPEQLPLDEFLQKTDPKDPAN
YILHAVLVHSGDNHGGHYVVYLNPKGDGKWCKFDDDVVSRCTKEEAIEHNYGGHDDDLSVRHCTNAYMLVYIRESKLSEV
LQAVTDHDIPQQLVERLQEEKRIEAQKRKERQE
;
A,C,E,G
2 'polypeptide(L)' MQIFVKTLTGKTITLEVEPSDTIENVKAKIQDKEGIPPDQQRLIFAGKQLEDGRTLSDYNIQKESTLHLVLRLRG B,D,F,H
#
loop_
_chem_comp.id
_chem_comp.type
_chem_comp.name
_chem_comp.formula
XB7 non-polymer 1-[(4-fluorophenyl)methyl]-N-{1-[2-(4-methoxyphenyl)ethyl]piperidin-4-yl}-1H-benzimidazol-2-amine 'C28 H31 F N4 O'
#
# COMPACT_ATOMS: atom_id res chain seq x y z
N THR A 4 25.41 33.39 25.82
CA THR A 4 24.29 32.43 25.60
C THR A 4 23.93 32.39 24.12
N GLY A 5 24.09 33.51 23.42
CA GLY A 5 23.71 33.59 22.00
C GLY A 5 22.24 33.90 21.85
N TYR A 6 21.50 33.88 22.97
CA TYR A 6 20.07 34.11 22.92
C TYR A 6 19.77 35.33 23.79
N VAL A 7 18.72 36.06 23.40
CA VAL A 7 18.29 37.26 24.10
C VAL A 7 17.13 36.91 25.02
N GLY A 8 17.04 37.64 26.12
CA GLY A 8 15.95 37.50 27.06
C GLY A 8 14.82 38.44 26.73
N LEU A 9 13.89 38.57 27.69
CA LEU A 9 12.68 39.40 27.49
C LEU A 9 12.42 40.21 28.75
N LYS A 10 12.07 41.48 28.61
CA LYS A 10 11.89 42.37 29.76
C LYS A 10 10.64 41.96 30.54
N ASN A 11 10.68 42.13 31.86
CA ASN A 11 9.48 41.87 32.70
C ASN A 11 8.79 43.22 32.88
N GLN A 12 7.59 43.36 32.32
CA GLN A 12 6.82 44.61 32.51
C GLN A 12 6.45 44.73 33.98
N GLY A 13 6.34 43.61 34.69
CA GLY A 13 5.98 43.61 36.11
C GLY A 13 5.66 42.23 36.61
N ALA A 14 4.75 41.54 35.92
CA ALA A 14 4.41 40.15 36.30
C ALA A 14 4.39 39.26 35.05
N THR A 15 4.91 39.77 33.93
CA THR A 15 4.87 39.02 32.65
C THR A 15 5.86 37.85 32.67
N CYS A 16 6.30 37.39 33.84
CA CYS A 16 7.16 36.19 33.92
C CYS A 16 6.50 35.07 33.14
N TYR A 17 5.19 34.85 33.35
CA TYR A 17 4.43 33.78 32.65
C TYR A 17 4.57 33.95 31.15
N MET A 18 4.33 35.15 30.64
CA MET A 18 4.33 35.39 29.17
C MET A 18 5.73 35.18 28.62
N ASN A 19 6.71 35.87 29.16
CA ASN A 19 8.11 35.73 28.69
C ASN A 19 8.48 34.25 28.64
N SER A 20 8.13 33.48 29.68
CA SER A 20 8.48 32.04 29.74
C SER A 20 7.78 31.26 28.62
N LEU A 21 6.54 31.63 28.29
CA LEU A 21 5.83 30.96 27.17
C LEU A 21 6.33 31.54 25.84
N LEU A 22 6.45 32.86 25.76
CA LEU A 22 6.93 33.50 24.52
C LEU A 22 8.25 32.87 24.15
N GLN A 23 9.12 32.59 25.13
CA GLN A 23 10.34 31.91 24.76
C GLN A 23 10.03 30.51 24.26
N THR A 24 9.16 29.79 24.96
CA THR A 24 8.83 28.39 24.58
C THR A 24 8.26 28.39 23.15
N LEU A 25 7.30 29.26 22.87
CA LEU A 25 6.68 29.26 21.53
C LEU A 25 7.68 29.81 20.50
N PHE A 26 8.61 30.68 20.90
CA PHE A 26 9.63 31.16 20.00
C PHE A 26 10.55 30.04 19.55
N PHE A 27 11.04 29.25 20.49
CA PHE A 27 12.02 28.19 20.14
C PHE A 27 11.31 27.02 19.48
N THR A 28 9.98 26.99 19.46
CA THR A 28 9.25 25.98 18.67
C THR A 28 9.40 26.56 17.25
N ASN A 29 10.55 26.33 16.63
CA ASN A 29 10.91 26.99 15.34
C ASN A 29 9.81 26.88 14.29
N GLN A 30 9.24 25.70 14.07
CA GLN A 30 8.23 25.56 13.02
C GLN A 30 7.04 26.50 13.24
N LEU A 31 6.68 26.72 14.50
CA LEU A 31 5.63 27.69 14.79
C LEU A 31 6.10 29.08 14.42
N ARG A 32 7.33 29.42 14.80
CA ARG A 32 7.81 30.78 14.61
C ARG A 32 7.87 31.12 13.14
N LYS A 33 8.41 30.21 12.33
CA LYS A 33 8.35 30.39 10.89
C LYS A 33 6.91 30.64 10.46
N ALA A 34 5.98 29.86 11.00
CA ALA A 34 4.58 30.01 10.63
C ALA A 34 4.02 31.37 11.04
N VAL A 35 4.40 31.87 12.22
CA VAL A 35 3.91 33.19 12.61
C VAL A 35 4.46 34.25 11.67
N TYR A 36 5.73 34.12 11.29
CA TYR A 36 6.35 35.05 10.35
C TYR A 36 5.59 35.12 9.02
N MET A 37 5.04 33.99 8.59
CA MET A 37 4.41 33.93 7.24
C MET A 37 2.91 34.24 7.31
N MET A 38 2.48 34.94 8.36
CA MET A 38 1.05 35.28 8.53
C MET A 38 0.75 36.64 7.88
N PRO A 39 -0.29 36.73 7.03
CA PRO A 39 -0.66 37.97 6.35
C PRO A 39 -1.09 39.12 7.28
N THR A 40 -0.11 39.88 7.78
CA THR A 40 -0.42 41.03 8.66
C THR A 40 -0.15 42.31 7.88
N GLU A 41 -1.17 42.86 7.24
CA GLU A 41 -1.02 44.08 6.41
C GLU A 41 -0.85 45.30 7.32
N GLY A 42 -0.13 45.15 8.43
CA GLY A 42 0.00 46.25 9.41
C GLY A 42 -1.25 46.32 10.29
N ASP A 43 -2.36 45.75 9.81
CA ASP A 43 -3.64 45.73 10.55
C ASP A 43 -3.78 47.00 11.39
N ASP A 44 -3.74 46.87 12.72
CA ASP A 44 -3.83 48.06 13.61
C ASP A 44 -2.94 47.86 14.83
N SER A 45 -1.78 47.19 14.69
CA SER A 45 -0.78 46.96 15.79
C SER A 45 -1.43 46.64 17.14
N SER A 46 -1.93 47.64 17.86
CA SER A 46 -2.63 47.44 19.16
C SER A 46 -3.89 46.60 18.99
N LYS A 47 -4.12 46.03 17.80
CA LYS A 47 -5.29 45.16 17.57
C LYS A 47 -4.82 43.80 17.04
N SER A 48 -3.59 43.68 16.54
CA SER A 48 -3.23 42.38 15.92
C SER A 48 -2.32 41.55 16.82
N VAL A 49 -2.86 40.48 17.40
CA VAL A 49 -2.00 39.55 18.19
C VAL A 49 -0.96 38.93 17.25
N PRO A 50 -1.25 38.46 16.01
CA PRO A 50 -0.16 37.92 15.16
C PRO A 50 0.95 38.92 14.87
N LEU A 51 0.58 40.19 14.61
CA LEU A 51 1.60 41.21 14.39
C LEU A 51 2.52 41.34 15.61
N ALA A 52 1.92 41.39 16.80
CA ALA A 52 2.71 41.49 18.02
C ALA A 52 3.65 40.29 18.16
N LEU A 53 3.11 39.08 17.97
CA LEU A 53 3.92 37.87 18.01
C LEU A 53 5.05 37.93 16.99
N GLN A 54 4.79 38.54 15.83
CA GLN A 54 5.84 38.69 14.83
C GLN A 54 6.87 39.71 15.27
N ARG A 55 6.43 40.84 15.83
CA ARG A 55 7.38 41.78 16.42
C ARG A 55 8.25 41.07 17.45
N VAL A 56 7.63 40.53 18.50
CA VAL A 56 8.39 39.91 19.58
C VAL A 56 9.29 38.81 19.06
N PHE A 57 8.78 37.97 18.16
CA PHE A 57 9.62 36.93 17.59
C PHE A 57 10.75 37.51 16.76
N TYR A 58 10.52 38.60 16.04
CA TYR A 58 11.58 39.13 15.15
C TYR A 58 12.73 39.64 15.99
N GLU A 59 12.41 40.36 17.06
CA GLU A 59 13.49 40.99 17.84
C GLU A 59 14.20 39.94 18.69
N LEU A 60 13.49 38.93 19.18
CA LEU A 60 14.18 37.87 19.93
C LEU A 60 15.18 37.20 18.98
N GLN A 61 14.93 37.26 17.66
CA GLN A 61 15.86 36.69 16.72
C GLN A 61 17.00 37.63 16.38
N HIS A 62 16.82 38.94 16.58
CA HIS A 62 17.83 39.91 16.07
C HIS A 62 18.47 40.78 17.15
N SER A 63 17.71 41.23 18.14
CA SER A 63 18.21 42.18 19.18
C SER A 63 19.42 41.65 19.94
N ASP A 64 20.20 42.58 20.51
CA ASP A 64 21.35 42.17 21.34
C ASP A 64 21.10 42.71 22.74
N LYS A 65 19.84 43.05 23.02
CA LYS A 65 19.43 43.57 24.35
C LYS A 65 18.03 43.03 24.65
N PRO A 66 17.65 42.81 25.93
CA PRO A 66 16.30 42.37 26.29
C PRO A 66 15.13 42.95 25.47
N VAL A 67 14.21 42.10 25.03
CA VAL A 67 13.05 42.52 24.17
C VAL A 67 11.85 42.86 25.06
N GLY A 68 10.97 43.74 24.60
CA GLY A 68 9.82 44.19 25.36
C GLY A 68 8.53 43.49 24.93
N THR A 69 7.50 43.62 25.78
CA THR A 69 6.23 42.92 25.61
C THR A 69 5.06 43.88 25.52
N LYS A 70 5.35 45.18 25.57
CA LYS A 70 4.29 46.21 25.64
C LYS A 70 3.22 46.05 24.57
N LYS A 71 3.63 46.01 23.31
CA LYS A 71 2.67 45.99 22.21
C LYS A 71 1.81 44.73 22.24
N LEU A 72 2.41 43.60 22.63
CA LEU A 72 1.68 42.32 22.68
C LEU A 72 0.57 42.35 23.72
N THR A 73 0.88 42.82 24.92
CA THR A 73 -0.16 42.96 25.93
C THR A 73 -1.18 44.02 25.51
N LYS A 74 -0.73 45.04 24.78
CA LYS A 74 -1.66 45.97 24.15
C LYS A 74 -2.64 45.22 23.26
N SER A 75 -2.09 44.47 22.29
CA SER A 75 -2.91 43.66 21.38
C SER A 75 -3.85 42.71 22.10
N PHE A 76 -3.59 42.38 23.36
CA PHE A 76 -4.54 41.58 24.11
C PHE A 76 -5.78 42.36 24.49
N GLY A 77 -5.78 43.68 24.33
CA GLY A 77 -6.82 44.50 24.88
C GLY A 77 -6.58 44.90 26.32
N TRP A 78 -5.35 44.81 26.80
CA TRP A 78 -5.01 45.02 28.20
C TRP A 78 -4.53 46.43 28.48
N GLU A 79 -4.83 46.92 29.68
CA GLU A 79 -4.22 48.12 30.25
C GLU A 79 -2.92 47.76 30.98
N THR A 80 -2.11 48.76 31.30
CA THR A 80 -0.78 48.49 31.92
C THR A 80 -0.91 47.98 33.36
N LEU A 81 -2.08 48.08 33.99
CA LEU A 81 -2.19 47.46 35.30
C LEU A 81 -2.32 45.94 35.17
N ASP A 82 -2.97 45.48 34.10
CA ASP A 82 -3.07 44.06 33.80
C ASP A 82 -1.71 43.42 33.56
N SER A 83 -0.66 44.22 33.33
CA SER A 83 0.70 43.71 33.18
C SER A 83 1.36 43.34 34.51
N PHE A 84 0.70 43.61 35.63
CA PHE A 84 1.26 43.33 36.94
C PHE A 84 0.37 42.39 37.76
N MET A 85 -0.68 41.85 37.16
CA MET A 85 -1.36 40.69 37.75
C MET A 85 -0.63 39.42 37.34
N GLN A 86 -0.47 38.52 38.32
CA GLN A 86 0.21 37.23 38.11
C GLN A 86 -0.76 36.27 37.42
N HIS A 87 -0.24 35.33 36.65
CA HIS A 87 -1.10 34.52 35.80
C HIS A 87 -0.53 33.11 35.63
N ASP A 88 -1.42 32.18 35.24
CA ASP A 88 -1.04 30.80 35.00
C ASP A 88 -0.56 30.67 33.56
N VAL A 89 0.69 30.20 33.41
CA VAL A 89 1.32 30.03 32.10
C VAL A 89 0.49 29.14 31.20
N GLN A 90 -0.18 28.13 31.74
CA GLN A 90 -0.91 27.18 30.85
C GLN A 90 -2.24 27.82 30.44
N GLU A 91 -2.83 28.63 31.30
CA GLU A 91 -4.06 29.31 30.89
C GLU A 91 -3.79 30.27 29.73
N LEU A 92 -2.71 31.03 29.83
CA LEU A 92 -2.28 31.88 28.71
C LEU A 92 -2.13 31.07 27.43
N CYS A 93 -1.36 29.98 27.49
CA CYS A 93 -1.08 29.11 26.31
C CYS A 93 -2.39 28.63 25.70
N ARG A 94 -3.31 28.15 26.53
CA ARG A 94 -4.60 27.80 25.98
C ARG A 94 -5.26 28.99 25.30
N VAL A 95 -5.33 30.12 26.00
CA VAL A 95 -5.95 31.29 25.40
C VAL A 95 -5.16 31.75 24.17
N LEU A 96 -3.84 31.85 24.27
CA LEU A 96 -3.06 32.45 23.19
C LEU A 96 -3.04 31.57 21.95
N LEU A 97 -2.71 30.29 22.11
CA LEU A 97 -2.62 29.40 20.94
C LEU A 97 -4.01 29.23 20.29
N ASP A 98 -5.09 29.28 21.06
CA ASP A 98 -6.42 29.24 20.45
C ASP A 98 -6.66 30.49 19.63
N ASN A 99 -6.24 31.63 20.14
CA ASN A 99 -6.32 32.87 19.39
C ASN A 99 -5.62 32.73 18.05
N VAL A 100 -4.33 32.38 18.09
CA VAL A 100 -3.55 32.35 16.87
C VAL A 100 -4.10 31.28 15.92
N GLU A 101 -4.55 30.15 16.46
CA GLU A 101 -5.06 29.09 15.60
C GLU A 101 -6.15 29.59 14.65
N ASN A 102 -7.12 30.32 15.21
CA ASN A 102 -8.23 30.85 14.39
C ASN A 102 -7.73 32.00 13.53
N LYS A 103 -6.81 32.82 14.03
CA LYS A 103 -6.25 33.87 13.19
C LYS A 103 -5.43 33.31 12.02
N MET A 104 -5.14 32.01 11.99
CA MET A 104 -4.37 31.39 10.92
C MET A 104 -5.24 30.72 9.87
N LYS A 105 -6.56 30.81 10.02
CA LYS A 105 -7.47 30.13 9.11
C LYS A 105 -7.66 30.96 7.85
N GLY A 106 -7.64 30.31 6.69
CA GLY A 106 -7.83 31.04 5.43
C GLY A 106 -6.54 31.65 4.92
N THR A 107 -5.44 31.45 5.64
CA THR A 107 -4.13 31.94 5.25
C THR A 107 -3.24 30.75 4.90
N CYS A 108 -2.07 31.05 4.31
CA CYS A 108 -1.22 29.97 3.83
C CYS A 108 -0.76 29.03 4.94
N VAL A 109 -1.03 29.41 6.19
CA VAL A 109 -0.49 28.64 7.35
C VAL A 109 -1.64 28.01 8.17
N GLU A 110 -2.77 27.73 7.55
CA GLU A 110 -3.83 27.03 8.26
C GLU A 110 -3.39 25.63 8.62
N GLY A 111 -3.75 25.21 9.82
CA GLY A 111 -3.50 23.87 10.28
C GLY A 111 -2.25 23.72 11.12
N THR A 112 -1.47 24.79 11.27
CA THR A 112 -0.15 24.68 11.88
C THR A 112 -0.25 24.27 13.34
N ILE A 113 -0.95 25.10 14.14
CA ILE A 113 -1.04 24.82 15.56
C ILE A 113 -1.62 23.43 15.84
N PRO A 114 -2.72 23.01 15.20
CA PRO A 114 -3.13 21.61 15.40
C PRO A 114 -2.12 20.62 14.85
N LYS A 115 -1.41 20.90 13.76
CA LYS A 115 -0.47 19.90 13.27
C LYS A 115 0.70 19.71 14.23
N LEU A 116 1.08 20.77 14.94
CA LEU A 116 2.18 20.71 15.89
C LEU A 116 1.75 20.14 17.23
N PHE A 117 0.55 20.54 17.70
CA PHE A 117 0.20 20.36 19.09
C PHE A 117 -1.01 19.47 19.36
N ARG A 118 -1.78 19.09 18.35
CA ARG A 118 -3.09 18.46 18.60
C ARG A 118 -3.00 16.96 18.44
N GLY A 119 -3.40 16.23 19.49
CA GLY A 119 -3.50 14.80 19.45
C GLY A 119 -4.94 14.37 19.70
N LYS A 120 -5.19 13.06 19.58
CA LYS A 120 -6.55 12.50 19.81
C LYS A 120 -6.49 11.37 20.84
N MET A 121 -7.50 11.32 21.71
CA MET A 121 -7.59 10.21 22.69
C MET A 121 -8.92 9.46 22.55
N VAL A 122 -8.97 8.24 23.05
CA VAL A 122 -10.23 7.47 22.97
C VAL A 122 -10.68 7.10 24.38
N SER A 123 -11.96 7.28 24.68
CA SER A 123 -12.50 6.85 25.99
C SER A 123 -13.40 5.64 25.77
N TYR A 124 -13.10 4.56 26.46
CA TYR A 124 -13.88 3.30 26.35
C TYR A 124 -14.70 3.06 27.62
N ILE A 125 -16.01 2.87 27.48
CA ILE A 125 -16.94 2.66 28.58
C ILE A 125 -17.71 1.39 28.33
N GLN A 126 -17.63 0.43 29.27
CA GLN A 126 -18.34 -0.84 29.20
C GLN A 126 -19.07 -1.17 30.51
N CYS A 127 -20.36 -1.48 30.41
CA CYS A 127 -21.15 -1.80 31.60
C CYS A 127 -20.75 -3.14 32.21
N LYS A 128 -20.85 -3.24 33.52
CA LYS A 128 -20.35 -4.47 34.17
C LYS A 128 -21.45 -5.51 34.31
N GLU A 129 -22.72 -5.09 34.38
CA GLU A 129 -23.81 -6.06 34.66
C GLU A 129 -24.84 -6.02 33.54
N VAL A 130 -24.55 -5.32 32.44
CA VAL A 130 -25.44 -5.35 31.23
C VAL A 130 -24.53 -5.31 30.01
N ASP A 131 -25.00 -5.79 28.87
CA ASP A 131 -24.19 -5.75 27.65
C ASP A 131 -24.39 -4.41 26.95
N TYR A 132 -23.52 -3.45 27.26
CA TYR A 132 -23.63 -2.09 26.73
C TYR A 132 -22.25 -1.43 26.78
N ARG A 133 -21.81 -0.91 25.63
CA ARG A 133 -20.48 -0.33 25.43
C ARG A 133 -20.63 0.97 24.67
N SER A 134 -19.70 1.91 24.92
CA SER A 134 -19.70 3.19 24.22
C SER A 134 -18.26 3.70 24.03
N ASP A 135 -18.09 4.60 23.06
CA ASP A 135 -16.76 5.12 22.72
C ASP A 135 -16.84 6.64 22.55
N ARG A 136 -15.75 7.34 22.85
CA ARG A 136 -15.71 8.81 22.61
C ARG A 136 -14.29 9.21 22.24
N ARG A 137 -14.12 9.87 21.10
CA ARG A 137 -12.78 10.32 20.64
C ARG A 137 -12.69 11.83 20.74
N GLU A 138 -11.72 12.35 21.48
CA GLU A 138 -11.61 13.79 21.70
C GLU A 138 -10.18 14.27 21.47
N ASP A 139 -10.11 15.41 20.79
CA ASP A 139 -8.81 16.03 20.47
C ASP A 139 -8.27 16.73 21.71
N TYR A 140 -6.97 16.99 21.72
CA TYR A 140 -6.34 17.66 22.85
C TYR A 140 -5.12 18.42 22.38
N TYR A 141 -4.85 19.52 23.05
CA TYR A 141 -3.64 20.27 22.79
C TYR A 141 -2.64 20.19 23.93
N ASP A 142 -3.01 19.49 24.99
CA ASP A 142 -2.17 19.37 26.20
C ASP A 142 -2.66 18.18 27.02
N ILE A 143 -1.84 17.73 27.96
CA ILE A 143 -2.27 16.59 28.83
C ILE A 143 -2.07 16.95 30.30
N GLN A 144 -3.13 16.82 31.08
CA GLN A 144 -3.09 17.10 32.53
C GLN A 144 -2.68 15.81 33.22
N LEU A 145 -1.52 15.80 33.86
CA LEU A 145 -0.95 14.62 34.49
C LEU A 145 -1.03 14.75 36.01
N SER A 146 -1.59 13.75 36.67
CA SER A 146 -1.65 13.80 38.13
C SER A 146 -0.27 13.58 38.75
N ILE A 147 -0.11 14.11 39.97
CA ILE A 147 1.20 14.23 40.62
C ILE A 147 1.18 13.59 42.00
N LYS A 148 0.21 13.96 42.84
CA LYS A 148 0.15 13.45 44.21
C LYS A 148 0.14 11.92 44.21
N GLY A 149 1.18 11.33 44.78
CA GLY A 149 1.27 9.90 44.91
C GLY A 149 2.01 9.20 43.81
N LYS A 150 2.40 9.95 42.78
CA LYS A 150 3.16 9.36 41.64
C LYS A 150 4.61 9.83 41.73
N LYS A 151 5.56 8.90 41.58
CA LYS A 151 6.96 9.25 41.76
C LYS A 151 7.53 9.89 40.51
N ASN A 152 7.02 9.56 39.33
CA ASN A 152 7.63 10.01 38.10
C ASN A 152 6.58 10.06 37.00
N ILE A 153 7.02 10.51 35.82
CA ILE A 153 6.13 10.65 34.69
C ILE A 153 5.59 9.30 34.25
N PHE A 154 6.37 8.24 34.40
CA PHE A 154 5.91 6.92 33.91
C PHE A 154 4.68 6.53 34.70
N GLU A 155 4.77 6.55 36.02
CA GLU A 155 3.60 6.24 36.84
C GLU A 155 2.42 7.17 36.54
N SER A 156 2.68 8.35 35.98
CA SER A 156 1.59 9.33 35.71
C SER A 156 0.78 8.90 34.48
N PHE A 157 1.43 8.42 33.42
CA PHE A 157 0.68 7.92 32.26
C PHE A 157 0.01 6.60 32.56
N VAL A 158 0.60 5.77 33.42
CA VAL A 158 -0.06 4.54 33.83
C VAL A 158 -1.39 4.87 34.47
N ASP A 159 -1.37 5.74 35.47
CA ASP A 159 -2.61 6.18 36.11
C ASP A 159 -3.58 6.74 35.09
N TYR A 160 -3.07 7.55 34.15
CA TYR A 160 -3.95 8.21 33.19
C TYR A 160 -4.71 7.17 32.38
N VAL A 161 -4.02 6.14 31.89
CA VAL A 161 -4.64 5.08 31.10
C VAL A 161 -5.25 3.95 31.94
N ALA A 162 -5.09 4.00 33.26
CA ALA A 162 -5.69 3.01 34.14
C ALA A 162 -7.20 2.96 33.95
N VAL A 163 -7.81 1.87 34.41
CA VAL A 163 -9.25 1.63 34.24
C VAL A 163 -9.99 2.05 35.50
N GLU A 164 -11.03 2.85 35.32
CA GLU A 164 -11.83 3.41 36.43
C GLU A 164 -13.16 2.70 36.58
N GLN A 165 -13.70 2.74 37.80
CA GLN A 165 -14.99 2.16 38.11
C GLN A 165 -15.99 3.29 38.20
N LEU A 166 -16.84 3.43 37.19
CA LEU A 166 -17.95 4.38 37.27
C LEU A 166 -19.03 3.78 38.17
N ASP A 167 -18.98 4.13 39.45
CA ASP A 167 -19.87 3.48 40.43
C ASP A 167 -20.57 4.45 41.35
N GLY A 168 -21.68 4.03 41.94
CA GLY A 168 -22.35 4.78 42.99
C GLY A 168 -22.93 6.13 42.60
N ASP A 169 -22.32 7.22 43.06
CA ASP A 169 -22.74 8.57 42.66
C ASP A 169 -22.21 8.95 41.29
N ASN A 170 -21.59 8.00 40.60
CA ASN A 170 -20.98 8.21 39.29
C ASN A 170 -21.21 6.97 38.42
N LYS A 171 -22.42 6.44 38.45
CA LYS A 171 -22.79 5.40 37.50
C LYS A 171 -22.98 5.99 36.12
N TYR A 172 -22.86 5.14 35.12
CA TYR A 172 -22.92 5.57 33.73
C TYR A 172 -24.36 5.53 33.20
N ASP A 173 -24.71 6.51 32.37
CA ASP A 173 -26.07 6.61 31.82
C ASP A 173 -26.19 5.72 30.58
N ALA A 174 -26.38 4.42 30.83
CA ALA A 174 -26.42 3.42 29.77
C ALA A 174 -27.78 3.36 29.06
N GLY A 175 -28.27 4.51 28.63
CA GLY A 175 -29.39 4.55 27.69
C GLY A 175 -30.65 3.85 28.17
N GLU A 176 -31.08 2.84 27.42
CA GLU A 176 -32.32 2.11 27.77
C GLU A 176 -32.11 1.35 29.07
N HIS A 177 -30.86 1.08 29.43
CA HIS A 177 -30.58 0.27 30.64
C HIS A 177 -30.51 1.16 31.88
N GLY A 178 -30.58 2.48 31.69
CA GLY A 178 -30.56 3.42 32.81
C GLY A 178 -29.18 3.60 33.39
N LEU A 179 -29.11 4.10 34.62
CA LEU A 179 -27.79 4.28 35.28
C LEU A 179 -27.25 2.90 35.64
N GLN A 180 -26.04 2.58 35.20
CA GLN A 180 -25.46 1.25 35.44
C GLN A 180 -23.98 1.36 35.80
N GLU A 181 -23.49 0.52 36.73
CA GLU A 181 -22.07 0.50 36.99
C GLU A 181 -21.33 0.20 35.69
N ALA A 182 -20.13 0.76 35.55
CA ALA A 182 -19.38 0.53 34.34
C ALA A 182 -17.91 0.82 34.59
N GLU A 183 -17.07 0.34 33.67
CA GLU A 183 -15.65 0.63 33.64
C GLU A 183 -15.37 1.65 32.54
N LYS A 184 -14.42 2.56 32.82
CA LYS A 184 -14.03 3.61 31.89
C LYS A 184 -12.52 3.60 31.73
N GLY A 185 -12.07 3.69 30.50
CA GLY A 185 -10.65 3.62 30.22
C GLY A 185 -10.27 4.54 29.08
N VAL A 186 -9.12 5.17 29.20
CA VAL A 186 -8.62 6.10 28.20
C VAL A 186 -7.33 5.56 27.58
N LYS A 187 -7.16 5.84 26.29
CA LYS A 187 -5.97 5.48 25.55
C LYS A 187 -5.67 6.62 24.58
N PHE A 188 -4.42 6.73 24.18
CA PHE A 188 -4.02 7.73 23.20
C PHE A 188 -4.06 7.12 21.80
N LEU A 189 -4.80 7.76 20.91
CA LEU A 189 -4.82 7.29 19.52
C LEU A 189 -3.59 7.85 18.83
N THR A 190 -3.35 9.17 18.97
CA THR A 190 -2.18 9.80 18.42
C THR A 190 -1.60 10.76 19.45
N LEU A 191 -0.24 10.91 19.44
CA LEU A 191 0.45 11.93 20.22
C LEU A 191 1.10 12.96 19.31
N PRO A 192 1.02 14.25 19.64
CA PRO A 192 1.40 15.30 18.69
C PRO A 192 2.91 15.44 18.58
N PRO A 193 3.41 16.08 17.52
CA PRO A 193 4.86 16.28 17.41
C PRO A 193 5.45 17.02 18.59
N VAL A 194 4.77 18.03 19.08
CA VAL A 194 5.21 18.74 20.26
C VAL A 194 4.24 18.40 21.38
N LEU A 195 4.73 17.65 22.36
CA LEU A 195 3.87 17.26 23.51
C LEU A 195 3.95 18.33 24.60
N HIS A 196 2.80 18.83 25.05
CA HIS A 196 2.74 19.83 26.15
C HIS A 196 2.14 19.15 27.37
N LEU A 197 2.91 19.00 28.44
CA LEU A 197 2.45 18.28 29.65
C LEU A 197 2.24 19.25 30.81
N GLN A 198 1.01 19.34 31.30
CA GLN A 198 0.69 20.20 32.46
C GLN A 198 0.64 19.31 33.70
N LEU A 199 1.61 19.51 34.59
CA LEU A 199 1.69 18.72 35.83
C LEU A 199 0.71 19.34 36.81
N MET A 200 -0.13 18.52 37.42
CA MET A 200 -1.20 19.04 38.26
C MET A 200 -0.66 19.31 39.66
N ARG A 201 0.20 20.31 39.75
CA ARG A 201 0.86 20.63 41.01
C ARG A 201 -0.06 21.47 41.90
N PHE A 202 -1.26 20.94 42.13
CA PHE A 202 -2.24 21.65 42.98
C PHE A 202 -3.31 20.72 43.57
N MET A 203 -3.55 20.84 44.87
CA MET A 203 -4.66 20.17 45.52
C MET A 203 -5.47 21.23 46.27
N TYR A 204 -6.71 20.90 46.58
CA TYR A 204 -7.59 21.88 47.20
C TYR A 204 -8.25 21.35 48.47
N ASN A 211 -5.92 26.81 46.95
CA ASN A 211 -4.74 26.26 46.22
C ASN A 211 -3.67 25.91 47.24
N ILE A 212 -3.36 24.62 47.39
CA ILE A 212 -2.28 24.23 48.32
C ILE A 212 -0.96 24.21 47.54
N LYS A 213 -0.96 23.76 46.28
CA LYS A 213 0.28 23.63 45.45
C LYS A 213 1.09 22.43 45.91
N ILE A 214 1.10 21.38 45.08
CA ILE A 214 1.84 20.15 45.41
C ILE A 214 3.30 20.38 45.06
N ASN A 215 4.15 20.40 46.07
CA ASN A 215 5.57 20.61 45.84
C ASN A 215 6.36 19.33 45.91
N ASP A 216 5.71 18.18 45.73
CA ASP A 216 6.37 16.93 45.99
C ASP A 216 7.39 16.61 44.91
N ARG A 217 8.18 15.58 45.19
CA ARG A 217 9.18 15.13 44.20
C ARG A 217 8.46 14.44 43.08
N PHE A 218 8.63 14.95 41.88
CA PHE A 218 8.07 14.32 40.69
C PHE A 218 9.12 14.37 39.59
N GLU A 219 9.55 13.20 39.13
CA GLU A 219 10.70 13.08 38.25
C GLU A 219 10.23 12.84 36.81
N PHE A 220 10.78 13.62 35.87
CA PHE A 220 10.57 13.49 34.45
C PHE A 220 11.91 13.22 33.78
N PRO A 221 11.92 12.55 32.65
CA PRO A 221 13.18 12.14 32.04
C PRO A 221 13.55 12.95 30.81
N GLU A 222 14.82 12.83 30.36
CA GLU A 222 15.27 13.46 29.10
C GLU A 222 14.80 12.70 27.87
N GLN A 223 14.49 11.42 28.00
CA GLN A 223 13.80 10.68 26.95
C GLN A 223 12.56 10.01 27.54
N LEU A 224 11.51 9.91 26.72
CA LEU A 224 10.22 9.40 27.23
C LEU A 224 9.60 8.48 26.19
N PRO A 225 9.66 7.16 26.37
CA PRO A 225 8.97 6.24 25.48
C PRO A 225 7.49 6.11 25.86
N LEU A 226 6.59 6.60 25.00
CA LEU A 226 5.14 6.60 25.31
C LEU A 226 4.39 5.60 24.44
N ASP A 227 5.09 4.64 23.84
CA ASP A 227 4.40 3.64 23.02
C ASP A 227 3.42 2.82 23.85
N GLU A 228 3.74 2.59 25.13
CA GLU A 228 2.85 1.83 26.02
C GLU A 228 1.49 2.46 26.17
N PHE A 229 1.33 3.74 25.82
CA PHE A 229 0.07 4.42 26.10
C PHE A 229 -0.71 4.72 24.83
N LEU A 230 -0.25 4.22 23.70
CA LEU A 230 -1.03 4.33 22.48
C LEU A 230 -2.02 3.19 22.41
N GLN A 231 -2.94 3.29 21.46
CA GLN A 231 -3.86 2.19 21.23
C GLN A 231 -3.26 1.24 20.21
N LYS A 232 -2.80 1.78 19.08
CA LYS A 232 -2.06 1.04 18.05
C LYS A 232 -0.70 1.72 17.86
N THR A 233 0.37 1.04 18.28
CA THR A 233 1.70 1.56 18.01
C THR A 233 2.03 1.42 16.52
N ASP A 234 2.85 2.34 16.02
CA ASP A 234 3.29 2.32 14.60
C ASP A 234 4.81 2.17 14.56
N PRO A 235 5.36 1.10 13.94
CA PRO A 235 6.81 0.94 13.82
C PRO A 235 7.46 1.79 12.72
N LYS A 236 6.67 2.58 11.98
CA LYS A 236 7.24 3.51 10.96
C LYS A 236 7.47 4.87 11.61
N ASP A 237 7.12 5.03 12.89
CA ASP A 237 7.30 6.26 13.63
C ASP A 237 7.10 5.97 15.12
N PRO A 238 8.01 5.22 15.77
CA PRO A 238 7.88 5.00 17.22
C PRO A 238 7.65 6.30 17.99
N ALA A 239 7.17 6.18 19.24
CA ALA A 239 6.68 7.35 19.96
C ALA A 239 7.61 7.75 21.08
N ASN A 240 8.86 8.06 20.71
CA ASN A 240 9.84 8.54 21.66
C ASN A 240 9.93 10.05 21.56
N TYR A 241 9.90 10.67 22.74
CA TYR A 241 9.87 12.14 22.82
C TYR A 241 11.08 12.61 23.59
N ILE A 242 11.70 13.69 23.12
CA ILE A 242 12.90 14.21 23.74
C ILE A 242 12.55 15.50 24.47
N LEU A 243 13.08 15.69 25.67
CA LEU A 243 12.69 16.82 26.50
C LEU A 243 13.23 18.10 25.91
N HIS A 244 12.37 19.10 25.75
CA HIS A 244 12.79 20.39 25.15
C HIS A 244 12.72 21.50 26.19
N ALA A 245 11.59 21.63 26.87
CA ALA A 245 11.46 22.79 27.78
C ALA A 245 10.90 22.42 29.14
N VAL A 246 11.32 23.16 30.16
CA VAL A 246 10.83 22.97 31.55
C VAL A 246 10.40 24.35 32.05
N LEU A 247 9.09 24.58 32.05
CA LEU A 247 8.54 25.87 32.53
C LEU A 247 8.41 25.75 34.04
N VAL A 248 9.38 26.30 34.76
CA VAL A 248 9.47 26.14 36.21
C VAL A 248 8.75 27.28 36.90
N HIS A 249 7.88 26.91 37.83
CA HIS A 249 7.15 27.90 38.67
C HIS A 249 7.74 27.87 40.08
N SER A 250 7.77 29.04 40.75
CA SER A 250 8.28 29.12 42.15
C SER A 250 7.32 30.00 42.97
N GLY A 251 6.70 29.45 44.02
CA GLY A 251 5.75 30.22 44.80
C GLY A 251 4.69 29.30 45.37
N ASP A 252 3.48 29.86 45.53
CA ASP A 252 2.36 29.13 46.14
C ASP A 252 1.01 29.38 45.46
N GLY A 255 0.49 33.31 44.09
CA GLY A 255 1.47 34.04 43.30
C GLY A 255 2.90 33.51 43.44
N GLY A 256 3.78 33.96 42.54
CA GLY A 256 5.15 33.47 42.50
C GLY A 256 5.90 33.98 41.26
N HIS A 257 6.90 33.21 40.80
CA HIS A 257 7.71 33.60 39.62
C HIS A 257 7.83 32.46 38.62
N TYR A 258 7.93 32.79 37.34
CA TYR A 258 8.01 31.76 36.27
C TYR A 258 9.33 31.85 35.52
N VAL A 259 9.94 30.72 35.22
CA VAL A 259 11.22 30.64 34.48
C VAL A 259 11.08 29.49 33.49
N VAL A 260 11.80 29.53 32.38
CA VAL A 260 11.79 28.39 31.42
C VAL A 260 13.22 27.91 31.17
N TYR A 261 13.44 26.61 31.27
CA TYR A 261 14.76 26.01 30.97
C TYR A 261 14.62 25.37 29.60
N LEU A 262 15.58 25.58 28.70
CA LEU A 262 15.39 25.09 27.31
C LEU A 262 16.69 24.60 26.66
N ASN A 263 16.64 23.52 25.89
CA ASN A 263 17.78 23.09 25.04
C ASN A 263 17.26 23.35 23.63
N PRO A 264 17.26 24.61 23.14
CA PRO A 264 16.56 24.93 21.88
C PRO A 264 16.87 23.99 20.74
N LYS A 265 18.13 23.63 20.53
CA LYS A 265 18.49 22.86 19.35
C LYS A 265 18.20 21.36 19.48
N GLY A 266 17.63 20.93 20.60
CA GLY A 266 17.44 19.52 20.86
C GLY A 266 18.71 18.74 21.09
N ASP A 267 19.88 19.42 21.14
CA ASP A 267 21.19 18.80 21.26
C ASP A 267 21.54 18.46 22.70
N GLY A 268 20.90 19.11 23.66
CA GLY A 268 21.16 18.86 25.05
C GLY A 268 22.03 19.89 25.72
N LYS A 269 22.27 21.03 25.07
CA LYS A 269 23.01 22.14 25.67
C LYS A 269 21.98 23.18 26.13
N TRP A 270 21.70 23.20 27.43
CA TRP A 270 20.54 23.91 27.96
C TRP A 270 20.91 25.33 28.37
N CYS A 271 19.91 26.20 28.40
CA CYS A 271 20.06 27.52 28.98
C CYS A 271 18.85 27.80 29.87
N LYS A 272 19.01 28.79 30.73
CA LYS A 272 17.93 29.20 31.63
C LYS A 272 17.49 30.61 31.23
N PHE A 273 16.18 30.81 31.19
CA PHE A 273 15.59 32.05 30.74
C PHE A 273 14.79 32.61 31.91
N ASP A 274 15.42 33.55 32.62
CA ASP A 274 14.72 34.23 33.74
C ASP A 274 14.47 35.65 33.27
N ASP A 275 13.33 35.88 32.63
CA ASP A 275 12.97 37.22 32.11
C ASP A 275 14.17 37.78 31.33
N ASP A 276 14.86 38.82 31.83
CA ASP A 276 15.93 39.50 31.07
C ASP A 276 17.27 38.77 31.11
N VAL A 277 17.41 37.74 31.93
CA VAL A 277 18.71 37.09 32.11
C VAL A 277 18.66 35.69 31.50
N VAL A 278 19.53 35.44 30.53
CA VAL A 278 19.67 34.16 29.87
C VAL A 278 21.05 33.59 30.23
N SER A 279 21.06 32.40 30.81
CA SER A 279 22.26 31.79 31.37
C SER A 279 22.51 30.50 30.64
N ARG A 280 23.76 30.10 30.54
CA ARG A 280 23.96 28.69 30.25
C ARG A 280 23.78 27.89 31.56
N CYS A 281 23.67 26.57 31.46
CA CYS A 281 23.47 25.73 32.63
C CYS A 281 23.55 24.27 32.19
N THR A 282 23.56 23.37 33.17
CA THR A 282 23.74 21.95 32.96
C THR A 282 22.40 21.25 32.92
N LYS A 283 22.43 20.05 32.32
CA LYS A 283 21.27 19.14 32.35
C LYS A 283 20.75 18.99 33.78
N GLU A 284 21.64 18.69 34.71
CA GLU A 284 21.23 18.52 36.13
C GLU A 284 20.42 19.73 36.59
N GLU A 285 20.80 20.93 36.17
CA GLU A 285 20.12 22.12 36.68
C GLU A 285 18.74 22.32 36.07
N ALA A 286 18.49 21.73 34.91
CA ALA A 286 17.22 21.96 34.19
C ALA A 286 16.25 20.80 34.40
N ILE A 287 16.77 19.61 34.68
CA ILE A 287 15.90 18.42 34.81
C ILE A 287 15.85 18.01 36.27
N GLU A 288 16.94 17.46 36.80
CA GLU A 288 16.87 16.91 38.16
C GLU A 288 16.53 17.97 39.21
N HIS A 289 17.14 19.15 39.08
CA HIS A 289 16.93 20.21 40.09
C HIS A 289 15.48 20.71 40.05
N ASN A 290 14.69 20.25 39.08
CA ASN A 290 13.32 20.72 38.93
C ASN A 290 12.29 19.64 39.28
N TYR A 291 12.74 18.50 39.80
CA TYR A 291 11.81 17.52 40.35
C TYR A 291 11.05 18.06 41.55
N GLY A 292 11.55 19.09 42.22
CA GLY A 292 10.83 19.57 43.41
C GLY A 292 10.99 18.66 44.63
N GLY A 293 10.23 19.00 45.67
CA GLY A 293 10.30 18.27 46.93
C GLY A 293 10.57 19.15 48.16
N CYS A 303 9.65 25.06 46.88
CA CYS A 303 8.86 26.11 46.17
C CYS A 303 9.17 26.09 44.68
N THR A 304 10.31 25.55 44.26
CA THR A 304 10.71 25.63 42.83
C THR A 304 10.62 24.26 42.16
N ASN A 305 9.83 24.14 41.08
CA ASN A 305 9.63 22.87 40.41
C ASN A 305 8.97 23.10 39.05
N ALA A 306 9.14 22.11 38.17
CA ALA A 306 8.44 22.11 36.90
C ALA A 306 6.93 22.08 37.10
N TYR A 307 6.25 22.95 36.37
CA TYR A 307 4.80 22.96 36.26
C TYR A 307 4.34 22.49 34.90
N MET A 308 5.05 22.89 33.85
CA MET A 308 4.72 22.48 32.46
C MET A 308 5.95 21.89 31.80
N LEU A 309 5.77 20.88 30.96
CA LEU A 309 6.91 20.24 30.26
C LEU A 309 6.66 20.21 28.77
N VAL A 310 7.69 20.47 27.98
CA VAL A 310 7.57 20.39 26.51
C VAL A 310 8.49 19.29 26.01
N TYR A 311 7.91 18.24 25.44
CA TYR A 311 8.67 17.15 24.81
C TYR A 311 8.35 17.21 23.32
N ILE A 312 9.34 17.02 22.47
CA ILE A 312 9.19 17.01 21.03
C ILE A 312 9.41 15.58 20.53
N ARG A 313 8.58 15.15 19.59
CA ARG A 313 8.69 13.79 19.10
C ARG A 313 10.00 13.61 18.35
N GLU A 314 10.76 12.59 18.72
CA GLU A 314 12.10 12.42 18.16
C GLU A 314 12.04 12.38 16.63
N SER A 315 11.10 11.64 16.06
CA SER A 315 11.04 11.58 14.60
C SER A 315 10.85 12.95 13.98
N LYS A 316 10.27 13.91 14.69
CA LYS A 316 9.92 15.20 14.04
C LYS A 316 10.82 16.37 14.49
N LEU A 317 11.84 16.13 15.30
CA LEU A 317 12.69 17.22 15.83
C LEU A 317 13.33 18.04 14.71
N SER A 318 13.81 17.38 13.65
CA SER A 318 14.50 18.07 12.54
C SER A 318 13.60 19.15 11.93
N GLU A 319 12.32 18.86 11.76
CA GLU A 319 11.35 19.80 11.16
C GLU A 319 10.95 20.85 12.19
N VAL A 320 10.51 20.41 13.36
CA VAL A 320 10.05 21.36 14.41
C VAL A 320 11.18 22.32 14.73
N LEU A 321 12.38 21.80 14.97
CA LEU A 321 13.51 22.65 15.37
C LEU A 321 14.44 22.91 14.17
N GLN A 322 13.88 22.99 12.96
CA GLN A 322 14.70 23.39 11.81
C GLN A 322 15.18 24.79 12.09
N ALA A 323 16.34 25.14 11.54
CA ALA A 323 16.95 26.42 11.88
C ALA A 323 16.32 27.52 11.06
N VAL A 324 16.25 28.71 11.65
CA VAL A 324 15.46 29.82 11.11
C VAL A 324 16.38 30.99 10.82
N THR A 325 16.27 31.57 9.63
CA THR A 325 17.16 32.64 9.19
C THR A 325 16.35 33.87 8.77
N ASP A 326 17.07 34.90 8.32
CA ASP A 326 16.36 36.10 7.81
C ASP A 326 15.67 35.71 6.50
N HIS A 327 16.03 34.57 5.92
CA HIS A 327 15.31 34.10 4.73
C HIS A 327 13.91 33.58 5.04
N ASP A 328 13.54 33.44 6.31
CA ASP A 328 12.23 32.96 6.71
C ASP A 328 11.31 34.08 7.15
N ILE A 329 11.84 35.30 7.25
CA ILE A 329 11.00 36.47 7.66
C ILE A 329 10.63 37.25 6.39
N PRO A 330 9.38 37.16 5.89
CA PRO A 330 8.97 37.95 4.72
C PRO A 330 9.41 39.41 4.76
N GLN A 331 9.76 39.92 3.57
CA GLN A 331 10.31 41.27 3.47
C GLN A 331 9.28 42.33 3.83
N GLN A 332 8.03 42.14 3.40
CA GLN A 332 6.99 43.09 3.76
C GLN A 332 6.92 43.29 5.26
N LEU A 333 7.17 42.22 6.02
CA LEU A 333 7.14 42.31 7.51
C LEU A 333 8.31 43.18 7.98
N VAL A 334 9.52 42.90 7.52
CA VAL A 334 10.72 43.67 7.98
C VAL A 334 10.47 45.16 7.73
N GLU A 335 9.93 45.52 6.56
CA GLU A 335 9.67 46.92 6.25
C GLU A 335 8.62 47.51 7.18
N ARG A 336 7.55 46.74 7.44
CA ARG A 336 6.58 47.18 8.43
C ARG A 336 7.23 47.36 9.81
N LEU A 337 8.00 46.36 10.25
CA LEU A 337 8.60 46.44 11.58
C LEU A 337 9.62 47.57 11.66
N GLN A 338 10.53 47.66 10.69
CA GLN A 338 11.59 48.67 10.72
C GLN A 338 10.99 50.07 10.80
N GLU A 339 10.15 50.38 9.81
CA GLU A 339 9.47 51.70 9.74
C GLU A 339 8.33 51.67 10.75
N GLU A 340 8.69 51.80 12.03
CA GLU A 340 7.72 51.76 13.12
C GLU A 340 8.34 52.33 14.38
N MET B 1 -28.10 15.84 30.18
CA MET B 1 -27.17 14.83 29.69
C MET B 1 -26.08 14.55 30.70
N GLN B 2 -25.45 13.39 30.56
CA GLN B 2 -24.35 13.03 31.47
C GLN B 2 -23.02 13.27 30.75
N ILE B 3 -22.28 14.27 31.19
CA ILE B 3 -20.91 14.46 30.66
C ILE B 3 -19.93 13.93 31.70
N PHE B 4 -18.64 14.03 31.40
CA PHE B 4 -17.61 13.53 32.33
C PHE B 4 -16.70 14.68 32.71
N VAL B 5 -16.30 14.75 33.97
CA VAL B 5 -15.32 15.78 34.41
C VAL B 5 -14.18 15.07 35.12
N LYS B 6 -12.98 15.13 34.56
CA LYS B 6 -11.78 14.58 35.24
C LYS B 6 -11.37 15.58 36.31
N THR B 7 -11.20 15.11 37.55
CA THR B 7 -10.93 16.01 38.68
C THR B 7 -9.43 16.26 38.89
N LEU B 8 -9.09 16.98 39.95
CA LEU B 8 -7.68 17.31 40.24
C LEU B 8 -6.95 16.06 40.68
N THR B 9 -7.68 14.98 41.00
CA THR B 9 -7.06 13.68 41.33
C THR B 9 -6.90 12.86 40.06
N GLY B 10 -7.54 13.30 38.96
CA GLY B 10 -7.50 12.56 37.69
C GLY B 10 -8.66 11.61 37.57
N LYS B 11 -9.47 11.50 38.61
CA LYS B 11 -10.62 10.58 38.61
C LYS B 11 -11.77 11.20 37.81
N THR B 12 -12.50 10.35 37.09
CA THR B 12 -13.66 10.84 36.31
C THR B 12 -14.90 10.86 37.19
N ILE B 13 -15.53 12.02 37.30
CA ILE B 13 -16.83 12.09 38.01
C ILE B 13 -17.88 12.33 36.93
N THR B 14 -19.11 11.95 37.19
CA THR B 14 -20.20 12.23 36.22
C THR B 14 -20.85 13.56 36.57
N LEU B 15 -21.21 14.33 35.57
CA LEU B 15 -21.91 15.59 35.77
C LEU B 15 -23.19 15.61 34.94
N GLU B 16 -24.27 16.15 35.53
CA GLU B 16 -25.59 16.18 34.91
C GLU B 16 -25.86 17.58 34.37
N VAL B 17 -25.78 17.76 33.06
CA VAL B 17 -25.77 19.11 32.49
C VAL B 17 -26.69 19.21 31.27
N GLU B 18 -26.93 20.45 30.85
CA GLU B 18 -27.82 20.78 29.77
C GLU B 18 -27.12 21.61 28.69
N PRO B 19 -27.32 21.27 27.42
CA PRO B 19 -26.79 22.11 26.33
C PRO B 19 -27.03 23.59 26.54
N SER B 20 -28.12 23.94 27.21
CA SER B 20 -28.35 25.33 27.61
C SER B 20 -27.33 25.86 28.61
N ASP B 21 -26.72 25.01 29.43
CA ASP B 21 -25.97 25.50 30.59
C ASP B 21 -24.82 26.39 30.16
N THR B 22 -24.65 27.47 30.91
CA THR B 22 -23.47 28.33 30.67
C THR B 22 -22.29 27.70 31.42
N ILE B 23 -21.10 28.25 31.26
CA ILE B 23 -19.90 27.62 31.88
C ILE B 23 -19.95 27.90 33.39
N GLU B 24 -20.53 29.02 33.81
CA GLU B 24 -20.70 29.31 35.25
C GLU B 24 -21.71 28.33 35.83
N ASN B 25 -22.78 27.98 35.10
CA ASN B 25 -23.68 26.93 35.57
C ASN B 25 -22.97 25.59 35.72
N VAL B 26 -22.11 25.23 34.74
CA VAL B 26 -21.38 23.98 34.83
C VAL B 26 -20.42 24.02 36.01
N LYS B 27 -19.73 25.16 36.21
CA LYS B 27 -18.76 25.27 37.29
C LYS B 27 -19.42 25.11 38.65
N ALA B 28 -20.68 25.54 38.77
CA ALA B 28 -21.38 25.44 40.04
C ALA B 28 -21.76 24.01 40.32
N LYS B 29 -22.22 23.30 39.30
CA LYS B 29 -22.47 21.88 39.48
C LYS B 29 -21.21 21.14 39.93
N ILE B 30 -20.05 21.53 39.41
CA ILE B 30 -18.78 20.96 39.88
C ILE B 30 -18.56 21.29 41.35
N GLN B 31 -18.76 22.55 41.74
CA GLN B 31 -18.65 22.89 43.15
C GLN B 31 -19.61 22.04 43.98
N ASP B 32 -20.82 21.83 43.48
CA ASP B 32 -21.81 21.05 44.18
C ASP B 32 -21.37 19.60 44.37
N LYS B 33 -20.54 19.06 43.47
CA LYS B 33 -20.12 17.66 43.54
C LYS B 33 -18.68 17.47 43.99
N GLU B 34 -17.78 18.41 43.71
CA GLU B 34 -16.39 18.27 44.11
C GLU B 34 -15.96 19.31 45.15
N GLY B 35 -16.77 20.33 45.39
CA GLY B 35 -16.45 21.32 46.38
C GLY B 35 -15.53 22.42 45.90
N ILE B 36 -15.12 22.39 44.64
CA ILE B 36 -14.21 23.42 44.15
C ILE B 36 -14.98 24.72 43.92
N PRO B 37 -14.62 25.78 44.63
CA PRO B 37 -15.23 27.09 44.37
C PRO B 37 -15.07 27.49 42.92
N PRO B 38 -16.15 27.93 42.28
CA PRO B 38 -16.06 28.33 40.87
C PRO B 38 -14.99 29.36 40.58
N ASP B 39 -14.70 30.28 41.46
CA ASP B 39 -13.73 31.35 41.13
C ASP B 39 -12.35 30.77 40.78
N GLN B 40 -12.13 29.48 41.02
CA GLN B 40 -10.81 28.87 40.84
C GLN B 40 -10.81 27.74 39.83
N GLN B 41 -11.94 27.41 39.26
CA GLN B 41 -11.98 26.36 38.25
C GLN B 41 -11.56 26.91 36.89
N ARG B 42 -10.82 26.06 36.19
CA ARG B 42 -10.46 26.29 34.77
C ARG B 42 -10.75 24.94 34.11
N LEU B 43 -11.62 24.87 33.12
CA LEU B 43 -12.09 23.64 32.50
C LEU B 43 -11.58 23.56 31.07
N ILE B 44 -10.91 22.46 30.72
CA ILE B 44 -10.27 22.35 29.39
C ILE B 44 -10.94 21.29 28.53
N PHE B 45 -11.48 21.70 27.39
CA PHE B 45 -12.06 20.79 26.41
C PHE B 45 -11.41 20.98 25.04
N ALA B 46 -10.88 19.90 24.47
CA ALA B 46 -10.25 19.95 23.13
C ALA B 46 -9.26 21.11 23.04
N GLY B 47 -8.53 21.37 24.12
CA GLY B 47 -7.56 22.44 24.11
C GLY B 47 -8.16 23.82 24.18
N LYS B 48 -9.47 23.95 24.28
CA LYS B 48 -10.06 25.24 24.54
C LYS B 48 -10.37 25.32 26.03
N GLN B 49 -10.00 26.44 26.66
CA GLN B 49 -10.46 26.74 28.00
C GLN B 49 -11.80 27.45 27.88
N LEU B 50 -12.83 26.88 28.50
CA LEU B 50 -14.20 27.38 28.31
C LEU B 50 -14.40 28.71 29.03
N GLU B 51 -15.12 29.62 28.37
CA GLU B 51 -15.29 30.98 28.85
C GLU B 51 -16.62 31.16 29.58
N ASP B 52 -16.56 31.77 30.76
CA ASP B 52 -17.78 32.25 31.42
C ASP B 52 -18.58 33.10 30.45
N GLY B 53 -19.81 32.68 30.14
CA GLY B 53 -20.66 33.44 29.22
C GLY B 53 -21.16 32.58 28.08
N ARG B 54 -20.27 31.78 27.48
CA ARG B 54 -20.70 30.87 26.45
C ARG B 54 -21.34 29.64 27.10
N THR B 55 -22.07 28.87 26.30
CA THR B 55 -22.73 27.66 26.80
C THR B 55 -22.02 26.41 26.29
N LEU B 56 -22.46 25.24 26.78
CA LEU B 56 -21.88 23.96 26.36
C LEU B 56 -22.14 23.65 24.89
N SER B 57 -23.25 24.13 24.35
CA SER B 57 -23.60 23.87 22.93
C SER B 57 -22.61 24.57 22.01
N ASP B 58 -22.05 25.68 22.47
CA ASP B 58 -21.13 26.51 21.64
C ASP B 58 -19.80 25.79 21.48
N TYR B 59 -19.60 24.67 22.16
CA TYR B 59 -18.34 23.91 22.06
C TYR B 59 -18.63 22.50 21.57
N ASN B 60 -19.83 22.25 21.03
CA ASN B 60 -20.25 20.90 20.58
C ASN B 60 -19.98 19.89 21.70
N ILE B 61 -20.25 20.30 22.93
CA ILE B 61 -20.11 19.40 24.07
C ILE B 61 -21.40 18.60 24.18
N GLN B 62 -21.27 17.29 24.32
CA GLN B 62 -22.45 16.44 24.34
C GLN B 62 -22.27 15.30 25.32
N LYS B 63 -23.27 14.44 25.38
CA LYS B 63 -23.24 13.24 26.21
C LYS B 63 -21.90 12.52 26.06
N GLU B 64 -21.27 12.21 27.19
CA GLU B 64 -20.04 11.44 27.33
C GLU B 64 -18.81 12.22 26.94
N SER B 65 -18.93 13.50 26.60
CA SER B 65 -17.75 14.34 26.47
C SER B 65 -17.07 14.44 27.83
N THR B 66 -15.80 14.83 27.82
CA THR B 66 -15.00 14.83 29.03
C THR B 66 -14.37 16.20 29.25
N LEU B 67 -14.63 16.81 30.38
CA LEU B 67 -13.93 18.05 30.71
C LEU B 67 -12.80 17.76 31.67
N HIS B 68 -11.73 18.55 31.58
CA HIS B 68 -10.57 18.40 32.48
C HIS B 68 -10.49 19.63 33.37
N LEU B 69 -10.68 19.42 34.67
CA LEU B 69 -10.66 20.52 35.67
C LEU B 69 -9.22 20.85 36.04
N VAL B 70 -8.93 22.14 36.15
CA VAL B 70 -7.56 22.59 36.47
C VAL B 70 -7.64 23.88 37.29
N LEU B 71 -6.72 24.09 38.22
CA LEU B 71 -6.60 25.32 39.00
C LEU B 71 -5.48 26.20 38.41
N ARG B 72 -5.06 27.24 39.15
CA ARG B 72 -4.05 28.18 38.67
C ARG B 72 -2.79 28.10 39.51
N LEU B 73 -1.64 28.27 38.86
CA LEU B 73 -0.37 28.58 39.52
C LEU B 73 0.03 29.92 38.92
N ARG B 74 -0.23 30.97 39.70
CA ARG B 74 -0.03 32.34 39.20
C ARG B 74 1.43 32.77 39.35
N GLY B 75 1.87 33.71 38.50
CA GLY B 75 3.26 34.17 38.52
C GLY B 75 3.50 35.30 37.54
N THR C 4 -30.88 11.92 -34.01
CA THR C 4 -30.97 11.32 -32.65
C THR C 4 -32.23 10.46 -32.59
N GLY C 5 -33.39 11.10 -32.64
CA GLY C 5 -34.68 10.37 -32.50
C GLY C 5 -35.25 10.60 -31.13
N TYR C 6 -34.46 11.17 -30.22
CA TYR C 6 -34.91 11.35 -28.82
C TYR C 6 -34.96 12.83 -28.44
N VAL C 7 -35.91 13.20 -27.58
CA VAL C 7 -36.00 14.58 -27.13
C VAL C 7 -35.24 14.74 -25.82
N GLY C 8 -35.01 15.98 -25.41
CA GLY C 8 -34.45 16.31 -24.13
C GLY C 8 -35.48 16.82 -23.14
N LEU C 9 -35.00 17.51 -22.10
CA LEU C 9 -35.83 17.89 -20.97
C LEU C 9 -35.38 19.24 -20.44
N LYS C 10 -36.34 20.07 -20.07
CA LYS C 10 -36.07 21.49 -19.84
C LYS C 10 -35.51 21.69 -18.43
N ASN C 11 -34.35 22.32 -18.33
CA ASN C 11 -33.83 22.68 -17.03
C ASN C 11 -34.77 23.68 -16.36
N GLN C 12 -35.18 23.40 -15.12
CA GLN C 12 -36.03 24.34 -14.36
C GLN C 12 -35.15 25.32 -13.60
N GLY C 13 -33.84 25.24 -13.75
CA GLY C 13 -32.90 26.11 -13.04
C GLY C 13 -31.63 25.38 -12.65
N ALA C 14 -31.77 24.24 -11.97
CA ALA C 14 -30.61 23.42 -11.57
C ALA C 14 -30.97 21.93 -11.65
N THR C 15 -32.10 21.59 -12.28
CA THR C 15 -32.51 20.17 -12.45
C THR C 15 -31.58 19.47 -13.45
N CYS C 16 -30.31 19.81 -13.48
CA CYS C 16 -29.35 19.08 -14.34
C CYS C 16 -29.30 17.65 -13.84
N TYR C 17 -29.14 17.47 -12.54
CA TYR C 17 -29.03 16.13 -11.92
C TYR C 17 -30.26 15.29 -12.28
N MET C 18 -31.43 15.90 -12.17
CA MET C 18 -32.68 15.15 -12.39
C MET C 18 -32.77 14.76 -13.85
N ASN C 19 -32.42 15.67 -14.75
CA ASN C 19 -32.59 15.38 -16.19
C ASN C 19 -31.71 14.19 -16.56
N SER C 20 -30.45 14.20 -16.12
CA SER C 20 -29.53 13.08 -16.41
C SER C 20 -30.10 11.76 -15.90
N LEU C 21 -30.54 11.70 -14.65
CA LEU C 21 -31.13 10.48 -14.06
C LEU C 21 -32.40 10.13 -14.81
N LEU C 22 -33.27 11.11 -15.02
CA LEU C 22 -34.55 10.84 -15.70
C LEU C 22 -34.27 10.20 -17.05
N GLN C 23 -33.21 10.61 -17.74
CA GLN C 23 -33.02 9.97 -19.03
C GLN C 23 -32.46 8.58 -18.87
N THR C 24 -31.55 8.41 -17.91
CA THR C 24 -30.96 7.08 -17.64
C THR C 24 -32.10 6.10 -17.34
N LEU C 25 -33.04 6.48 -16.49
CA LEU C 25 -34.11 5.53 -16.08
C LEU C 25 -35.16 5.39 -17.16
N PHE C 26 -35.33 6.39 -18.02
CA PHE C 26 -36.27 6.27 -19.14
C PHE C 26 -35.79 5.21 -20.12
N PHE C 27 -34.48 5.17 -20.30
CA PHE C 27 -33.87 4.22 -21.27
C PHE C 27 -33.71 2.86 -20.61
N THR C 28 -34.02 2.73 -19.32
CA THR C 28 -34.08 1.39 -18.70
C THR C 28 -35.48 0.96 -19.11
N ASN C 29 -35.62 0.46 -20.33
CA ASN C 29 -36.96 0.17 -20.91
C ASN C 29 -37.85 -0.65 -19.97
N GLN C 30 -37.32 -1.73 -19.40
CA GLN C 30 -38.11 -2.59 -18.48
C GLN C 30 -38.58 -1.76 -17.29
N LEU C 31 -37.75 -0.83 -16.82
CA LEU C 31 -38.22 0.02 -15.74
C LEU C 31 -39.32 0.94 -16.23
N ARG C 32 -39.16 1.50 -17.43
CA ARG C 32 -40.16 2.40 -17.95
C ARG C 32 -41.51 1.69 -18.09
N LYS C 33 -41.51 0.51 -18.72
CA LYS C 33 -42.73 -0.25 -18.97
C LYS C 33 -43.53 -0.46 -17.68
N ALA C 34 -42.83 -0.55 -16.54
CA ALA C 34 -43.46 -0.93 -15.30
C ALA C 34 -44.03 0.25 -14.53
N VAL C 35 -43.37 1.40 -14.65
CA VAL C 35 -43.96 2.64 -14.05
C VAL C 35 -45.23 2.93 -14.86
N TYR C 36 -45.23 2.61 -16.15
CA TYR C 36 -46.41 2.78 -17.01
C TYR C 36 -47.59 1.96 -16.48
N MET C 37 -47.35 0.72 -16.06
CA MET C 37 -48.43 -0.19 -15.68
C MET C 37 -48.88 -0.02 -14.25
N MET C 38 -48.37 0.98 -13.51
CA MET C 38 -48.78 1.05 -12.11
C MET C 38 -50.18 1.65 -11.96
N PRO C 39 -51.01 1.14 -11.01
CA PRO C 39 -52.32 1.73 -10.73
C PRO C 39 -52.18 3.11 -10.08
N THR C 40 -52.73 4.12 -10.74
CA THR C 40 -52.60 5.51 -10.25
C THR C 40 -53.97 6.23 -10.20
N GLU C 41 -55.00 5.71 -10.87
CA GLU C 41 -56.32 6.33 -10.79
C GLU C 41 -56.86 6.28 -9.37
N SER C 46 -50.63 15.84 -9.16
CA SER C 46 -49.18 16.01 -8.87
C SER C 46 -48.88 15.65 -7.41
N LYS C 47 -49.53 14.64 -6.85
CA LYS C 47 -49.18 14.24 -5.46
C LYS C 47 -48.41 12.93 -5.46
N SER C 48 -48.57 12.13 -6.51
CA SER C 48 -47.88 10.82 -6.58
C SER C 48 -46.66 10.94 -7.47
N VAL C 49 -45.51 10.48 -6.99
CA VAL C 49 -44.25 10.51 -7.80
C VAL C 49 -44.39 9.57 -8.99
N PRO C 50 -44.86 8.31 -8.85
CA PRO C 50 -45.13 7.45 -10.01
C PRO C 50 -45.86 8.17 -11.15
N LEU C 51 -46.87 8.97 -10.84
CA LEU C 51 -47.67 9.66 -11.88
C LEU C 51 -46.78 10.61 -12.68
N ALA C 52 -45.98 11.41 -11.99
CA ALA C 52 -45.11 12.36 -12.71
C ALA C 52 -44.15 11.63 -13.65
N LEU C 53 -43.50 10.58 -13.17
CA LEU C 53 -42.53 9.82 -13.99
C LEU C 53 -43.25 9.28 -15.22
N GLN C 54 -44.42 8.67 -15.04
CA GLN C 54 -45.21 8.14 -16.17
C GLN C 54 -45.37 9.23 -17.23
N ARG C 55 -45.83 10.41 -16.82
CA ARG C 55 -46.02 11.54 -17.75
C ARG C 55 -44.69 11.91 -18.38
N VAL C 56 -43.68 12.19 -17.55
CA VAL C 56 -42.34 12.57 -18.08
C VAL C 56 -41.93 11.51 -19.11
N PHE C 57 -42.25 10.25 -18.84
CA PHE C 57 -41.76 9.19 -19.77
C PHE C 57 -42.65 9.16 -21.03
N TYR C 58 -43.97 9.30 -20.89
CA TYR C 58 -44.87 9.37 -22.06
C TYR C 58 -44.49 10.58 -22.90
N GLU C 59 -44.35 11.73 -22.24
CA GLU C 59 -44.00 12.96 -22.97
C GLU C 59 -42.64 12.75 -23.63
N LEU C 60 -41.64 12.26 -22.90
CA LEU C 60 -40.34 11.96 -23.52
C LEU C 60 -40.55 11.01 -24.69
N GLN C 61 -41.53 10.11 -24.60
CA GLN C 61 -41.67 9.12 -25.70
C GLN C 61 -42.38 9.72 -26.92
N HIS C 62 -43.33 10.63 -26.70
CA HIS C 62 -44.16 11.09 -27.86
C HIS C 62 -44.05 12.59 -28.19
N SER C 63 -43.59 13.43 -27.27
CA SER C 63 -43.42 14.86 -27.64
C SER C 63 -42.25 15.03 -28.59
N ASP C 64 -42.23 16.12 -29.36
CA ASP C 64 -41.14 16.42 -30.32
C ASP C 64 -40.33 17.60 -29.79
N LYS C 65 -40.89 18.36 -28.84
CA LYS C 65 -40.21 19.49 -28.23
C LYS C 65 -39.71 19.09 -26.85
N PRO C 66 -38.69 19.78 -26.34
CA PRO C 66 -38.16 19.42 -25.01
C PRO C 66 -39.24 19.38 -23.95
N VAL C 67 -39.04 18.49 -22.97
CA VAL C 67 -40.06 18.06 -22.02
C VAL C 67 -39.84 18.75 -20.69
N GLY C 68 -40.94 19.03 -19.98
CA GLY C 68 -40.87 19.69 -18.70
C GLY C 68 -40.93 18.71 -17.53
N THR C 69 -40.45 19.18 -16.38
CA THR C 69 -40.35 18.35 -15.18
C THR C 69 -41.04 18.97 -13.97
N LYS C 70 -41.84 20.02 -14.17
CA LYS C 70 -42.31 20.80 -13.02
C LYS C 70 -43.18 19.96 -12.10
N LYS C 71 -44.13 19.19 -12.66
CA LYS C 71 -45.03 18.42 -11.81
C LYS C 71 -44.27 17.37 -10.99
N LEU C 72 -43.18 16.83 -11.55
CA LEU C 72 -42.37 15.86 -10.82
C LEU C 72 -41.78 16.49 -9.56
N THR C 73 -41.15 17.65 -9.71
CA THR C 73 -40.63 18.30 -8.53
C THR C 73 -41.73 18.71 -7.58
N LYS C 74 -42.97 18.79 -8.06
CA LYS C 74 -44.09 19.01 -7.15
C LYS C 74 -44.53 17.70 -6.50
N SER C 75 -44.42 16.59 -7.22
CA SER C 75 -44.58 15.29 -6.57
C SER C 75 -43.61 15.14 -5.40
N PHE C 76 -42.42 15.70 -5.56
CA PHE C 76 -41.38 15.56 -4.52
C PHE C 76 -41.79 16.32 -3.27
N GLY C 77 -42.91 17.03 -3.33
CA GLY C 77 -43.35 17.86 -2.18
C GLY C 77 -42.53 19.13 -2.09
N TRP C 78 -42.00 19.58 -3.22
CA TRP C 78 -41.13 20.77 -3.21
C TRP C 78 -41.91 22.01 -3.65
N GLU C 79 -41.27 23.17 -3.58
CA GLU C 79 -41.93 24.42 -4.04
C GLU C 79 -41.47 24.70 -5.48
N THR C 80 -40.68 25.75 -5.68
CA THR C 80 -40.23 26.12 -7.04
C THR C 80 -38.79 26.63 -6.95
N LEU C 81 -38.43 27.23 -5.82
CA LEU C 81 -37.01 27.64 -5.61
C LEU C 81 -36.22 26.37 -5.32
N ASP C 82 -36.92 25.32 -4.89
CA ASP C 82 -36.26 24.02 -4.61
C ASP C 82 -35.71 23.51 -5.95
N SER C 83 -36.28 23.93 -7.07
CA SER C 83 -35.73 23.56 -8.37
C SER C 83 -34.54 24.42 -8.78
N PHE C 84 -33.95 25.16 -7.86
CA PHE C 84 -32.79 25.98 -8.17
C PHE C 84 -31.54 25.60 -7.38
N MET C 85 -31.61 24.60 -6.50
CA MET C 85 -30.45 24.11 -5.77
C MET C 85 -29.86 22.90 -6.50
N GLN C 86 -28.52 22.83 -6.50
CA GLN C 86 -27.79 21.81 -7.22
C GLN C 86 -27.62 20.55 -6.36
N HIS C 87 -27.75 19.39 -6.98
CA HIS C 87 -27.80 18.15 -6.21
C HIS C 87 -26.92 17.07 -6.85
N ASP C 88 -26.87 15.92 -6.17
CA ASP C 88 -26.05 14.78 -6.54
C ASP C 88 -26.91 13.74 -7.21
N VAL C 89 -26.57 13.35 -8.44
CA VAL C 89 -27.43 12.44 -9.24
C VAL C 89 -27.63 11.11 -8.53
N GLN C 90 -26.64 10.65 -7.78
CA GLN C 90 -26.80 9.31 -7.16
C GLN C 90 -27.68 9.45 -5.93
N GLU C 91 -27.62 10.57 -5.23
CA GLU C 91 -28.52 10.80 -4.07
C GLU C 91 -29.96 10.72 -4.57
N LEU C 92 -30.26 11.39 -5.68
CA LEU C 92 -31.64 11.39 -6.21
C LEU C 92 -32.02 9.94 -6.51
N CYS C 93 -31.18 9.22 -7.25
CA CYS C 93 -31.48 7.82 -7.64
C CYS C 93 -31.78 6.97 -6.41
N ARG C 94 -30.96 7.11 -5.37
CA ARG C 94 -31.23 6.32 -4.15
C ARG C 94 -32.60 6.68 -3.61
N VAL C 95 -32.94 7.97 -3.58
CA VAL C 95 -34.26 8.38 -3.00
C VAL C 95 -35.37 8.10 -4.01
N LEU C 96 -35.12 8.24 -5.31
CA LEU C 96 -36.20 8.11 -6.27
C LEU C 96 -36.64 6.65 -6.42
N LEU C 97 -35.68 5.75 -6.58
CA LEU C 97 -36.00 4.33 -6.81
C LEU C 97 -36.64 3.73 -5.55
N ASP C 98 -36.23 4.15 -4.36
CA ASP C 98 -36.89 3.69 -3.14
C ASP C 98 -38.34 4.16 -3.09
N ASN C 99 -38.60 5.42 -3.41
CA ASN C 99 -39.98 5.92 -3.42
C ASN C 99 -40.87 5.09 -4.35
N VAL C 100 -40.40 4.89 -5.58
CA VAL C 100 -41.16 4.08 -6.54
C VAL C 100 -41.34 2.67 -6.02
N GLU C 101 -40.27 2.09 -5.47
CA GLU C 101 -40.31 0.69 -5.06
C GLU C 101 -41.44 0.42 -4.07
N ASN C 102 -41.53 1.23 -3.00
CA ASN C 102 -42.66 1.11 -2.11
C ASN C 102 -43.95 1.21 -2.89
N LYS C 103 -44.16 2.34 -3.55
CA LYS C 103 -45.42 2.60 -4.25
C LYS C 103 -45.75 1.49 -5.23
N MET C 104 -44.78 0.69 -5.61
CA MET C 104 -45.10 -0.47 -6.42
C MET C 104 -45.53 -1.67 -5.60
N LYS C 105 -45.35 -1.64 -4.28
CA LYS C 105 -45.75 -2.81 -3.49
C LYS C 105 -47.27 -2.89 -3.43
N GLY C 106 -47.79 -4.11 -3.51
CA GLY C 106 -49.22 -4.32 -3.55
C GLY C 106 -49.81 -4.14 -4.93
N THR C 107 -48.95 -4.14 -5.95
CA THR C 107 -49.39 -3.92 -7.35
C THR C 107 -48.93 -5.06 -8.26
N CYS C 108 -49.20 -4.93 -9.56
CA CYS C 108 -48.85 -5.98 -10.55
C CYS C 108 -47.36 -6.05 -10.83
N VAL C 109 -46.64 -4.95 -10.57
CA VAL C 109 -45.21 -4.85 -10.93
C VAL C 109 -44.34 -4.74 -9.67
N GLU C 110 -44.78 -5.35 -8.57
CA GLU C 110 -43.97 -5.35 -7.33
C GLU C 110 -42.71 -6.17 -7.56
N GLY C 111 -41.55 -5.58 -7.31
CA GLY C 111 -40.29 -6.34 -7.41
C GLY C 111 -39.50 -6.04 -8.66
N THR C 112 -39.90 -5.02 -9.43
CA THR C 112 -39.23 -4.72 -10.71
C THR C 112 -37.93 -3.98 -10.42
N ILE C 113 -37.97 -2.97 -9.56
CA ILE C 113 -36.77 -2.25 -9.18
C ILE C 113 -35.74 -3.20 -8.58
N PRO C 114 -36.08 -4.07 -7.62
CA PRO C 114 -35.06 -5.03 -7.16
C PRO C 114 -34.70 -6.04 -8.22
N LYS C 115 -35.65 -6.56 -9.00
CA LYS C 115 -35.26 -7.51 -10.04
C LYS C 115 -34.23 -6.88 -10.96
N LEU C 116 -34.27 -5.57 -11.12
CA LEU C 116 -33.40 -4.86 -12.05
C LEU C 116 -32.06 -4.46 -11.43
N PHE C 117 -32.07 -3.94 -10.20
CA PHE C 117 -30.92 -3.20 -9.68
C PHE C 117 -30.22 -3.84 -8.48
N ARG C 118 -30.85 -4.79 -7.80
CA ARG C 118 -30.34 -5.24 -6.50
C ARG C 118 -29.54 -6.54 -6.61
N GLY C 119 -28.36 -6.54 -5.99
CA GLY C 119 -27.53 -7.72 -5.89
C GLY C 119 -27.18 -8.01 -4.44
N LYS C 120 -26.32 -9.01 -4.25
CA LYS C 120 -25.93 -9.46 -2.91
C LYS C 120 -24.43 -9.62 -2.82
N MET C 121 -23.87 -9.02 -1.75
CA MET C 121 -22.49 -9.17 -1.29
C MET C 121 -22.40 -10.16 -0.13
N VAL C 122 -21.22 -10.74 0.04
CA VAL C 122 -20.93 -11.51 1.25
C VAL C 122 -19.68 -10.92 1.91
N SER C 123 -19.80 -10.67 3.21
CA SER C 123 -18.63 -10.18 3.97
C SER C 123 -18.16 -11.28 4.91
N TYR C 124 -16.88 -11.57 4.91
CA TYR C 124 -16.29 -12.61 5.74
C TYR C 124 -15.37 -11.93 6.74
N ILE C 125 -15.47 -12.32 8.01
CA ILE C 125 -14.55 -11.81 9.02
C ILE C 125 -13.90 -12.97 9.73
N GLN C 126 -12.57 -12.96 9.80
CA GLN C 126 -11.80 -14.04 10.46
C GLN C 126 -10.78 -13.42 11.43
N CYS C 127 -10.81 -13.83 12.70
CA CYS C 127 -9.84 -13.34 13.70
C CYS C 127 -8.47 -13.93 13.40
N LYS C 128 -7.39 -13.21 13.73
CA LYS C 128 -6.03 -13.65 13.31
C LYS C 128 -5.30 -14.45 14.40
N GLU C 129 -5.64 -14.26 15.67
CA GLU C 129 -4.94 -14.95 16.74
C GLU C 129 -5.86 -15.88 17.49
N VAL C 130 -7.16 -15.83 17.21
CA VAL C 130 -8.20 -16.60 17.88
C VAL C 130 -9.00 -17.33 16.80
N ASP C 131 -9.67 -18.43 17.18
CA ASP C 131 -10.48 -19.14 16.20
C ASP C 131 -11.92 -18.64 16.28
N TYR C 132 -12.14 -17.53 15.57
CA TYR C 132 -13.49 -16.93 15.49
C TYR C 132 -13.68 -16.42 14.07
N ARG C 133 -14.85 -16.70 13.48
CA ARG C 133 -15.17 -16.29 12.13
C ARG C 133 -16.65 -15.95 12.04
N SER C 134 -16.98 -14.93 11.25
CA SER C 134 -18.39 -14.60 11.04
C SER C 134 -18.65 -14.25 9.57
N ASP C 135 -19.90 -14.31 9.16
CA ASP C 135 -20.30 -14.08 7.74
C ASP C 135 -21.54 -13.19 7.71
N ARG C 136 -21.73 -12.40 6.65
CA ARG C 136 -22.94 -11.55 6.50
C ARG C 136 -23.25 -11.31 5.02
N ARG C 137 -24.52 -11.44 4.66
CA ARG C 137 -24.95 -11.22 3.25
C ARG C 137 -25.91 -10.03 3.21
N GLU C 138 -25.59 -8.97 2.45
CA GLU C 138 -26.35 -7.73 2.43
C GLU C 138 -26.63 -7.29 1.01
N ASP C 139 -27.90 -7.00 0.74
CA ASP C 139 -28.31 -6.43 -0.54
C ASP C 139 -27.56 -5.13 -0.81
N TYR C 140 -27.26 -4.86 -2.08
CA TYR C 140 -26.96 -3.53 -2.56
C TYR C 140 -27.83 -3.22 -3.77
N TYR C 141 -27.95 -1.94 -4.09
CA TYR C 141 -28.66 -1.52 -5.33
C TYR C 141 -27.65 -0.80 -6.23
N ASP C 142 -26.45 -0.50 -5.72
CA ASP C 142 -25.37 0.09 -6.50
C ASP C 142 -24.06 -0.22 -5.79
N ILE C 143 -22.94 0.12 -6.42
CA ILE C 143 -21.60 -0.20 -5.86
C ILE C 143 -20.77 1.07 -5.76
N GLN C 144 -20.19 1.35 -4.60
CA GLN C 144 -19.31 2.52 -4.40
C GLN C 144 -17.88 2.07 -4.70
N LEU C 145 -17.35 2.49 -5.85
CA LEU C 145 -16.01 2.12 -6.28
C LEU C 145 -15.01 3.19 -5.89
N SER C 146 -13.87 2.77 -5.36
CA SER C 146 -12.81 3.72 -4.96
C SER C 146 -11.98 4.13 -6.16
N ILE C 147 -11.71 5.44 -6.28
CA ILE C 147 -11.02 6.00 -7.48
C ILE C 147 -9.56 6.37 -7.19
N LYS C 148 -9.30 7.11 -6.11
CA LYS C 148 -7.92 7.61 -5.84
C LYS C 148 -6.93 6.44 -5.82
N GLY C 149 -5.82 6.60 -6.53
CA GLY C 149 -4.78 5.54 -6.54
C GLY C 149 -5.08 4.43 -7.53
N LYS C 150 -6.23 4.48 -8.20
CA LYS C 150 -6.60 3.40 -9.10
C LYS C 150 -6.64 3.96 -10.51
N LYS C 151 -5.84 3.36 -11.40
CA LYS C 151 -5.82 3.88 -12.75
C LYS C 151 -7.10 3.48 -13.50
N ASN C 152 -7.59 2.26 -13.28
CA ASN C 152 -8.73 1.78 -14.04
C ASN C 152 -9.75 1.11 -13.11
N ILE C 153 -10.89 0.70 -13.68
CA ILE C 153 -12.02 0.11 -12.89
C ILE C 153 -11.68 -1.29 -12.39
N PHE C 154 -10.85 -2.02 -13.10
CA PHE C 154 -10.42 -3.35 -12.61
C PHE C 154 -9.58 -3.14 -11.37
N GLU C 155 -8.64 -2.20 -11.38
CA GLU C 155 -7.92 -1.93 -10.14
C GLU C 155 -8.89 -1.55 -9.04
N SER C 156 -10.03 -0.93 -9.39
CA SER C 156 -10.97 -0.55 -8.36
C SER C 156 -11.67 -1.77 -7.79
N PHE C 157 -12.08 -2.69 -8.65
CA PHE C 157 -12.77 -3.89 -8.16
C PHE C 157 -11.83 -4.76 -7.34
N VAL C 158 -10.58 -4.91 -7.81
CA VAL C 158 -9.61 -5.70 -7.05
C VAL C 158 -9.44 -5.11 -5.66
N ASP C 159 -9.41 -3.79 -5.57
CA ASP C 159 -9.38 -3.19 -4.26
C ASP C 159 -10.68 -3.49 -3.52
N TYR C 160 -11.81 -3.48 -4.22
CA TYR C 160 -13.09 -3.67 -3.55
C TYR C 160 -13.14 -4.99 -2.80
N VAL C 161 -12.58 -6.04 -3.40
CA VAL C 161 -12.62 -7.37 -2.84
C VAL C 161 -11.30 -7.76 -2.18
N ALA C 162 -10.36 -6.83 -2.07
CA ALA C 162 -9.12 -7.14 -1.39
C ALA C 162 -9.35 -7.34 0.09
N VAL C 163 -8.42 -8.04 0.74
CA VAL C 163 -8.54 -8.37 2.16
C VAL C 163 -7.96 -7.24 3.00
N GLU C 164 -8.56 -7.03 4.16
CA GLU C 164 -8.40 -5.83 4.98
C GLU C 164 -8.03 -6.24 6.41
N GLN C 165 -7.15 -5.46 7.02
CA GLN C 165 -6.80 -5.66 8.41
C GLN C 165 -7.66 -4.79 9.30
N LEU C 166 -8.29 -5.43 10.29
CA LEU C 166 -9.01 -4.75 11.35
C LEU C 166 -8.08 -4.76 12.55
N ASP C 167 -7.48 -3.61 12.84
CA ASP C 167 -6.45 -3.47 13.85
C ASP C 167 -6.72 -2.21 14.66
N GLY C 168 -5.94 -2.06 15.72
CA GLY C 168 -5.93 -0.84 16.50
C GLY C 168 -7.29 -0.37 16.95
N ASP C 169 -7.69 0.82 16.51
CA ASP C 169 -8.98 1.37 16.92
C ASP C 169 -10.14 0.80 16.12
N ASN C 170 -9.91 -0.31 15.42
CA ASN C 170 -10.94 -0.96 14.62
C ASN C 170 -10.79 -2.47 14.73
N LYS C 171 -10.54 -2.95 15.95
CA LYS C 171 -10.62 -4.38 16.19
C LYS C 171 -12.08 -4.83 16.11
N TYR C 172 -12.25 -6.12 15.82
CA TYR C 172 -13.56 -6.72 15.62
C TYR C 172 -14.09 -7.21 16.96
N ASP C 173 -15.35 -6.92 17.26
CA ASP C 173 -15.98 -7.43 18.50
C ASP C 173 -16.20 -8.92 18.31
N ALA C 174 -15.34 -9.70 18.92
CA ALA C 174 -15.36 -11.15 18.73
C ALA C 174 -16.07 -11.88 19.87
N GLY C 175 -17.21 -11.35 20.34
CA GLY C 175 -18.00 -12.04 21.35
C GLY C 175 -17.23 -12.32 22.63
N GLU C 176 -17.27 -13.57 23.06
CA GLU C 176 -16.61 -13.99 24.29
C GLU C 176 -15.09 -13.91 24.21
N HIS C 177 -14.53 -13.50 23.08
CA HIS C 177 -13.10 -13.23 23.00
C HIS C 177 -12.76 -11.74 23.12
N GLY C 178 -13.76 -10.88 23.29
CA GLY C 178 -13.54 -9.45 23.28
C GLY C 178 -13.12 -8.92 21.91
N LEU C 179 -12.46 -7.76 21.96
CA LEU C 179 -11.98 -7.12 20.72
C LEU C 179 -10.76 -7.89 20.24
N GLN C 180 -10.64 -8.09 18.93
CA GLN C 180 -9.63 -8.97 18.37
C GLN C 180 -9.16 -8.43 17.03
N GLU C 181 -7.85 -8.54 16.80
CA GLU C 181 -7.35 -8.27 15.48
C GLU C 181 -7.99 -9.23 14.51
N ALA C 182 -8.56 -8.69 13.42
CA ALA C 182 -9.25 -9.53 12.47
C ALA C 182 -8.87 -9.16 11.04
N GLU C 183 -9.29 -10.02 10.11
CA GLU C 183 -9.25 -9.81 8.69
C GLU C 183 -10.68 -9.76 8.16
N LYS C 184 -10.93 -8.83 7.23
CA LYS C 184 -12.24 -8.68 6.58
C LYS C 184 -12.08 -8.79 5.06
N GLY C 185 -13.07 -9.40 4.42
CA GLY C 185 -13.06 -9.53 2.97
C GLY C 185 -14.45 -9.54 2.39
N VAL C 186 -14.66 -8.85 1.28
CA VAL C 186 -15.97 -8.80 0.62
C VAL C 186 -15.85 -9.42 -0.76
N LYS C 187 -16.90 -10.15 -1.17
CA LYS C 187 -17.04 -10.64 -2.53
C LYS C 187 -18.52 -10.50 -2.88
N PHE C 188 -18.84 -10.72 -4.15
CA PHE C 188 -20.21 -10.55 -4.63
C PHE C 188 -20.89 -11.91 -4.80
N LEU C 189 -22.05 -12.06 -4.22
CA LEU C 189 -22.78 -13.28 -4.54
C LEU C 189 -23.43 -13.14 -5.89
N THR C 190 -24.09 -12.02 -6.13
CA THR C 190 -24.78 -11.73 -7.38
C THR C 190 -24.50 -10.29 -7.80
N LEU C 191 -24.51 -10.06 -9.12
CA LEU C 191 -24.47 -8.77 -9.77
C LEU C 191 -25.72 -8.59 -10.60
N PRO C 192 -26.39 -7.45 -10.51
CA PRO C 192 -27.78 -7.37 -11.02
C PRO C 192 -27.83 -7.20 -12.53
N PRO C 193 -29.00 -7.34 -13.15
CA PRO C 193 -29.09 -7.07 -14.60
C PRO C 193 -28.65 -5.67 -14.98
N VAL C 194 -29.15 -4.65 -14.27
CA VAL C 194 -28.67 -3.27 -14.43
C VAL C 194 -27.72 -2.97 -13.28
N LEU C 195 -26.50 -2.58 -13.64
CA LEU C 195 -25.45 -2.33 -12.63
C LEU C 195 -25.12 -0.85 -12.54
N HIS C 196 -25.36 -0.27 -11.38
CA HIS C 196 -25.06 1.16 -11.13
C HIS C 196 -23.75 1.23 -10.36
N LEU C 197 -22.79 1.99 -10.89
CA LEU C 197 -21.47 2.15 -10.25
C LEU C 197 -21.28 3.61 -9.86
N GLN C 198 -21.18 3.90 -8.56
CA GLN C 198 -20.90 5.27 -8.08
C GLN C 198 -19.40 5.42 -7.92
N LEU C 199 -18.81 6.32 -8.71
CA LEU C 199 -17.35 6.55 -8.64
C LEU C 199 -17.06 7.52 -7.50
N MET C 200 -16.26 7.10 -6.54
CA MET C 200 -15.90 7.86 -5.35
C MET C 200 -14.92 8.97 -5.67
N ARG C 201 -15.41 9.99 -6.36
CA ARG C 201 -14.58 11.11 -6.82
C ARG C 201 -14.58 12.27 -5.84
N PHE C 202 -14.34 11.98 -4.57
CA PHE C 202 -14.36 13.02 -3.51
C PHE C 202 -13.47 12.58 -2.33
N ILE C 212 -13.59 18.22 -1.71
CA ILE C 212 -12.76 18.37 -2.91
C ILE C 212 -12.99 17.24 -3.91
N LYS C 213 -13.63 17.55 -5.02
CA LYS C 213 -13.82 16.54 -6.07
C LYS C 213 -12.47 16.06 -6.61
N ILE C 214 -12.37 14.77 -6.90
CA ILE C 214 -11.19 14.16 -7.48
C ILE C 214 -11.38 14.05 -8.98
N ASN C 215 -10.40 14.53 -9.74
CA ASN C 215 -10.55 14.57 -11.22
C ASN C 215 -9.44 13.74 -11.87
N ASP C 216 -8.94 12.73 -11.16
CA ASP C 216 -7.83 11.88 -11.67
C ASP C 216 -8.30 11.01 -12.84
N ARG C 217 -7.34 10.46 -13.60
CA ARG C 217 -7.68 9.60 -14.75
C ARG C 217 -8.22 8.27 -14.26
N PHE C 218 -9.41 7.90 -14.70
CA PHE C 218 -10.04 6.64 -14.29
C PHE C 218 -10.68 5.94 -15.50
N GLU C 219 -10.03 4.87 -15.97
CA GLU C 219 -10.40 4.25 -17.23
C GLU C 219 -11.49 3.21 -17.02
N PHE C 220 -12.40 3.10 -17.98
CA PHE C 220 -13.45 2.11 -17.85
C PHE C 220 -13.92 1.59 -19.22
N PRO C 221 -14.06 0.28 -19.39
CA PRO C 221 -14.20 -0.29 -20.72
C PRO C 221 -15.61 -0.13 -21.28
N GLU C 222 -15.74 -0.40 -22.57
CA GLU C 222 -17.07 -0.53 -23.15
C GLU C 222 -17.70 -1.85 -22.74
N GLN C 223 -16.86 -2.85 -22.47
CA GLN C 223 -17.37 -4.16 -22.01
C GLN C 223 -16.64 -4.55 -20.73
N LEU C 224 -17.38 -4.82 -19.64
CA LEU C 224 -16.78 -5.10 -18.31
C LEU C 224 -16.89 -6.57 -17.92
N PRO C 225 -15.79 -7.35 -17.93
CA PRO C 225 -15.81 -8.72 -17.40
C PRO C 225 -15.71 -8.72 -15.86
N LEU C 226 -16.69 -9.31 -15.17
CA LEU C 226 -16.72 -9.22 -13.69
C LEU C 226 -16.78 -10.58 -12.99
N ASP C 227 -16.53 -11.69 -13.68
CA ASP C 227 -16.63 -13.02 -13.07
C ASP C 227 -15.54 -13.27 -12.04
N GLU C 228 -14.39 -12.60 -12.19
CA GLU C 228 -13.32 -12.68 -11.22
C GLU C 228 -13.71 -12.12 -9.84
N PHE C 229 -14.91 -11.54 -9.70
CA PHE C 229 -15.29 -10.93 -8.44
C PHE C 229 -16.54 -11.55 -7.84
N LEU C 230 -17.07 -12.59 -8.47
CA LEU C 230 -18.13 -13.35 -7.83
C LEU C 230 -17.52 -14.44 -6.93
N GLN C 231 -18.28 -14.81 -5.90
CA GLN C 231 -17.92 -15.97 -5.11
C GLN C 231 -18.06 -17.24 -5.95
N LYS C 232 -19.12 -17.32 -6.78
CA LYS C 232 -19.35 -18.43 -7.69
C LYS C 232 -19.76 -17.92 -9.07
N THR C 233 -19.18 -18.49 -10.12
CA THR C 233 -19.52 -18.10 -11.47
C THR C 233 -20.50 -19.10 -12.07
N ASP C 234 -21.31 -18.62 -13.02
CA ASP C 234 -22.30 -19.45 -13.70
C ASP C 234 -21.84 -19.67 -15.14
N PRO C 235 -21.27 -20.82 -15.47
CA PRO C 235 -20.86 -21.08 -16.86
C PRO C 235 -21.97 -20.86 -17.87
N LYS C 236 -23.23 -20.93 -17.45
CA LYS C 236 -24.33 -20.59 -18.33
C LYS C 236 -24.47 -19.07 -18.51
N ASP C 237 -24.11 -18.28 -17.50
CA ASP C 237 -24.38 -16.85 -17.50
C ASP C 237 -23.23 -16.07 -16.90
N PRO C 238 -22.19 -15.79 -17.69
CA PRO C 238 -21.07 -15.00 -17.19
C PRO C 238 -21.52 -13.58 -16.86
N ALA C 239 -20.72 -12.92 -16.04
CA ALA C 239 -21.02 -11.53 -15.65
C ALA C 239 -20.27 -10.56 -16.56
N ASN C 240 -20.62 -10.65 -17.85
CA ASN C 240 -20.04 -9.73 -18.86
C ASN C 240 -21.03 -8.58 -18.98
N TYR C 241 -20.55 -7.34 -18.87
CA TYR C 241 -21.49 -6.20 -18.82
C TYR C 241 -21.25 -5.24 -19.97
N ILE C 242 -22.33 -4.66 -20.49
CA ILE C 242 -22.24 -3.71 -21.62
C ILE C 242 -22.56 -2.30 -21.10
N LEU C 243 -21.65 -1.36 -21.32
CA LEU C 243 -21.86 0.02 -20.91
C LEU C 243 -23.12 0.59 -21.53
N HIS C 244 -23.98 1.15 -20.69
CA HIS C 244 -25.19 1.85 -21.13
C HIS C 244 -24.99 3.36 -21.03
N ALA C 245 -24.83 3.85 -19.80
CA ALA C 245 -24.77 5.30 -19.59
C ALA C 245 -23.50 5.75 -18.89
N VAL C 246 -23.09 6.99 -19.15
CA VAL C 246 -21.92 7.60 -18.47
C VAL C 246 -22.43 8.93 -17.93
N LEU C 247 -22.88 8.96 -16.68
CA LEU C 247 -23.37 10.21 -16.05
C LEU C 247 -22.15 11.04 -15.71
N VAL C 248 -22.08 12.26 -16.24
CA VAL C 248 -20.88 13.07 -16.18
C VAL C 248 -21.15 14.30 -15.34
N HIS C 249 -20.17 14.68 -14.53
CA HIS C 249 -20.22 15.84 -13.67
C HIS C 249 -19.02 16.73 -13.98
N SER C 250 -19.28 18.03 -14.10
CA SER C 250 -18.19 19.00 -14.24
C SER C 250 -18.32 20.10 -13.21
N GLY C 251 -17.18 20.50 -12.64
CA GLY C 251 -17.14 21.54 -11.63
C GLY C 251 -16.27 21.22 -10.43
N ASP C 252 -16.71 21.69 -9.26
CA ASP C 252 -16.08 21.42 -7.98
C ASP C 252 -17.04 20.61 -7.10
N ASN C 253 -16.78 20.58 -5.79
CA ASN C 253 -17.59 19.76 -4.89
C ASN C 253 -18.98 20.37 -4.71
N HIS C 254 -19.03 21.68 -4.42
CA HIS C 254 -20.28 22.39 -4.22
C HIS C 254 -20.58 23.18 -5.49
N GLY C 255 -21.39 22.58 -6.38
CA GLY C 255 -21.83 23.23 -7.60
C GLY C 255 -21.15 22.79 -8.90
N GLY C 256 -21.93 22.63 -9.97
CA GLY C 256 -21.37 22.20 -11.24
C GLY C 256 -22.49 21.81 -12.20
N HIS C 257 -22.15 21.10 -13.27
CA HIS C 257 -23.18 20.75 -14.29
C HIS C 257 -23.28 19.23 -14.52
N TYR C 258 -24.47 18.74 -14.88
CA TYR C 258 -24.67 17.28 -15.04
C TYR C 258 -25.13 16.92 -16.44
N VAL C 259 -24.47 15.94 -17.04
CA VAL C 259 -24.74 15.47 -18.39
C VAL C 259 -24.73 13.94 -18.37
N VAL C 260 -25.49 13.32 -19.26
CA VAL C 260 -25.47 11.84 -19.39
C VAL C 260 -25.19 11.43 -20.83
N TYR C 261 -24.27 10.48 -21.03
CA TYR C 261 -24.05 9.91 -22.38
C TYR C 261 -24.75 8.55 -22.37
N LEU C 262 -25.45 8.19 -23.43
CA LEU C 262 -26.25 6.98 -23.48
C LEU C 262 -26.20 6.42 -24.89
N ASN C 263 -26.01 5.10 -25.01
CA ASN C 263 -26.40 4.41 -26.24
C ASN C 263 -27.66 3.62 -25.92
N PRO C 264 -28.84 4.24 -26.05
CA PRO C 264 -30.06 3.65 -25.47
C PRO C 264 -30.42 2.28 -26.00
N LYS C 265 -30.07 1.96 -27.25
CA LYS C 265 -30.37 0.64 -27.80
C LYS C 265 -29.33 -0.40 -27.45
N GLY C 266 -28.24 0.00 -26.79
CA GLY C 266 -27.16 -0.91 -26.48
C GLY C 266 -26.30 -1.29 -27.66
N ASP C 267 -26.37 -0.52 -28.75
CA ASP C 267 -25.69 -0.88 -29.99
C ASP C 267 -24.57 0.10 -30.34
N GLY C 268 -23.90 0.67 -29.34
CA GLY C 268 -22.81 1.57 -29.63
C GLY C 268 -23.18 2.85 -30.37
N LYS C 269 -24.47 3.08 -30.59
CA LYS C 269 -24.94 4.31 -31.23
C LYS C 269 -25.19 5.34 -30.14
N TRP C 270 -24.18 6.17 -29.86
CA TRP C 270 -24.17 7.06 -28.71
C TRP C 270 -24.69 8.46 -29.02
N CYS C 271 -25.36 9.04 -28.02
CA CYS C 271 -25.74 10.44 -28.03
C CYS C 271 -25.40 11.07 -26.69
N LYS C 272 -25.52 12.40 -26.62
CA LYS C 272 -25.28 13.14 -25.39
C LYS C 272 -26.47 14.02 -25.05
N PHE C 273 -26.93 13.94 -23.80
CA PHE C 273 -28.13 14.60 -23.30
C PHE C 273 -27.73 15.68 -22.31
N ASP C 274 -27.74 16.95 -22.74
CA ASP C 274 -27.52 18.10 -21.87
C ASP C 274 -28.86 18.82 -21.75
N ASP C 275 -29.68 18.36 -20.84
CA ASP C 275 -31.02 18.96 -20.63
C ASP C 275 -31.78 18.94 -21.95
N ASP C 276 -32.01 20.09 -22.59
CA ASP C 276 -32.82 20.19 -23.83
C ASP C 276 -32.00 19.96 -25.09
N VAL C 277 -30.70 19.73 -24.96
CA VAL C 277 -29.80 19.63 -26.11
C VAL C 277 -29.31 18.20 -26.31
N VAL C 278 -30.03 17.41 -27.11
CA VAL C 278 -29.63 16.03 -27.39
C VAL C 278 -28.84 16.00 -28.71
N SER C 279 -27.62 15.47 -28.65
CA SER C 279 -26.73 15.47 -29.85
C SER C 279 -26.04 14.13 -30.01
N ARG C 280 -25.88 13.67 -31.25
CA ARG C 280 -25.13 12.44 -31.51
C ARG C 280 -23.68 12.66 -31.07
N CYS C 281 -22.99 11.57 -30.78
CA CYS C 281 -21.62 11.68 -30.27
C CYS C 281 -20.89 10.38 -30.56
N THR C 282 -19.57 10.44 -30.48
CA THR C 282 -18.76 9.27 -30.71
C THR C 282 -18.61 8.46 -29.43
N LYS C 283 -18.24 7.18 -29.61
CA LYS C 283 -17.76 6.38 -28.51
C LYS C 283 -16.60 7.07 -27.81
N GLU C 284 -15.56 7.43 -28.57
CA GLU C 284 -14.45 8.17 -27.98
C GLU C 284 -14.94 9.31 -27.11
N GLU C 285 -16.03 9.97 -27.52
CA GLU C 285 -16.57 11.07 -26.71
C GLU C 285 -17.16 10.56 -25.41
N ALA C 286 -18.21 9.71 -25.49
CA ALA C 286 -18.86 9.24 -24.27
C ALA C 286 -17.90 8.58 -23.30
N ILE C 287 -16.87 7.92 -23.82
CA ILE C 287 -16.06 7.03 -22.99
C ILE C 287 -14.69 7.62 -22.69
N GLU C 288 -13.77 7.55 -23.65
CA GLU C 288 -12.39 7.95 -23.39
C GLU C 288 -12.31 9.40 -22.93
N HIS C 289 -13.07 10.30 -23.55
CA HIS C 289 -13.08 11.73 -23.19
C HIS C 289 -13.68 12.00 -21.83
N ASN C 290 -14.15 10.97 -21.14
CA ASN C 290 -14.71 11.11 -19.80
C ASN C 290 -13.86 10.45 -18.74
N TYR C 291 -12.65 10.01 -19.10
CA TYR C 291 -11.79 9.31 -18.16
C TYR C 291 -11.26 10.21 -17.05
N GLY C 292 -11.04 11.49 -17.33
CA GLY C 292 -10.53 12.44 -16.33
C GLY C 292 -9.09 12.92 -16.45
N CYS C 303 -11.68 19.13 -15.53
CA CYS C 303 -12.50 18.79 -14.37
C CYS C 303 -13.89 18.24 -14.78
N THR C 304 -13.98 17.65 -15.96
CA THR C 304 -15.20 17.04 -16.47
C THR C 304 -14.96 15.54 -16.61
N ASN C 305 -15.83 14.73 -15.99
CA ASN C 305 -15.54 13.30 -15.94
C ASN C 305 -16.78 12.54 -15.47
N ALA C 306 -16.77 11.23 -15.72
CA ALA C 306 -17.84 10.35 -15.27
C ALA C 306 -17.87 10.25 -13.75
N TYR C 307 -19.08 10.29 -13.20
CA TYR C 307 -19.31 10.11 -11.77
C TYR C 307 -20.04 8.83 -11.46
N MET C 308 -21.00 8.48 -12.31
CA MET C 308 -21.83 7.27 -12.15
C MET C 308 -21.91 6.54 -13.48
N LEU C 309 -21.74 5.22 -13.46
CA LEU C 309 -21.76 4.41 -14.70
C LEU C 309 -22.93 3.44 -14.64
N VAL C 310 -23.52 3.14 -15.79
CA VAL C 310 -24.64 2.15 -15.86
C VAL C 310 -24.20 1.06 -16.83
N TYR C 311 -24.02 -0.15 -16.33
CA TYR C 311 -23.67 -1.31 -17.19
C TYR C 311 -24.86 -2.27 -17.17
N ILE C 312 -25.14 -2.92 -18.29
CA ILE C 312 -26.26 -3.84 -18.41
C ILE C 312 -25.71 -5.21 -18.77
N ARG C 313 -26.20 -6.24 -18.11
CA ARG C 313 -25.63 -7.57 -18.27
C ARG C 313 -25.93 -8.09 -19.66
N GLU C 314 -24.89 -8.60 -20.32
CA GLU C 314 -25.00 -9.04 -21.71
C GLU C 314 -26.21 -9.96 -21.92
N SER C 315 -26.53 -10.80 -20.93
CA SER C 315 -27.59 -11.79 -21.10
C SER C 315 -28.98 -11.22 -20.86
N LYS C 316 -29.08 -10.01 -20.32
CA LYS C 316 -30.41 -9.43 -19.99
C LYS C 316 -30.67 -8.20 -20.85
N LEU C 317 -29.74 -7.84 -21.74
CA LEU C 317 -29.89 -6.62 -22.58
C LEU C 317 -31.19 -6.68 -23.36
N SER C 318 -31.49 -7.80 -24.00
CA SER C 318 -32.72 -7.95 -24.80
C SER C 318 -33.95 -7.66 -23.95
N GLU C 319 -33.96 -8.11 -22.70
CA GLU C 319 -35.16 -7.96 -21.85
C GLU C 319 -35.22 -6.55 -21.28
N VAL C 320 -34.12 -6.08 -20.71
CA VAL C 320 -34.12 -4.73 -20.07
C VAL C 320 -34.40 -3.70 -21.15
N LEU C 321 -33.79 -3.84 -22.32
CA LEU C 321 -33.92 -2.84 -23.37
C LEU C 321 -34.98 -3.20 -24.40
N GLN C 322 -35.87 -4.13 -24.05
CA GLN C 322 -36.98 -4.47 -24.92
C GLN C 322 -37.81 -3.24 -25.25
N ALA C 323 -38.22 -3.13 -26.52
CA ALA C 323 -38.89 -1.93 -27.02
C ALA C 323 -40.22 -1.71 -26.30
N VAL C 324 -40.54 -0.43 -26.12
CA VAL C 324 -41.73 0.04 -25.41
C VAL C 324 -42.66 0.69 -26.43
N THR C 325 -43.79 0.04 -26.67
CA THR C 325 -44.76 0.53 -27.68
C THR C 325 -45.83 1.40 -27.04
N ASP C 326 -46.62 2.11 -27.86
CA ASP C 326 -47.75 2.90 -27.31
C ASP C 326 -48.77 1.91 -26.76
N HIS C 327 -48.74 0.67 -27.24
CA HIS C 327 -49.62 -0.33 -26.65
C HIS C 327 -49.24 -0.64 -25.21
N ASP C 328 -47.99 -0.42 -24.83
CA ASP C 328 -47.51 -0.76 -23.50
C ASP C 328 -48.16 0.12 -22.44
N ILE C 329 -48.96 1.11 -22.85
CA ILE C 329 -49.34 2.16 -21.91
C ILE C 329 -50.80 2.10 -21.45
N MET D 1 -23.76 -2.51 20.01
CA MET D 1 -23.29 -3.38 18.94
C MET D 1 -22.25 -2.67 18.07
N GLN D 2 -21.30 -3.42 17.53
CA GLN D 2 -20.26 -2.87 16.67
C GLN D 2 -20.63 -3.10 15.21
N ILE D 3 -20.92 -2.01 14.48
CA ILE D 3 -21.15 -2.05 13.04
C ILE D 3 -19.90 -1.63 12.29
N PHE D 4 -19.98 -1.65 10.97
CA PHE D 4 -18.90 -1.23 10.10
C PHE D 4 -19.36 -0.06 9.26
N VAL D 5 -18.45 0.86 9.04
CA VAL D 5 -18.72 1.99 8.11
C VAL D 5 -17.56 1.98 7.12
N LYS D 6 -17.83 1.72 5.84
CA LYS D 6 -16.81 1.75 4.80
C LYS D 6 -16.62 3.21 4.37
N THR D 7 -15.43 3.74 4.65
CA THR D 7 -15.18 5.18 4.46
C THR D 7 -14.81 5.57 3.03
N LEU D 8 -14.58 6.86 2.81
CA LEU D 8 -14.29 7.39 1.45
C LEU D 8 -12.95 6.82 0.98
N THR D 9 -12.02 6.59 1.90
CA THR D 9 -10.70 6.02 1.53
C THR D 9 -10.89 4.58 1.06
N GLY D 10 -12.04 3.97 1.36
CA GLY D 10 -12.33 2.58 0.98
C GLY D 10 -12.14 1.63 2.14
N LYS D 11 -11.45 2.10 3.16
CA LYS D 11 -11.19 1.27 4.36
C LYS D 11 -12.47 1.11 5.17
N THR D 12 -12.51 0.09 5.99
CA THR D 12 -13.66 -0.14 6.84
C THR D 12 -13.26 0.19 8.25
N ILE D 13 -13.97 1.11 8.88
CA ILE D 13 -13.76 1.34 10.28
C ILE D 13 -14.90 0.65 11.03
N THR D 14 -14.64 0.37 12.30
CA THR D 14 -15.68 -0.06 13.21
C THR D 14 -16.31 1.15 13.91
N LEU D 15 -17.56 0.97 14.31
CA LEU D 15 -18.32 2.03 15.01
C LEU D 15 -19.17 1.38 16.09
N GLU D 16 -19.12 1.87 17.33
CA GLU D 16 -19.99 1.41 18.39
C GLU D 16 -21.27 2.24 18.38
N VAL D 17 -22.41 1.59 18.10
CA VAL D 17 -23.71 2.23 18.11
C VAL D 17 -24.71 1.27 18.73
N GLU D 18 -25.96 1.70 18.81
CA GLU D 18 -27.03 0.92 19.42
C GLU D 18 -28.27 1.05 18.54
N PRO D 19 -29.11 0.01 18.49
CA PRO D 19 -30.33 0.06 17.67
C PRO D 19 -31.11 1.36 17.73
N SER D 20 -31.26 1.95 18.92
CA SER D 20 -32.11 3.14 19.04
C SER D 20 -31.48 4.41 18.47
N ASP D 21 -30.18 4.39 18.12
CA ASP D 21 -29.50 5.59 17.64
C ASP D 21 -30.15 6.12 16.37
N THR D 22 -30.38 7.42 16.35
CA THR D 22 -30.92 8.05 15.12
C THR D 22 -29.81 8.16 14.10
N ILE D 23 -30.16 8.33 12.84
CA ILE D 23 -29.14 8.44 11.76
C ILE D 23 -28.25 9.64 12.09
N GLU D 24 -28.81 10.72 12.65
CA GLU D 24 -27.99 11.91 13.03
C GLU D 24 -26.99 11.58 14.14
N ASN D 25 -27.33 10.71 15.10
CA ASN D 25 -26.29 10.33 16.07
C ASN D 25 -25.17 9.53 15.44
N VAL D 26 -25.49 8.69 14.44
CA VAL D 26 -24.43 7.90 13.83
C VAL D 26 -23.52 8.79 12.99
N LYS D 27 -24.11 9.72 12.24
CA LYS D 27 -23.28 10.70 11.53
C LYS D 27 -22.38 11.44 12.50
N ALA D 28 -22.93 11.87 13.63
CA ALA D 28 -22.13 12.39 14.73
C ALA D 28 -21.01 11.40 15.09
N LYS D 29 -21.37 10.17 15.45
CA LYS D 29 -20.34 9.19 15.80
C LYS D 29 -19.31 9.02 14.69
N ILE D 30 -19.75 9.13 13.43
CA ILE D 30 -18.81 9.04 12.31
C ILE D 30 -17.85 10.21 12.34
N GLN D 31 -18.37 11.45 12.42
CA GLN D 31 -17.51 12.65 12.53
C GLN D 31 -16.54 12.51 13.69
N ASP D 32 -17.03 12.00 14.82
CA ASP D 32 -16.17 11.65 15.95
C ASP D 32 -14.93 10.85 15.50
N LYS D 33 -15.13 9.82 14.67
CA LYS D 33 -14.02 8.93 14.31
C LYS D 33 -13.31 9.28 13.01
N GLU D 34 -13.98 9.96 12.06
CA GLU D 34 -13.38 10.19 10.75
C GLU D 34 -13.30 11.64 10.30
N GLY D 35 -13.67 12.61 11.14
CA GLY D 35 -13.46 13.99 10.78
C GLY D 35 -14.32 14.50 9.63
N ILE D 36 -15.53 13.98 9.46
CA ILE D 36 -16.43 14.40 8.38
C ILE D 36 -17.64 15.08 9.01
N PRO D 37 -17.97 16.32 8.64
CA PRO D 37 -19.15 16.98 9.22
C PRO D 37 -20.42 16.25 8.86
N PRO D 38 -21.33 16.02 9.83
CA PRO D 38 -22.58 15.33 9.55
C PRO D 38 -23.36 15.92 8.39
N ASP D 39 -23.02 17.13 7.99
CA ASP D 39 -23.83 17.78 6.96
C ASP D 39 -23.52 17.26 5.57
N GLN D 40 -22.39 16.62 5.36
CA GLN D 40 -22.04 16.12 4.04
C GLN D 40 -22.01 14.60 3.95
N GLN D 41 -22.21 13.90 5.06
CA GLN D 41 -22.21 12.43 5.05
C GLN D 41 -23.51 11.91 4.43
N ARG D 42 -23.38 10.84 3.66
CA ARG D 42 -24.57 10.16 3.10
C ARG D 42 -24.34 8.67 3.36
N LEU D 43 -25.22 8.06 4.15
CA LEU D 43 -25.04 6.69 4.61
C LEU D 43 -25.90 5.79 3.74
N ILE D 44 -25.25 4.98 2.91
CA ILE D 44 -25.95 4.01 2.08
C ILE D 44 -25.91 2.65 2.77
N PHE D 45 -27.08 2.06 2.96
CA PHE D 45 -27.18 0.69 3.43
C PHE D 45 -28.31 0.00 2.71
N ALA D 46 -27.99 -1.13 2.05
CA ALA D 46 -29.00 -2.00 1.43
C ALA D 46 -29.81 -1.24 0.39
N GLY D 47 -29.15 -0.33 -0.33
CA GLY D 47 -29.82 0.42 -1.39
C GLY D 47 -30.58 1.63 -0.90
N LYS D 48 -30.78 1.74 0.41
CA LYS D 48 -31.43 2.90 0.97
C LYS D 48 -30.38 3.88 1.48
N GLN D 49 -30.75 5.16 1.45
CA GLN D 49 -29.89 6.18 2.08
C GLN D 49 -30.54 6.46 3.43
N LEU D 50 -29.80 6.26 4.51
CA LEU D 50 -30.37 6.43 5.85
C LEU D 50 -30.90 7.85 6.02
N GLU D 51 -32.17 7.96 6.41
CA GLU D 51 -32.86 9.25 6.50
C GLU D 51 -32.74 9.84 7.91
N ASP D 52 -32.23 11.07 8.01
CA ASP D 52 -32.22 11.77 9.29
C ASP D 52 -33.59 11.70 9.94
N GLY D 53 -33.61 11.37 11.23
CA GLY D 53 -34.84 11.21 11.95
C GLY D 53 -35.34 9.79 12.06
N ARG D 54 -34.88 8.89 11.20
CA ARG D 54 -35.16 7.47 11.39
C ARG D 54 -34.09 6.86 12.30
N THR D 55 -34.32 5.61 12.71
CA THR D 55 -33.36 4.91 13.61
C THR D 55 -32.76 3.67 12.94
N LEU D 56 -31.65 3.16 13.47
CA LEU D 56 -30.96 1.98 12.86
C LEU D 56 -31.86 0.75 12.94
N SER D 57 -32.69 0.66 13.99
CA SER D 57 -33.65 -0.45 14.13
C SER D 57 -34.62 -0.44 12.94
N ASP D 58 -35.07 0.74 12.53
CA ASP D 58 -36.04 0.85 11.42
C ASP D 58 -35.44 0.26 10.14
N TYR D 59 -34.12 0.08 10.10
CA TYR D 59 -33.51 -0.43 8.89
C TYR D 59 -32.93 -1.83 9.07
N ASN D 60 -33.16 -2.47 10.21
CA ASN D 60 -32.59 -3.80 10.46
C ASN D 60 -31.07 -3.79 10.44
N ILE D 61 -30.48 -2.68 10.84
CA ILE D 61 -29.04 -2.62 11.03
C ILE D 61 -28.68 -3.27 12.36
N GLN D 62 -27.77 -4.22 12.33
CA GLN D 62 -27.44 -5.00 13.51
C GLN D 62 -25.93 -5.10 13.58
N LYS D 63 -25.42 -5.85 14.56
CA LYS D 63 -24.00 -6.16 14.61
C LYS D 63 -23.52 -6.60 13.24
N GLU D 64 -22.33 -6.13 12.88
CA GLU D 64 -21.60 -6.50 11.67
C GLU D 64 -22.22 -6.00 10.37
N SER D 65 -23.27 -5.18 10.41
CA SER D 65 -23.68 -4.51 9.19
C SER D 65 -22.59 -3.53 8.77
N THR D 66 -22.45 -3.35 7.46
CA THR D 66 -21.56 -2.37 6.85
C THR D 66 -22.38 -1.23 6.28
N LEU D 67 -22.13 -0.02 6.74
CA LEU D 67 -22.69 1.15 6.09
C LEU D 67 -21.72 1.65 5.03
N HIS D 68 -22.27 2.30 4.02
CA HIS D 68 -21.46 2.88 2.98
C HIS D 68 -21.56 4.41 3.03
N LEU D 69 -20.44 5.03 3.40
CA LEU D 69 -20.31 6.48 3.53
C LEU D 69 -19.99 7.11 2.19
N VAL D 70 -20.73 8.17 1.86
CA VAL D 70 -20.61 8.82 0.57
C VAL D 70 -20.88 10.32 0.75
N LEU D 71 -20.14 11.13 -0.03
CA LEU D 71 -20.21 12.59 -0.06
C LEU D 71 -21.15 13.06 -1.17
N ARG D 72 -21.06 14.33 -1.54
CA ARG D 72 -21.92 14.87 -2.58
C ARG D 72 -21.13 15.53 -3.71
N LEU D 73 -21.62 15.36 -4.93
CA LEU D 73 -21.19 16.14 -6.09
C LEU D 73 -22.44 16.84 -6.64
N ARG D 74 -22.61 18.11 -6.26
CA ARG D 74 -23.83 18.87 -6.64
C ARG D 74 -23.74 19.41 -8.06
N GLY D 75 -24.90 19.62 -8.69
CA GLY D 75 -24.93 20.06 -10.08
C GLY D 75 -26.29 20.56 -10.49
N GLY E 5 12.92 -27.03 -16.00
CA GLY E 5 13.95 -26.01 -16.09
C GLY E 5 13.49 -24.74 -16.80
N TYR E 6 12.19 -24.68 -17.08
CA TYR E 6 11.62 -23.54 -17.82
C TYR E 6 10.78 -22.66 -16.89
N VAL E 7 10.77 -21.37 -17.16
CA VAL E 7 10.01 -20.39 -16.38
C VAL E 7 8.66 -20.10 -17.06
N GLY E 8 7.75 -19.47 -16.33
CA GLY E 8 6.48 -19.03 -16.86
C GLY E 8 6.45 -17.51 -17.04
N LEU E 9 5.22 -17.00 -17.23
CA LEU E 9 5.00 -15.58 -17.43
C LEU E 9 3.84 -15.12 -16.57
N LYS E 10 3.88 -13.86 -16.16
CA LYS E 10 2.84 -13.32 -15.30
C LYS E 10 1.58 -13.01 -16.10
N ASN E 11 0.48 -12.90 -15.40
CA ASN E 11 -0.78 -12.52 -16.00
C ASN E 11 -1.10 -11.10 -15.55
N GLN E 12 -0.93 -10.12 -16.45
CA GLN E 12 -1.34 -8.76 -16.17
C GLN E 12 -2.82 -8.67 -15.78
N GLY E 13 -3.61 -9.69 -16.11
CA GLY E 13 -5.03 -9.66 -15.80
C GLY E 13 -5.84 -10.51 -16.76
N ALA E 14 -5.58 -10.35 -18.06
CA ALA E 14 -6.26 -11.16 -19.06
C ALA E 14 -5.34 -11.67 -20.17
N THR E 15 -4.03 -11.59 -19.94
CA THR E 15 -3.03 -11.89 -21.00
C THR E 15 -2.74 -13.39 -21.16
N CYS E 16 -3.71 -14.24 -20.87
CA CYS E 16 -3.56 -15.70 -21.09
C CYS E 16 -3.15 -15.94 -22.54
N TYR E 17 -3.76 -15.23 -23.49
CA TYR E 17 -3.46 -15.36 -24.94
C TYR E 17 -1.99 -15.07 -25.20
N MET E 18 -1.54 -13.89 -24.78
CA MET E 18 -0.16 -13.49 -25.03
C MET E 18 0.82 -14.51 -24.49
N ASN E 19 0.60 -14.99 -23.27
CA ASN E 19 1.60 -15.85 -22.66
C ASN E 19 1.72 -17.18 -23.41
N SER E 20 0.59 -17.78 -23.79
CA SER E 20 0.65 -19.02 -24.57
C SER E 20 1.40 -18.79 -25.88
N LEU E 21 1.17 -17.67 -26.54
CA LEU E 21 1.83 -17.38 -27.85
C LEU E 21 3.31 -17.11 -27.63
N LEU E 22 3.67 -16.45 -26.53
CA LEU E 22 5.08 -16.07 -26.30
C LEU E 22 5.92 -17.33 -26.10
N GLN E 23 5.56 -18.21 -25.17
CA GLN E 23 6.28 -19.48 -25.05
C GLN E 23 6.36 -20.16 -26.41
N THR E 24 5.25 -20.22 -27.12
CA THR E 24 5.22 -20.93 -28.44
C THR E 24 6.29 -20.36 -29.36
N LEU E 25 6.43 -19.03 -29.41
CA LEU E 25 7.44 -18.43 -30.26
C LEU E 25 8.82 -18.47 -29.62
N PHE E 26 8.91 -18.32 -28.31
CA PHE E 26 10.22 -18.43 -27.63
C PHE E 26 10.86 -19.78 -27.97
N PHE E 27 10.04 -20.82 -28.11
CA PHE E 27 10.57 -22.18 -28.37
C PHE E 27 10.80 -22.39 -29.87
N THR E 28 10.34 -21.48 -30.73
CA THR E 28 10.76 -21.52 -32.15
C THR E 28 12.16 -20.96 -32.03
N ASN E 29 13.15 -21.80 -31.74
CA ASN E 29 14.48 -21.32 -31.36
C ASN E 29 15.10 -20.43 -32.41
N GLN E 30 15.05 -20.88 -33.67
CA GLN E 30 15.60 -20.10 -34.80
C GLN E 30 14.96 -18.73 -34.82
N LEU E 31 13.67 -18.65 -34.51
CA LEU E 31 13.02 -17.34 -34.42
C LEU E 31 13.54 -16.55 -33.23
N ARG E 32 13.73 -17.21 -32.10
CA ARG E 32 14.27 -16.51 -30.93
C ARG E 32 15.62 -15.90 -31.25
N LYS E 33 16.54 -16.69 -31.81
CA LYS E 33 17.89 -16.20 -32.09
C LYS E 33 17.86 -15.02 -33.06
N ALA E 34 17.01 -15.10 -34.08
CA ALA E 34 16.83 -14.00 -35.01
C ALA E 34 16.37 -12.72 -34.31
N VAL E 35 15.34 -12.83 -33.46
CA VAL E 35 14.88 -11.65 -32.72
C VAL E 35 16.01 -11.06 -31.88
N TYR E 36 16.95 -11.91 -31.44
CA TYR E 36 18.06 -11.44 -30.62
C TYR E 36 18.98 -10.53 -31.41
N MET E 37 19.23 -10.85 -32.68
CA MET E 37 20.15 -10.03 -33.46
C MET E 37 19.43 -8.96 -34.25
N MET E 38 18.24 -8.57 -33.83
CA MET E 38 17.59 -7.40 -34.42
C MET E 38 18.23 -6.14 -33.87
N PRO E 39 18.69 -5.18 -34.72
CA PRO E 39 19.24 -3.92 -34.23
C PRO E 39 18.23 -3.09 -33.43
N THR E 40 18.36 -3.08 -32.11
CA THR E 40 17.39 -2.34 -31.26
C THR E 40 18.09 -1.30 -30.41
N GLU E 41 19.34 -0.97 -30.73
CA GLU E 41 20.12 0.00 -29.92
C GLU E 41 19.31 1.29 -29.80
N GLY E 42 18.78 1.57 -28.61
CA GLY E 42 17.92 2.74 -28.42
C GLY E 42 16.70 2.68 -29.34
N SER E 45 12.52 0.81 -24.80
CA SER E 45 11.93 -0.45 -24.35
C SER E 45 10.41 -0.33 -24.27
N SER E 46 9.89 0.85 -23.94
CA SER E 46 8.42 1.03 -24.02
C SER E 46 8.13 1.62 -25.39
N LYS E 47 9.04 1.41 -26.34
CA LYS E 47 8.89 2.07 -27.63
C LYS E 47 9.32 1.16 -28.76
N SER E 48 9.34 -0.14 -28.49
CA SER E 48 9.87 -1.12 -29.48
C SER E 48 9.33 -2.51 -29.22
N VAL E 49 8.46 -3.03 -30.09
CA VAL E 49 8.04 -4.42 -29.95
C VAL E 49 9.24 -5.35 -30.05
N PRO E 50 10.29 -5.03 -30.86
CA PRO E 50 11.49 -5.88 -30.86
C PRO E 50 12.26 -5.88 -29.54
N LEU E 51 12.58 -4.69 -29.02
CA LEU E 51 13.27 -4.64 -27.72
C LEU E 51 12.47 -5.41 -26.68
N ALA E 52 11.19 -5.07 -26.53
CA ALA E 52 10.33 -5.75 -25.58
C ALA E 52 10.37 -7.26 -25.79
N LEU E 53 10.28 -7.71 -27.03
CA LEU E 53 10.26 -9.17 -27.30
C LEU E 53 11.64 -9.72 -26.93
N GLN E 54 12.71 -8.99 -27.23
CA GLN E 54 14.03 -9.43 -26.80
C GLN E 54 14.08 -9.61 -25.29
N ARG E 55 13.55 -8.66 -24.55
CA ARG E 55 13.59 -8.74 -23.07
C ARG E 55 12.81 -9.97 -22.62
N VAL E 56 11.54 -10.05 -23.00
CA VAL E 56 10.70 -11.21 -22.60
C VAL E 56 11.48 -12.48 -22.93
N PHE E 57 12.03 -12.58 -24.14
CA PHE E 57 12.77 -13.76 -24.55
C PHE E 57 13.97 -14.01 -23.64
N TYR E 58 14.90 -13.04 -23.59
CA TYR E 58 16.05 -13.14 -22.71
C TYR E 58 15.65 -13.64 -21.33
N GLU E 59 14.69 -12.96 -20.69
CA GLU E 59 14.35 -13.31 -19.31
C GLU E 59 13.72 -14.69 -19.19
N LEU E 60 13.01 -15.15 -20.23
CA LEU E 60 12.49 -16.52 -20.22
C LEU E 60 13.61 -17.55 -20.27
N GLN E 61 14.76 -17.17 -20.83
CA GLN E 61 15.91 -18.11 -20.96
C GLN E 61 16.82 -18.01 -19.75
N HIS E 62 16.91 -16.82 -19.15
CA HIS E 62 17.84 -16.58 -18.05
C HIS E 62 17.18 -16.60 -16.68
N SER E 63 16.09 -15.86 -16.48
CA SER E 63 15.52 -15.70 -15.14
C SER E 63 14.87 -16.99 -14.65
N ASP E 64 14.64 -17.03 -13.34
CA ASP E 64 14.08 -18.25 -12.69
C ASP E 64 12.71 -17.92 -12.10
N LYS E 65 12.45 -16.65 -11.83
CA LYS E 65 11.13 -16.23 -11.31
C LYS E 65 10.23 -15.83 -12.48
N PRO E 66 8.89 -15.99 -12.39
CA PRO E 66 7.95 -15.61 -13.44
C PRO E 66 8.33 -14.34 -14.22
N VAL E 67 8.22 -14.40 -15.54
CA VAL E 67 8.63 -13.25 -16.41
C VAL E 67 7.43 -12.34 -16.65
N GLY E 68 7.63 -11.03 -16.58
CA GLY E 68 6.57 -10.08 -16.78
C GLY E 68 6.49 -9.61 -18.21
N THR E 69 5.36 -9.00 -18.55
CA THR E 69 5.14 -8.58 -19.91
C THR E 69 4.75 -7.12 -20.02
N LYS E 70 4.63 -6.41 -18.91
CA LYS E 70 4.06 -5.07 -18.94
C LYS E 70 4.78 -4.18 -19.95
N LYS E 71 6.07 -4.40 -20.17
CA LYS E 71 6.79 -3.60 -21.17
C LYS E 71 6.36 -3.96 -22.59
N LEU E 72 5.94 -5.21 -22.84
CA LEU E 72 5.50 -5.62 -24.20
C LEU E 72 4.13 -5.03 -24.53
N THR E 73 3.21 -4.99 -23.56
CA THR E 73 1.86 -4.42 -23.80
C THR E 73 1.97 -2.91 -23.98
N LYS E 74 2.93 -2.26 -23.33
CA LYS E 74 3.14 -0.81 -23.53
C LYS E 74 3.66 -0.61 -24.95
N SER E 75 4.57 -1.47 -25.38
CA SER E 75 5.14 -1.38 -26.75
C SER E 75 4.01 -1.54 -27.77
N PHE E 76 2.91 -2.20 -27.40
CA PHE E 76 1.77 -2.29 -28.29
C PHE E 76 1.03 -0.97 -28.42
N GLY E 77 1.32 0.02 -27.58
CA GLY E 77 0.51 1.21 -27.53
C GLY E 77 -0.66 1.12 -26.59
N TRP E 78 -0.71 0.09 -25.74
CA TRP E 78 -1.90 -0.14 -24.94
C TRP E 78 -1.92 0.73 -23.70
N GLU E 79 -3.12 0.89 -23.14
CA GLU E 79 -3.31 1.56 -21.87
C GLU E 79 -3.56 0.52 -20.79
N THR E 80 -3.47 0.97 -19.53
CA THR E 80 -3.55 0.03 -18.42
C THR E 80 -4.81 -0.83 -18.51
N LEU E 81 -5.94 -0.22 -18.90
CA LEU E 81 -7.19 -0.95 -19.02
C LEU E 81 -7.14 -2.07 -20.06
N ASP E 82 -6.25 -1.98 -21.07
CA ASP E 82 -6.20 -2.98 -22.14
C ASP E 82 -5.72 -4.34 -21.68
N SER E 83 -4.98 -4.41 -20.58
CA SER E 83 -4.47 -5.67 -20.09
C SER E 83 -5.53 -6.57 -19.51
N PHE E 84 -6.79 -6.14 -19.50
CA PHE E 84 -7.85 -6.93 -18.89
C PHE E 84 -8.86 -7.41 -19.92
N MET E 85 -8.53 -7.34 -21.21
CA MET E 85 -9.41 -7.81 -22.27
C MET E 85 -8.90 -9.12 -22.82
N GLN E 86 -9.75 -10.15 -22.74
CA GLN E 86 -9.44 -11.47 -23.25
C GLN E 86 -9.43 -11.49 -24.77
N HIS E 87 -8.49 -12.25 -25.36
CA HIS E 87 -8.27 -12.15 -26.79
C HIS E 87 -8.11 -13.54 -27.42
N ASP E 88 -8.11 -13.54 -28.75
CA ASP E 88 -7.92 -14.73 -29.58
C ASP E 88 -6.42 -14.85 -29.88
N VAL E 89 -5.87 -16.07 -29.71
CA VAL E 89 -4.42 -16.22 -29.82
C VAL E 89 -3.96 -16.18 -31.27
N GLN E 90 -4.77 -16.65 -32.22
CA GLN E 90 -4.30 -16.55 -33.62
C GLN E 90 -4.34 -15.09 -34.06
N GLU E 91 -5.30 -14.33 -33.53
CA GLU E 91 -5.32 -12.91 -33.88
C GLU E 91 -4.01 -12.24 -33.50
N LEU E 92 -3.62 -12.32 -32.24
CA LEU E 92 -2.32 -11.74 -31.80
C LEU E 92 -1.20 -12.26 -32.70
N CYS E 93 -1.12 -13.56 -32.91
CA CYS E 93 -0.02 -14.16 -33.72
C CYS E 93 0.08 -13.46 -35.07
N ARG E 94 -1.03 -13.27 -35.73
CA ARG E 94 -0.99 -12.65 -37.07
C ARG E 94 -0.53 -11.20 -36.96
N VAL E 95 -1.05 -10.46 -35.98
CA VAL E 95 -0.67 -9.06 -35.83
C VAL E 95 0.77 -8.95 -35.31
N LEU E 96 1.19 -9.85 -34.42
CA LEU E 96 2.52 -9.71 -33.80
C LEU E 96 3.64 -10.21 -34.71
N LEU E 97 3.46 -11.34 -35.39
CA LEU E 97 4.47 -11.77 -36.35
C LEU E 97 4.62 -10.79 -37.50
N ASP E 98 3.52 -10.16 -37.92
CA ASP E 98 3.59 -9.18 -39.00
C ASP E 98 4.42 -7.98 -38.58
N ASN E 99 4.16 -7.49 -37.38
CA ASN E 99 4.99 -6.45 -36.76
C ASN E 99 6.47 -6.84 -36.79
N VAL E 100 6.82 -7.99 -36.23
CA VAL E 100 8.22 -8.37 -36.20
C VAL E 100 8.77 -8.51 -37.61
N GLU E 101 8.01 -9.16 -38.51
CA GLU E 101 8.50 -9.41 -39.86
C GLU E 101 8.93 -8.12 -40.55
N ASN E 102 8.08 -7.10 -40.47
CA ASN E 102 8.43 -5.84 -41.11
C ASN E 102 9.57 -5.16 -40.38
N LYS E 103 9.63 -5.32 -39.05
CA LYS E 103 10.71 -4.73 -38.28
C LYS E 103 12.05 -5.39 -38.61
N MET E 104 12.03 -6.70 -38.91
CA MET E 104 13.21 -7.40 -39.38
C MET E 104 13.63 -6.99 -40.79
N LYS E 105 12.77 -6.29 -41.53
CA LYS E 105 13.17 -5.82 -42.85
C LYS E 105 14.28 -4.77 -42.71
N GLY E 106 15.23 -4.80 -43.64
CA GLY E 106 16.39 -3.91 -43.60
C GLY E 106 17.51 -4.34 -42.68
N THR E 107 17.39 -5.49 -42.02
CA THR E 107 18.34 -5.95 -41.01
C THR E 107 19.02 -7.22 -41.48
N CYS E 108 19.97 -7.69 -40.67
CA CYS E 108 20.70 -8.90 -41.01
C CYS E 108 19.83 -10.15 -40.98
N VAL E 109 18.65 -10.02 -40.37
CA VAL E 109 17.73 -11.19 -40.18
C VAL E 109 16.41 -10.95 -40.94
N GLU E 110 16.38 -10.04 -41.91
CA GLU E 110 15.22 -9.92 -42.77
C GLU E 110 14.87 -11.29 -43.36
N GLY E 111 13.58 -11.53 -43.55
CA GLY E 111 13.12 -12.75 -44.18
C GLY E 111 13.02 -13.96 -43.29
N THR E 112 13.34 -13.86 -42.00
CA THR E 112 13.29 -15.02 -41.12
C THR E 112 11.86 -15.56 -41.03
N ILE E 113 10.94 -14.69 -40.61
CA ILE E 113 9.57 -15.13 -40.35
C ILE E 113 8.97 -15.83 -41.56
N PRO E 114 9.06 -15.31 -42.79
CA PRO E 114 8.50 -16.06 -43.92
C PRO E 114 9.25 -17.35 -44.25
N LYS E 115 10.55 -17.42 -44.02
CA LYS E 115 11.31 -18.66 -44.30
C LYS E 115 10.91 -19.76 -43.33
N LEU E 116 10.34 -19.39 -42.19
CA LEU E 116 9.96 -20.37 -41.15
C LEU E 116 8.48 -20.67 -41.21
N PHE E 117 7.63 -19.66 -41.42
CA PHE E 117 6.16 -19.89 -41.31
C PHE E 117 5.39 -19.69 -42.61
N ARG E 118 6.03 -19.32 -43.72
CA ARG E 118 5.23 -19.02 -44.90
C ARG E 118 5.32 -20.14 -45.92
N GLY E 119 4.16 -20.58 -46.41
CA GLY E 119 4.06 -21.51 -47.52
C GLY E 119 3.18 -20.96 -48.65
N LYS E 120 2.73 -21.83 -49.56
CA LYS E 120 2.15 -21.39 -50.83
C LYS E 120 1.11 -22.38 -51.33
N MET E 121 -0.12 -21.91 -51.46
CA MET E 121 -1.23 -22.75 -51.96
C MET E 121 -1.53 -22.40 -53.41
N VAL E 122 -2.41 -23.18 -54.03
CA VAL E 122 -2.83 -22.88 -55.42
C VAL E 122 -4.31 -23.27 -55.59
N SER E 123 -5.16 -22.28 -55.78
CA SER E 123 -6.57 -22.51 -56.07
C SER E 123 -6.75 -22.73 -57.56
N TYR E 124 -7.43 -23.83 -57.93
CA TYR E 124 -7.65 -24.18 -59.35
C TYR E 124 -9.15 -24.07 -59.68
N ILE E 125 -9.51 -23.30 -60.71
CA ILE E 125 -10.93 -23.07 -61.08
C ILE E 125 -11.17 -23.61 -62.50
N GLN E 126 -12.10 -24.55 -62.67
CA GLN E 126 -12.45 -25.09 -64.00
C GLN E 126 -13.94 -24.92 -64.26
N CYS E 127 -14.30 -24.20 -65.32
CA CYS E 127 -15.72 -24.02 -65.68
C CYS E 127 -16.29 -25.33 -66.19
N LYS E 128 -17.53 -25.65 -65.82
CA LYS E 128 -18.14 -26.96 -66.16
C LYS E 128 -18.66 -27.01 -67.61
N GLU E 129 -19.52 -26.08 -68.02
CA GLU E 129 -20.12 -26.16 -69.35
C GLU E 129 -19.50 -25.21 -70.38
N VAL E 130 -18.45 -24.49 -70.00
CA VAL E 130 -17.70 -23.66 -70.99
C VAL E 130 -16.22 -24.01 -70.85
N ASP E 131 -15.45 -23.79 -71.90
CA ASP E 131 -14.04 -24.19 -71.89
C ASP E 131 -13.18 -23.03 -71.37
N TYR E 132 -13.18 -22.89 -70.04
CA TYR E 132 -12.41 -21.79 -69.39
C TYR E 132 -11.78 -22.33 -68.09
N ARG E 133 -10.56 -21.90 -67.80
CA ARG E 133 -9.83 -22.36 -66.59
C ARG E 133 -9.02 -21.19 -66.03
N SER E 134 -8.80 -21.14 -64.72
CA SER E 134 -7.98 -20.06 -64.12
C SER E 134 -7.17 -20.56 -62.92
N ASP E 135 -6.08 -19.86 -62.59
CA ASP E 135 -5.20 -20.24 -61.45
C ASP E 135 -4.92 -19.03 -60.55
N ARG E 136 -4.54 -19.26 -59.30
CA ARG E 136 -4.22 -18.21 -58.30
C ARG E 136 -3.25 -18.80 -57.29
N ARG E 137 -1.97 -18.45 -57.39
CA ARG E 137 -0.97 -18.89 -56.39
C ARG E 137 -0.98 -17.88 -55.24
N GLU E 138 -1.14 -18.36 -54.01
CA GLU E 138 -1.29 -17.44 -52.86
C GLU E 138 -0.43 -17.88 -51.68
N ASP E 139 0.18 -16.92 -50.99
CA ASP E 139 0.98 -17.20 -49.81
C ASP E 139 0.06 -17.37 -48.60
N TYR E 140 0.55 -18.12 -47.62
CA TYR E 140 -0.13 -18.26 -46.34
C TYR E 140 0.93 -18.37 -45.26
N TYR E 141 0.57 -17.94 -44.06
CA TYR E 141 1.39 -18.11 -42.88
C TYR E 141 0.72 -19.01 -41.86
N ASP E 142 -0.42 -19.57 -42.25
CA ASP E 142 -1.21 -20.42 -41.34
C ASP E 142 -2.29 -21.09 -42.16
N ILE E 143 -2.88 -22.14 -41.60
CA ILE E 143 -3.93 -22.87 -42.27
C ILE E 143 -5.13 -22.95 -41.33
N GLN E 144 -6.30 -22.72 -41.87
CA GLN E 144 -7.53 -22.77 -41.12
C GLN E 144 -8.25 -24.08 -41.47
N LEU E 145 -8.45 -24.96 -40.48
CA LEU E 145 -8.96 -26.30 -40.70
C LEU E 145 -10.39 -26.45 -40.18
N SER E 146 -11.27 -27.03 -41.00
CA SER E 146 -12.66 -27.25 -40.60
C SER E 146 -12.80 -28.42 -39.64
N ILE E 147 -13.70 -28.28 -38.67
CA ILE E 147 -13.87 -29.30 -37.64
C ILE E 147 -15.23 -30.02 -37.74
N LYS E 148 -16.29 -29.35 -38.19
CA LYS E 148 -17.64 -29.91 -38.14
C LYS E 148 -17.76 -31.18 -38.98
N GLY E 149 -18.00 -32.31 -38.31
CA GLY E 149 -18.15 -33.58 -38.99
C GLY E 149 -16.84 -34.18 -39.48
N LYS E 150 -15.75 -33.93 -38.76
CA LYS E 150 -14.41 -34.40 -39.12
C LYS E 150 -13.75 -34.89 -37.85
N LYS E 151 -13.32 -36.15 -37.83
CA LYS E 151 -12.86 -36.76 -36.58
C LYS E 151 -11.37 -36.57 -36.29
N ASN E 152 -10.54 -36.37 -37.30
CA ASN E 152 -9.11 -36.26 -37.09
C ASN E 152 -8.55 -35.19 -38.02
N ILE E 153 -7.26 -34.91 -37.91
CA ILE E 153 -6.67 -33.86 -38.72
C ILE E 153 -6.48 -34.27 -40.18
N PHE E 154 -6.45 -35.56 -40.48
CA PHE E 154 -6.30 -35.95 -41.90
C PHE E 154 -7.62 -35.65 -42.60
N GLU E 155 -8.73 -36.10 -42.01
CA GLU E 155 -10.04 -35.86 -42.58
C GLU E 155 -10.23 -34.39 -42.91
N SER E 156 -9.72 -33.49 -42.05
CA SER E 156 -9.72 -32.06 -42.32
C SER E 156 -8.93 -31.72 -43.58
N PHE E 157 -7.65 -32.10 -43.62
CA PHE E 157 -6.84 -31.82 -44.80
C PHE E 157 -7.45 -32.42 -46.07
N VAL E 158 -8.10 -33.58 -45.95
CA VAL E 158 -8.80 -34.13 -47.11
C VAL E 158 -9.93 -33.20 -47.57
N ASP E 159 -10.63 -32.58 -46.62
CA ASP E 159 -11.71 -31.66 -46.96
C ASP E 159 -11.19 -30.39 -47.62
N TYR E 160 -10.20 -29.76 -46.98
CA TYR E 160 -9.47 -28.62 -47.55
C TYR E 160 -9.20 -28.78 -49.03
N VAL E 161 -8.58 -29.88 -49.43
CA VAL E 161 -8.20 -30.00 -50.83
C VAL E 161 -9.33 -30.55 -51.69
N ALA E 162 -10.49 -30.80 -51.11
CA ALA E 162 -11.59 -31.38 -51.87
C ALA E 162 -12.19 -30.37 -52.84
N VAL E 163 -12.59 -30.87 -54.01
CA VAL E 163 -13.18 -30.03 -55.05
C VAL E 163 -14.58 -29.61 -54.65
N GLU E 164 -14.81 -28.30 -54.57
CA GLU E 164 -16.14 -27.77 -54.36
C GLU E 164 -16.78 -27.39 -55.68
N GLN E 165 -18.07 -27.04 -55.59
CA GLN E 165 -18.85 -26.56 -56.72
C GLN E 165 -19.10 -25.08 -56.55
N LEU E 166 -19.02 -24.33 -57.65
CA LEU E 166 -19.36 -22.92 -57.70
C LEU E 166 -20.59 -22.79 -58.59
N ASP E 167 -21.77 -22.82 -57.96
CA ASP E 167 -23.05 -22.78 -58.65
C ASP E 167 -24.04 -21.95 -57.83
N GLY E 168 -25.17 -21.63 -58.45
CA GLY E 168 -26.21 -20.86 -57.78
C GLY E 168 -25.87 -19.41 -57.54
N ASP E 169 -25.95 -19.00 -56.28
CA ASP E 169 -25.51 -17.68 -55.85
C ASP E 169 -24.00 -17.49 -55.88
N ASN E 170 -23.25 -18.51 -56.27
CA ASN E 170 -21.82 -18.49 -56.10
C ASN E 170 -21.13 -19.00 -57.35
N LYS E 171 -21.73 -18.70 -58.50
CA LYS E 171 -21.13 -18.98 -59.80
C LYS E 171 -19.86 -18.18 -59.96
N TYR E 172 -19.13 -18.39 -61.04
CA TYR E 172 -17.81 -17.81 -61.21
C TYR E 172 -17.80 -16.90 -62.43
N ASP E 173 -17.11 -15.76 -62.34
CA ASP E 173 -17.07 -14.78 -63.45
C ASP E 173 -15.98 -15.20 -64.42
N ALA E 174 -16.37 -15.85 -65.50
CA ALA E 174 -15.40 -16.31 -66.51
C ALA E 174 -15.41 -15.40 -67.74
N GLY E 175 -15.06 -14.13 -67.52
CA GLY E 175 -14.75 -13.24 -68.63
C GLY E 175 -15.92 -13.01 -69.56
N GLU E 176 -15.67 -13.15 -70.87
CA GLU E 176 -16.71 -12.98 -71.87
C GLU E 176 -17.87 -13.95 -71.71
N HIS E 177 -17.69 -14.99 -70.89
CA HIS E 177 -18.79 -15.96 -70.65
C HIS E 177 -19.61 -15.52 -69.43
N GLY E 178 -19.26 -14.40 -68.79
CA GLY E 178 -19.95 -13.98 -67.60
C GLY E 178 -19.96 -15.06 -66.54
N LEU E 179 -21.05 -15.10 -65.78
CA LEU E 179 -21.12 -16.02 -64.65
C LEU E 179 -21.36 -17.43 -65.16
N GLN E 180 -20.70 -18.40 -64.52
CA GLN E 180 -20.65 -19.76 -65.03
C GLN E 180 -20.58 -20.70 -63.85
N GLU E 181 -21.23 -21.86 -63.97
CA GLU E 181 -20.96 -22.95 -63.05
C GLU E 181 -19.51 -23.40 -63.21
N ALA E 182 -18.86 -23.67 -62.09
CA ALA E 182 -17.44 -23.95 -62.11
C ALA E 182 -17.08 -24.80 -60.91
N GLU E 183 -15.92 -25.43 -60.99
CA GLU E 183 -15.32 -26.16 -59.88
C GLU E 183 -14.09 -25.41 -59.39
N LYS E 184 -13.85 -25.54 -58.08
CA LYS E 184 -12.66 -24.94 -57.46
C LYS E 184 -12.01 -25.97 -56.54
N GLY E 185 -10.72 -26.16 -56.67
CA GLY E 185 -10.02 -27.01 -55.74
C GLY E 185 -8.74 -26.36 -55.27
N VAL E 186 -8.41 -26.49 -54.02
CA VAL E 186 -7.15 -25.93 -53.55
C VAL E 186 -6.15 -27.06 -53.38
N LYS E 187 -4.86 -26.74 -53.60
CA LYS E 187 -3.78 -27.64 -53.25
C LYS E 187 -2.62 -26.81 -52.74
N PHE E 188 -1.69 -27.51 -52.08
CA PHE E 188 -0.51 -26.83 -51.51
C PHE E 188 0.69 -27.05 -52.43
N LEU E 189 1.48 -26.03 -52.64
CA LEU E 189 2.72 -26.13 -53.42
C LEU E 189 3.93 -26.34 -52.50
N THR E 190 4.09 -25.49 -51.49
CA THR E 190 5.08 -25.68 -50.46
C THR E 190 4.36 -25.82 -49.11
N LEU E 191 5.04 -26.46 -48.16
CA LEU E 191 4.61 -26.46 -46.76
C LEU E 191 5.79 -25.98 -45.92
N PRO E 192 5.58 -25.07 -44.97
CA PRO E 192 6.69 -24.35 -44.37
C PRO E 192 7.35 -25.19 -43.30
N PRO E 193 8.59 -24.88 -42.92
CA PRO E 193 9.23 -25.62 -41.81
C PRO E 193 8.36 -25.70 -40.58
N VAL E 194 7.76 -24.58 -40.20
CA VAL E 194 6.92 -24.47 -39.01
C VAL E 194 5.49 -24.25 -39.47
N LEU E 195 4.63 -25.24 -39.21
CA LEU E 195 3.23 -25.19 -39.67
C LEU E 195 2.30 -24.73 -38.54
N HIS E 196 1.56 -23.64 -38.77
CA HIS E 196 0.57 -23.14 -37.79
C HIS E 196 -0.81 -23.52 -38.28
N LEU E 197 -1.55 -24.29 -37.50
CA LEU E 197 -2.88 -24.74 -37.85
C LEU E 197 -3.86 -24.12 -36.86
N GLN E 198 -4.85 -23.43 -37.41
CA GLN E 198 -5.91 -22.84 -36.55
C GLN E 198 -7.13 -23.74 -36.69
N LEU E 199 -7.49 -24.39 -35.59
CA LEU E 199 -8.63 -25.30 -35.62
C LEU E 199 -9.91 -24.47 -35.56
N MET E 200 -10.83 -24.72 -36.49
CA MET E 200 -11.96 -23.80 -36.68
C MET E 200 -13.12 -24.17 -35.76
N ARG E 201 -12.90 -23.91 -34.48
CA ARG E 201 -13.81 -24.39 -33.45
C ARG E 201 -14.95 -23.44 -33.18
N PHE E 202 -15.44 -22.78 -34.24
CA PHE E 202 -16.59 -21.83 -34.11
C PHE E 202 -17.70 -22.26 -35.07
N MET E 203 -18.94 -21.85 -34.80
CA MET E 203 -20.04 -22.41 -35.57
C MET E 203 -21.23 -21.46 -35.59
N TYR E 204 -22.22 -21.83 -36.41
CA TYR E 204 -23.58 -21.27 -36.44
C TYR E 204 -23.63 -19.77 -36.66
N GLN E 210 -27.10 -17.22 -32.81
CA GLN E 210 -25.87 -17.09 -32.03
C GLN E 210 -24.72 -17.92 -32.62
N ASN E 211 -23.51 -17.34 -32.66
CA ASN E 211 -22.33 -18.11 -33.02
C ASN E 211 -21.70 -18.66 -31.74
N ILE E 212 -21.40 -19.95 -31.78
CA ILE E 212 -20.94 -20.64 -30.54
C ILE E 212 -19.60 -21.35 -30.78
N LYS E 213 -19.01 -21.91 -29.72
CA LYS E 213 -17.74 -22.67 -29.85
C LYS E 213 -18.04 -24.15 -30.07
N ILE E 214 -17.25 -24.81 -30.91
CA ILE E 214 -17.40 -26.27 -31.14
C ILE E 214 -16.51 -26.99 -30.15
N ASN E 215 -17.06 -27.93 -29.38
CA ASN E 215 -16.22 -28.73 -28.51
C ASN E 215 -16.12 -30.18 -28.95
N ASP E 216 -16.52 -30.50 -30.18
CA ASP E 216 -16.49 -31.88 -30.64
C ASP E 216 -15.09 -32.45 -30.56
N ARG E 217 -14.99 -33.78 -30.67
CA ARG E 217 -13.71 -34.44 -30.59
C ARG E 217 -12.99 -34.36 -31.94
N PHE E 218 -11.79 -33.78 -31.94
CA PHE E 218 -10.98 -33.63 -33.14
C PHE E 218 -9.58 -34.18 -32.86
N GLU E 219 -9.20 -35.23 -33.58
CA GLU E 219 -7.98 -35.98 -33.31
C GLU E 219 -6.82 -35.43 -34.11
N PHE E 220 -5.66 -35.35 -33.48
CA PHE E 220 -4.49 -34.90 -34.21
C PHE E 220 -3.29 -35.75 -33.81
N PRO E 221 -2.50 -36.23 -34.78
CA PRO E 221 -1.41 -37.16 -34.48
C PRO E 221 -0.15 -36.48 -34.02
N GLU E 222 0.72 -37.28 -33.42
CA GLU E 222 2.05 -36.80 -33.04
C GLU E 222 2.92 -36.63 -34.28
N GLN E 223 2.78 -37.54 -35.24
CA GLN E 223 3.46 -37.48 -36.53
C GLN E 223 2.40 -37.26 -37.60
N LEU E 224 2.64 -36.26 -38.46
CA LEU E 224 1.64 -35.91 -39.50
C LEU E 224 2.31 -35.85 -40.88
N PRO E 225 2.11 -36.85 -41.78
CA PRO E 225 2.60 -36.72 -43.15
C PRO E 225 1.57 -36.01 -44.03
N LEU E 226 2.04 -35.04 -44.79
CA LEU E 226 1.12 -34.23 -45.65
C LEU E 226 1.55 -34.31 -47.12
N ASP E 227 2.48 -35.20 -47.47
CA ASP E 227 2.86 -35.39 -48.87
C ASP E 227 1.63 -35.56 -49.75
N GLU E 228 0.53 -36.05 -49.16
CA GLU E 228 -0.68 -36.28 -49.92
C GLU E 228 -1.29 -34.98 -50.43
N PHE E 229 -1.17 -33.91 -49.67
CA PHE E 229 -1.83 -32.67 -50.03
C PHE E 229 -0.90 -31.70 -50.76
N LEU E 230 0.22 -32.19 -51.27
CA LEU E 230 1.04 -31.41 -52.18
C LEU E 230 0.64 -31.73 -53.60
N GLN E 231 0.81 -30.74 -54.49
CA GLN E 231 0.69 -30.98 -55.92
C GLN E 231 1.87 -31.80 -56.44
N LYS E 232 3.00 -31.72 -55.74
CA LYS E 232 4.20 -32.48 -56.17
C LYS E 232 5.03 -32.86 -54.94
N THR E 233 5.12 -34.16 -54.66
CA THR E 233 5.98 -34.63 -53.58
C THR E 233 7.44 -34.43 -53.95
N ASP E 234 8.30 -34.59 -52.94
CA ASP E 234 9.75 -34.65 -53.11
C ASP E 234 10.25 -35.92 -52.45
N PRO E 235 10.86 -36.85 -53.20
CA PRO E 235 11.41 -38.06 -52.55
C PRO E 235 12.59 -37.75 -51.65
N LYS E 236 13.37 -36.72 -51.97
CA LYS E 236 14.49 -36.29 -51.13
C LYS E 236 14.03 -35.59 -49.85
N ASP E 237 12.81 -35.06 -49.83
CA ASP E 237 12.27 -34.36 -48.62
C ASP E 237 10.77 -34.66 -48.48
N PRO E 238 10.39 -35.71 -47.73
CA PRO E 238 8.98 -35.97 -47.47
C PRO E 238 8.33 -34.89 -46.58
N ALA E 239 7.09 -34.52 -46.89
CA ALA E 239 6.37 -33.50 -46.08
C ALA E 239 5.84 -34.17 -44.81
N ASN E 240 6.75 -34.67 -44.00
CA ASN E 240 6.40 -35.30 -42.73
C ASN E 240 6.67 -34.30 -41.61
N TYR E 241 5.65 -34.12 -40.79
CA TYR E 241 5.70 -33.09 -39.72
C TYR E 241 5.59 -33.71 -38.34
N ILE E 242 6.13 -33.03 -37.34
CA ILE E 242 6.19 -33.53 -35.97
C ILE E 242 5.60 -32.48 -35.02
N LEU E 243 4.62 -32.87 -34.22
CA LEU E 243 3.94 -31.91 -33.36
C LEU E 243 4.90 -31.27 -32.34
N HIS E 244 4.72 -29.96 -32.12
CA HIS E 244 5.61 -29.21 -31.19
C HIS E 244 4.80 -28.48 -30.13
N ALA E 245 3.59 -28.00 -30.48
CA ALA E 245 2.84 -27.16 -29.52
C ALA E 245 1.34 -27.30 -29.68
N VAL E 246 0.61 -27.27 -28.57
CA VAL E 246 -0.84 -27.34 -28.58
C VAL E 246 -1.40 -26.24 -27.72
N LEU E 247 -1.77 -25.15 -28.38
CA LEU E 247 -2.39 -24.00 -27.66
C LEU E 247 -3.82 -24.41 -27.34
N VAL E 248 -4.15 -24.42 -26.05
CA VAL E 248 -5.46 -24.97 -25.60
C VAL E 248 -6.33 -23.87 -25.01
N HIS E 249 -7.59 -23.79 -25.48
CA HIS E 249 -8.58 -22.79 -24.99
C HIS E 249 -9.58 -23.45 -24.06
N SER E 250 -10.02 -22.73 -23.04
CA SER E 250 -10.90 -23.24 -21.99
C SER E 250 -12.13 -22.34 -21.89
N GLY E 251 -13.24 -22.72 -22.53
CA GLY E 251 -14.45 -21.94 -22.33
C GLY E 251 -15.38 -21.78 -23.53
N ASP E 252 -15.84 -20.55 -23.81
CA ASP E 252 -16.75 -20.30 -24.92
C ASP E 252 -16.35 -19.13 -25.83
N HIS E 254 -17.60 -16.22 -25.73
CA HIS E 254 -17.48 -15.10 -24.80
C HIS E 254 -16.12 -15.09 -24.14
N GLY E 255 -16.01 -15.82 -23.03
CA GLY E 255 -14.83 -15.82 -22.19
C GLY E 255 -14.13 -17.16 -22.12
N GLY E 256 -13.06 -17.19 -21.34
CA GLY E 256 -12.29 -18.41 -21.19
C GLY E 256 -10.85 -18.16 -20.84
N HIS E 257 -10.04 -19.21 -20.95
CA HIS E 257 -8.60 -19.13 -20.56
C HIS E 257 -7.72 -19.89 -21.55
N TYR E 258 -6.48 -19.44 -21.72
CA TYR E 258 -5.56 -20.07 -22.69
C TYR E 258 -4.37 -20.73 -21.99
N VAL E 259 -3.97 -21.90 -22.48
CA VAL E 259 -2.81 -22.67 -21.93
C VAL E 259 -2.09 -23.25 -23.14
N VAL E 260 -0.78 -23.45 -23.04
CA VAL E 260 -0.02 -24.04 -24.15
C VAL E 260 0.79 -25.23 -23.64
N TYR E 261 0.59 -26.40 -24.25
CA TYR E 261 1.45 -27.56 -24.08
C TYR E 261 2.57 -27.57 -25.13
N LEU E 262 3.78 -27.89 -24.68
CA LEU E 262 4.94 -27.79 -25.60
C LEU E 262 6.03 -28.81 -25.28
N ASN E 263 6.62 -29.42 -26.31
CA ASN E 263 7.82 -30.27 -26.11
C ASN E 263 8.93 -29.43 -26.74
N PRO E 264 9.56 -28.50 -25.98
CA PRO E 264 10.47 -27.53 -26.59
C PRO E 264 11.66 -28.04 -27.42
N LYS E 265 11.98 -29.33 -27.34
CA LYS E 265 13.17 -29.89 -28.02
C LYS E 265 12.75 -30.90 -29.09
N GLY E 266 11.48 -31.28 -29.14
CA GLY E 266 11.05 -32.17 -30.19
C GLY E 266 11.20 -33.64 -29.91
N ASP E 267 11.31 -34.03 -28.63
CA ASP E 267 11.50 -35.43 -28.25
C ASP E 267 10.19 -36.12 -27.85
N GLY E 268 9.39 -35.50 -27.00
CA GLY E 268 8.21 -36.16 -26.50
C GLY E 268 8.15 -35.96 -25.00
N LYS E 269 9.07 -35.13 -24.50
CA LYS E 269 9.11 -34.75 -23.09
C LYS E 269 8.32 -33.45 -22.97
N TRP E 270 7.03 -33.62 -22.66
CA TRP E 270 6.08 -32.47 -22.68
C TRP E 270 6.03 -31.66 -21.39
N CYS E 271 5.55 -30.43 -21.51
CA CYS E 271 5.41 -29.53 -20.35
C CYS E 271 4.17 -28.65 -20.57
N LYS E 272 3.49 -28.25 -19.49
CA LYS E 272 2.31 -27.35 -19.57
C LYS E 272 2.70 -25.95 -19.11
N PHE E 273 2.15 -24.93 -19.75
CA PHE E 273 2.51 -23.52 -19.43
C PHE E 273 1.24 -22.73 -19.13
N ASP E 274 0.76 -22.77 -17.89
CA ASP E 274 -0.43 -21.99 -17.46
C ASP E 274 0.08 -20.71 -16.82
N ASP E 275 0.29 -19.68 -17.63
CA ASP E 275 0.81 -18.38 -17.14
C ASP E 275 2.04 -18.62 -16.24
N ASP E 276 1.96 -18.22 -14.97
CA ASP E 276 3.12 -18.29 -14.03
C ASP E 276 3.55 -19.72 -13.70
N VAL E 277 2.73 -20.73 -14.00
CA VAL E 277 3.10 -22.10 -13.55
C VAL E 277 3.52 -22.96 -14.73
N VAL E 278 4.71 -23.56 -14.64
CA VAL E 278 5.16 -24.52 -15.68
C VAL E 278 5.19 -25.89 -15.04
N SER E 279 4.38 -26.80 -15.55
CA SER E 279 4.30 -28.19 -15.00
C SER E 279 4.79 -29.18 -16.03
N ARG E 280 5.25 -30.35 -15.59
CA ARG E 280 5.62 -31.41 -16.55
C ARG E 280 4.35 -32.18 -16.90
N CYS E 281 4.29 -32.74 -18.12
CA CYS E 281 3.03 -33.37 -18.57
C CYS E 281 3.26 -34.73 -19.21
N THR E 282 2.16 -35.43 -19.46
CA THR E 282 2.23 -36.72 -20.17
C THR E 282 1.95 -36.45 -21.64
N LYS E 283 2.26 -37.40 -22.51
CA LYS E 283 1.90 -37.23 -23.94
C LYS E 283 0.38 -37.10 -24.03
N GLU E 284 -0.36 -38.02 -23.40
CA GLU E 284 -1.84 -37.98 -23.43
C GLU E 284 -2.35 -36.67 -22.84
N GLU E 285 -1.78 -36.21 -21.71
CA GLU E 285 -2.30 -35.00 -21.02
C GLU E 285 -2.05 -33.72 -21.83
N ALA E 286 -1.33 -33.82 -22.95
CA ALA E 286 -1.08 -32.65 -23.81
C ALA E 286 -1.68 -32.92 -25.18
N ILE E 287 -1.86 -34.19 -25.52
CA ILE E 287 -2.39 -34.54 -26.86
C ILE E 287 -3.80 -35.10 -26.68
N GLU E 288 -3.96 -36.39 -26.40
CA GLU E 288 -5.30 -37.03 -26.36
C GLU E 288 -6.29 -36.25 -25.47
N HIS E 289 -5.84 -35.71 -24.35
CA HIS E 289 -6.72 -34.99 -23.43
C HIS E 289 -7.20 -33.63 -23.96
N ASN E 290 -6.71 -33.19 -25.12
CA ASN E 290 -7.17 -31.94 -25.73
C ASN E 290 -7.80 -32.20 -27.08
N TYR E 291 -8.29 -33.43 -27.31
CA TYR E 291 -9.09 -33.73 -28.48
C TYR E 291 -10.52 -33.24 -28.30
N GLY E 292 -10.96 -33.08 -27.05
CA GLY E 292 -12.24 -32.49 -26.75
C GLY E 292 -13.40 -33.46 -26.89
N GLY E 293 -14.52 -33.12 -26.24
CA GLY E 293 -15.68 -34.02 -26.27
C GLY E 293 -16.12 -34.37 -24.86
N ARG E 301 -13.73 -29.00 -18.34
CA ARG E 301 -13.19 -30.24 -18.88
C ARG E 301 -13.78 -30.53 -20.27
N HIS E 302 -15.11 -30.57 -20.35
CA HIS E 302 -15.76 -30.79 -21.64
C HIS E 302 -15.43 -29.67 -22.62
N CYS E 303 -15.38 -28.43 -22.13
CA CYS E 303 -15.20 -27.22 -22.93
C CYS E 303 -13.73 -26.85 -23.16
N THR E 304 -12.82 -27.83 -23.05
CA THR E 304 -11.39 -27.57 -23.14
C THR E 304 -10.79 -28.43 -24.24
N ASN E 305 -9.97 -27.82 -25.09
CA ASN E 305 -9.48 -28.49 -26.29
C ASN E 305 -8.51 -27.60 -27.04
N ALA E 306 -7.80 -28.21 -28.00
CA ALA E 306 -6.82 -27.49 -28.81
C ALA E 306 -7.51 -26.55 -29.78
N TYR E 307 -7.00 -25.31 -29.85
CA TYR E 307 -7.42 -24.32 -30.84
C TYR E 307 -6.40 -24.13 -31.94
N MET E 308 -5.12 -24.10 -31.57
CA MET E 308 -4.02 -23.91 -32.55
C MET E 308 -2.98 -25.02 -32.37
N LEU E 309 -2.46 -25.54 -33.47
CA LEU E 309 -1.48 -26.64 -33.43
C LEU E 309 -0.24 -26.25 -34.21
N VAL E 310 0.93 -26.40 -33.60
CA VAL E 310 2.21 -26.08 -34.28
C VAL E 310 2.95 -27.39 -34.56
N TYR E 311 3.19 -27.68 -35.83
CA TYR E 311 3.95 -28.88 -36.23
C TYR E 311 5.25 -28.40 -36.87
N ILE E 312 6.33 -29.14 -36.64
CA ILE E 312 7.63 -28.77 -37.27
C ILE E 312 8.07 -29.88 -38.22
N ARG E 313 8.51 -29.52 -39.42
CA ARG E 313 8.97 -30.50 -40.44
C ARG E 313 10.21 -31.21 -39.92
N GLU E 314 10.24 -32.54 -40.05
CA GLU E 314 11.37 -33.30 -39.50
C GLU E 314 12.68 -32.90 -40.15
N SER E 315 12.62 -32.64 -41.46
CA SER E 315 13.83 -32.29 -42.24
C SER E 315 14.40 -30.94 -41.80
N LYS E 316 13.58 -30.09 -41.18
CA LYS E 316 14.03 -28.80 -40.69
C LYS E 316 14.08 -28.75 -39.17
N LEU E 317 13.67 -29.84 -38.50
CA LEU E 317 13.54 -29.80 -37.05
C LEU E 317 14.88 -29.50 -36.40
N SER E 318 15.94 -30.17 -36.84
CA SER E 318 17.25 -29.96 -36.22
C SER E 318 17.66 -28.51 -36.31
N GLU E 319 17.27 -27.82 -37.38
CA GLU E 319 17.66 -26.43 -37.59
C GLU E 319 16.73 -25.47 -36.86
N VAL E 320 15.42 -25.72 -36.93
CA VAL E 320 14.46 -24.85 -36.27
C VAL E 320 14.74 -24.81 -34.78
N LEU E 321 15.06 -25.95 -34.19
CA LEU E 321 15.23 -26.08 -32.75
C LEU E 321 16.70 -26.13 -32.35
N GLN E 322 17.62 -25.75 -33.25
CA GLN E 322 19.01 -25.51 -32.89
C GLN E 322 19.09 -24.82 -31.55
N ALA E 323 19.96 -25.34 -30.68
CA ALA E 323 20.08 -24.80 -29.33
C ALA E 323 20.47 -23.33 -29.36
N VAL E 324 20.01 -22.63 -28.32
CA VAL E 324 20.32 -21.18 -28.19
C VAL E 324 21.12 -20.99 -26.91
N THR E 325 22.30 -20.39 -27.04
CA THR E 325 23.21 -20.11 -25.92
C THR E 325 23.37 -18.60 -25.77
N ASP E 326 24.06 -18.15 -24.73
CA ASP E 326 24.34 -16.69 -24.57
C ASP E 326 25.39 -16.28 -25.62
N HIS E 327 25.96 -17.23 -26.33
CA HIS E 327 26.91 -16.92 -27.43
C HIS E 327 26.11 -16.38 -28.61
N ASP E 328 24.81 -16.70 -28.66
CA ASP E 328 23.93 -16.23 -29.76
C ASP E 328 23.36 -14.86 -29.39
N ILE E 329 23.26 -14.58 -28.09
CA ILE E 329 22.68 -13.29 -27.62
C ILE E 329 23.81 -12.27 -27.55
N PRO E 330 23.75 -11.19 -28.36
CA PRO E 330 24.82 -10.19 -28.39
C PRO E 330 25.04 -9.49 -27.04
N GLN E 331 26.25 -8.97 -26.82
CA GLN E 331 26.58 -8.31 -25.53
C GLN E 331 25.90 -6.95 -25.45
N GLN E 332 25.84 -6.21 -26.57
CA GLN E 332 25.14 -4.93 -26.58
C GLN E 332 23.75 -5.08 -25.98
N LEU E 333 23.16 -6.25 -26.15
CA LEU E 333 21.77 -6.48 -25.64
C LEU E 333 21.82 -6.73 -24.14
N VAL E 334 22.63 -7.69 -23.70
CA VAL E 334 22.62 -8.02 -22.28
C VAL E 334 23.01 -6.81 -21.46
N GLU E 335 23.83 -5.93 -22.03
CA GLU E 335 24.12 -4.66 -21.38
C GLU E 335 22.82 -3.88 -21.12
N ARG E 336 22.09 -3.53 -22.18
CA ARG E 336 20.90 -2.70 -22.02
C ARG E 336 19.89 -3.34 -21.08
N LEU E 337 19.87 -4.68 -21.00
CA LEU E 337 18.92 -5.36 -20.12
C LEU E 337 19.38 -5.36 -18.66
N GLN E 338 20.69 -5.31 -18.42
CA GLN E 338 21.19 -5.09 -17.06
C GLN E 338 20.94 -3.67 -16.58
N GLU E 339 20.79 -2.71 -17.50
CA GLU E 339 20.63 -1.30 -17.13
C GLU E 339 19.41 -1.05 -16.26
N GLU E 340 18.44 -1.97 -16.26
CA GLU E 340 17.26 -1.89 -15.40
C GLU E 340 17.62 -1.74 -13.92
N MET F 1 -15.06 -6.44 -59.16
CA MET F 1 -14.48 -7.76 -59.29
C MET F 1 -15.00 -8.77 -58.30
N GLN F 2 -14.79 -10.04 -58.67
CA GLN F 2 -15.28 -11.16 -57.85
C GLN F 2 -14.10 -11.82 -57.14
N ILE F 3 -14.17 -11.85 -55.81
CA ILE F 3 -13.13 -12.52 -55.01
C ILE F 3 -13.76 -13.75 -54.37
N PHE F 4 -12.95 -14.48 -53.63
CA PHE F 4 -13.46 -15.68 -52.94
C PHE F 4 -13.25 -15.52 -51.45
N VAL F 5 -14.28 -15.78 -50.67
CA VAL F 5 -14.16 -15.83 -49.22
C VAL F 5 -14.35 -17.28 -48.84
N LYS F 6 -13.46 -17.79 -48.02
CA LYS F 6 -13.58 -19.14 -47.50
C LYS F 6 -14.22 -19.01 -46.13
N THR F 7 -15.43 -19.54 -45.98
CA THR F 7 -16.25 -19.27 -44.79
C THR F 7 -15.99 -20.31 -43.69
N LEU F 8 -16.76 -20.21 -42.59
CA LEU F 8 -16.50 -21.03 -41.43
C LEU F 8 -16.81 -22.49 -41.69
N THR F 9 -17.78 -22.77 -42.56
CA THR F 9 -18.03 -24.17 -42.91
C THR F 9 -16.91 -24.76 -43.75
N GLY F 10 -15.88 -23.99 -44.06
CA GLY F 10 -14.85 -24.45 -44.94
C GLY F 10 -15.13 -24.22 -46.41
N LYS F 11 -16.37 -23.93 -46.77
CA LYS F 11 -16.80 -23.78 -48.16
C LYS F 11 -16.58 -22.36 -48.65
N THR F 12 -16.47 -22.22 -49.96
CA THR F 12 -16.04 -20.99 -50.62
C THR F 12 -17.25 -20.28 -51.23
N ILE F 13 -17.48 -19.04 -50.82
CA ILE F 13 -18.50 -18.23 -51.46
C ILE F 13 -17.82 -17.16 -52.29
N THR F 14 -18.58 -16.60 -53.21
CA THR F 14 -18.08 -15.49 -54.00
C THR F 14 -18.59 -14.16 -53.44
N LEU F 15 -17.81 -13.10 -53.69
CA LEU F 15 -18.19 -11.73 -53.26
C LEU F 15 -17.86 -10.73 -54.36
N GLU F 16 -18.79 -9.84 -54.71
CA GLU F 16 -18.54 -8.78 -55.69
C GLU F 16 -18.10 -7.53 -54.92
N VAL F 17 -16.87 -7.10 -55.15
CA VAL F 17 -16.34 -5.95 -54.44
C VAL F 17 -15.60 -5.04 -55.41
N GLU F 18 -15.55 -3.74 -55.07
CA GLU F 18 -14.63 -2.93 -55.84
C GLU F 18 -13.29 -2.84 -55.12
N PRO F 19 -12.20 -2.67 -55.88
CA PRO F 19 -10.88 -2.41 -55.27
C PRO F 19 -10.87 -1.18 -54.36
N SER F 20 -11.82 -0.27 -54.51
CA SER F 20 -12.00 0.88 -53.63
C SER F 20 -12.58 0.48 -52.27
N ASP F 21 -13.04 -0.75 -52.09
CA ASP F 21 -13.87 -1.06 -50.93
C ASP F 21 -13.05 -1.19 -49.67
N THR F 22 -13.49 -0.56 -48.61
CA THR F 22 -12.79 -0.72 -47.35
C THR F 22 -13.11 -2.08 -46.72
N ILE F 23 -12.30 -2.45 -45.72
CA ILE F 23 -12.45 -3.76 -45.08
C ILE F 23 -13.83 -3.87 -44.44
N GLU F 24 -14.30 -2.79 -43.83
CA GLU F 24 -15.64 -2.88 -43.25
C GLU F 24 -16.68 -2.90 -44.35
N ASN F 25 -16.40 -2.27 -45.49
CA ASN F 25 -17.27 -2.42 -46.65
C ASN F 25 -17.37 -3.88 -47.04
N VAL F 26 -16.23 -4.57 -47.09
CA VAL F 26 -16.19 -6.01 -47.47
C VAL F 26 -16.83 -6.82 -46.35
N LYS F 27 -16.58 -6.45 -45.09
CA LYS F 27 -17.26 -7.16 -44.01
C LYS F 27 -18.77 -6.94 -44.09
N ALA F 28 -19.20 -5.83 -44.67
CA ALA F 28 -20.64 -5.56 -44.75
C ALA F 28 -21.30 -6.50 -45.72
N LYS F 29 -20.63 -6.76 -46.85
CA LYS F 29 -21.12 -7.71 -47.83
C LYS F 29 -21.08 -9.16 -47.33
N ILE F 30 -20.10 -9.52 -46.48
CA ILE F 30 -20.09 -10.86 -45.92
C ILE F 30 -21.31 -11.07 -45.04
N GLN F 31 -21.69 -10.06 -44.25
CA GLN F 31 -22.94 -10.13 -43.49
C GLN F 31 -24.14 -10.26 -44.42
N ASP F 32 -24.12 -9.58 -45.57
CA ASP F 32 -25.20 -9.76 -46.52
C ASP F 32 -25.34 -11.22 -46.93
N LYS F 33 -24.26 -11.84 -47.38
CA LYS F 33 -24.36 -13.19 -47.94
C LYS F 33 -24.22 -14.30 -46.90
N GLU F 34 -23.50 -14.10 -45.80
CA GLU F 34 -23.31 -15.16 -44.83
C GLU F 34 -23.94 -14.91 -43.47
N GLY F 35 -24.32 -13.67 -43.16
CA GLY F 35 -24.99 -13.37 -41.90
C GLY F 35 -24.10 -13.18 -40.70
N ILE F 36 -22.78 -13.15 -40.84
CA ILE F 36 -21.90 -12.90 -39.70
C ILE F 36 -21.92 -11.41 -39.43
N PRO F 37 -22.23 -10.96 -38.23
CA PRO F 37 -22.06 -9.53 -37.92
C PRO F 37 -20.63 -9.10 -38.21
N PRO F 38 -20.43 -7.89 -38.72
CA PRO F 38 -19.05 -7.43 -38.98
C PRO F 38 -18.17 -7.31 -37.73
N ASP F 39 -18.73 -6.97 -36.57
CA ASP F 39 -18.01 -6.99 -35.29
C ASP F 39 -17.15 -8.25 -35.17
N GLN F 40 -17.69 -9.37 -35.62
CA GLN F 40 -17.18 -10.69 -35.28
C GLN F 40 -16.27 -11.28 -36.36
N GLN F 41 -16.24 -10.69 -37.55
CA GLN F 41 -15.43 -11.25 -38.62
C GLN F 41 -13.98 -10.82 -38.52
N ARG F 42 -13.11 -11.77 -38.89
CA ARG F 42 -11.66 -11.52 -39.00
C ARG F 42 -11.25 -12.08 -40.35
N LEU F 43 -10.59 -11.29 -41.20
CA LEU F 43 -10.26 -11.70 -42.55
C LEU F 43 -8.75 -11.90 -42.70
N ILE F 44 -8.34 -13.15 -42.92
CA ILE F 44 -6.94 -13.48 -43.14
C ILE F 44 -6.70 -13.66 -44.64
N PHE F 45 -5.70 -12.96 -45.17
CA PHE F 45 -5.24 -13.06 -46.56
C PHE F 45 -3.73 -12.95 -46.59
N ALA F 46 -3.05 -13.97 -47.14
CA ALA F 46 -1.59 -13.96 -47.32
C ALA F 46 -0.82 -13.66 -46.05
N GLY F 47 -1.27 -14.22 -44.94
CA GLY F 47 -0.63 -14.03 -43.66
C GLY F 47 -1.17 -12.90 -42.84
N LYS F 48 -1.76 -11.89 -43.48
CA LYS F 48 -2.08 -10.62 -42.82
C LYS F 48 -3.55 -10.54 -42.44
N GLN F 49 -3.85 -10.19 -41.18
CA GLN F 49 -5.22 -9.84 -40.82
C GLN F 49 -5.56 -8.45 -41.36
N LEU F 50 -6.60 -8.38 -42.20
CA LEU F 50 -7.01 -7.11 -42.78
C LEU F 50 -7.69 -6.23 -41.73
N GLU F 51 -7.45 -4.93 -41.80
CA GLU F 51 -7.92 -4.05 -40.73
C GLU F 51 -8.83 -2.95 -41.27
N ASP F 52 -9.83 -2.62 -40.47
CA ASP F 52 -10.75 -1.55 -40.81
C ASP F 52 -9.98 -0.27 -41.07
N GLY F 53 -10.39 0.44 -42.10
CA GLY F 53 -9.71 1.67 -42.44
C GLY F 53 -9.01 1.50 -43.76
N ARG F 54 -8.32 0.38 -43.92
CA ARG F 54 -7.60 0.16 -45.17
C ARG F 54 -8.56 -0.37 -46.25
N THR F 55 -8.05 -0.55 -47.45
CA THR F 55 -8.92 -0.89 -48.57
C THR F 55 -8.30 -2.04 -49.34
N LEU F 56 -9.14 -2.80 -50.05
CA LEU F 56 -8.67 -4.04 -50.72
C LEU F 56 -7.41 -3.83 -51.56
N SER F 57 -7.39 -2.79 -52.41
CA SER F 57 -6.21 -2.63 -53.26
C SER F 57 -4.96 -2.44 -52.43
N ASP F 58 -5.09 -1.90 -51.20
CA ASP F 58 -3.92 -1.73 -50.34
C ASP F 58 -3.22 -3.06 -50.08
N TYR F 59 -3.94 -4.18 -50.19
CA TYR F 59 -3.37 -5.50 -50.04
C TYR F 59 -3.14 -6.19 -51.38
N ASN F 60 -3.32 -5.50 -52.49
CA ASN F 60 -3.27 -6.14 -53.80
C ASN F 60 -4.21 -7.33 -53.88
N ILE F 61 -5.32 -7.24 -53.14
CA ILE F 61 -6.40 -8.20 -53.34
C ILE F 61 -7.05 -7.89 -54.67
N GLN F 62 -7.34 -8.93 -55.43
CA GLN F 62 -7.94 -8.72 -56.76
C GLN F 62 -8.92 -9.84 -57.08
N LYS F 63 -9.45 -9.83 -58.29
CA LYS F 63 -10.27 -10.93 -58.77
C LYS F 63 -9.60 -12.26 -58.48
N GLU F 64 -10.38 -13.20 -57.95
CA GLU F 64 -9.99 -14.58 -57.64
C GLU F 64 -9.10 -14.70 -56.40
N SER F 65 -8.82 -13.62 -55.69
CA SER F 65 -8.13 -13.75 -54.41
C SER F 65 -9.05 -14.37 -53.38
N THR F 66 -8.50 -15.26 -52.56
CA THR F 66 -9.26 -15.94 -51.54
C THR F 66 -9.00 -15.28 -50.20
N LEU F 67 -10.07 -14.88 -49.53
CA LEU F 67 -10.00 -14.37 -48.16
C LEU F 67 -10.46 -15.44 -47.19
N HIS F 68 -9.79 -15.52 -46.05
CA HIS F 68 -10.07 -16.57 -45.08
C HIS F 68 -10.81 -15.96 -43.90
N LEU F 69 -12.10 -16.30 -43.79
CA LEU F 69 -12.93 -15.78 -42.72
C LEU F 69 -12.78 -16.65 -41.50
N VAL F 70 -12.66 -15.99 -40.35
CA VAL F 70 -12.40 -16.69 -39.08
C VAL F 70 -13.05 -15.87 -37.97
N LEU F 71 -13.32 -16.49 -36.82
CA LEU F 71 -13.95 -15.77 -35.70
C LEU F 71 -12.94 -15.60 -34.56
N ARG F 72 -13.42 -15.58 -33.32
CA ARG F 72 -12.58 -15.28 -32.18
C ARG F 72 -12.87 -16.28 -31.06
N LEU F 73 -11.81 -16.68 -30.36
CA LEU F 73 -11.95 -17.52 -29.15
C LEU F 73 -11.17 -16.75 -28.09
N ARG F 74 -11.85 -15.91 -27.30
CA ARG F 74 -11.18 -15.01 -26.37
C ARG F 74 -10.85 -15.74 -25.07
N GLY F 75 -9.71 -15.39 -24.47
CA GLY F 75 -9.30 -16.05 -23.26
C GLY F 75 -8.56 -15.18 -22.27
N TYR G 6 10.65 -26.27 27.12
CA TYR G 6 11.40 -25.02 27.39
C TYR G 6 10.46 -23.94 27.93
N VAL G 7 11.03 -22.89 28.50
CA VAL G 7 10.20 -21.78 29.06
C VAL G 7 10.58 -20.46 28.40
N GLY G 8 9.69 -19.48 28.49
CA GLY G 8 9.95 -18.17 27.88
C GLY G 8 10.29 -17.11 28.88
N LEU G 9 10.61 -15.91 28.39
CA LEU G 9 10.98 -14.77 29.21
C LEU G 9 10.02 -13.61 28.90
N LYS G 10 9.45 -13.02 29.95
CA LYS G 10 8.39 -12.04 29.81
C LYS G 10 8.91 -10.66 29.44
N ASN G 11 8.09 -9.92 28.67
CA ASN G 11 8.49 -8.57 28.20
C ASN G 11 7.99 -7.51 29.18
N GLN G 12 8.90 -6.68 29.68
CA GLN G 12 8.51 -5.56 30.56
C GLN G 12 7.79 -4.49 29.72
N GLY G 13 7.96 -4.53 28.40
CA GLY G 13 7.36 -3.54 27.49
C GLY G 13 8.10 -3.51 26.17
N ALA G 14 9.42 -3.37 26.21
CA ALA G 14 10.22 -3.31 24.97
C ALA G 14 11.56 -4.04 25.13
N THR G 15 11.66 -5.00 26.04
CA THR G 15 12.85 -5.82 26.17
C THR G 15 12.89 -6.99 25.19
N CYS G 16 12.36 -6.82 23.98
CA CYS G 16 12.48 -7.88 22.96
C CYS G 16 13.94 -8.29 22.87
N TYR G 17 14.86 -7.32 22.81
CA TYR G 17 16.31 -7.56 22.67
C TYR G 17 16.89 -8.38 23.81
N MET G 18 16.69 -7.94 25.04
CA MET G 18 17.29 -8.63 26.18
C MET G 18 16.72 -10.04 26.34
N ASN G 19 15.46 -10.23 25.98
CA ASN G 19 14.89 -11.56 26.02
C ASN G 19 15.61 -12.46 25.03
N SER G 20 15.77 -11.98 23.78
CA SER G 20 16.31 -12.86 22.76
C SER G 20 17.72 -13.30 23.13
N LEU G 21 18.49 -12.43 23.80
CA LEU G 21 19.91 -12.73 24.09
C LEU G 21 20.06 -13.58 25.34
N LEU G 22 19.28 -13.30 26.38
CA LEU G 22 19.34 -14.10 27.63
C LEU G 22 19.14 -15.56 27.25
N GLN G 23 18.24 -15.85 26.32
CA GLN G 23 18.09 -17.22 25.82
C GLN G 23 19.35 -17.68 25.12
N THR G 24 19.86 -16.88 24.19
CA THR G 24 21.13 -17.22 23.50
C THR G 24 22.22 -17.52 24.54
N LEU G 25 22.37 -16.67 25.56
CA LEU G 25 23.48 -16.86 26.52
C LEU G 25 23.14 -17.94 27.56
N PHE G 26 21.87 -18.23 27.79
CA PHE G 26 21.53 -19.36 28.71
C PHE G 26 21.84 -20.68 28.00
N PHE G 27 21.56 -20.75 26.70
CA PHE G 27 21.78 -22.01 25.95
C PHE G 27 23.27 -22.18 25.68
N THR G 28 24.09 -21.19 26.02
CA THR G 28 25.55 -21.40 25.97
C THR G 28 25.83 -22.02 27.33
N ASN G 29 25.47 -23.30 27.51
CA ASN G 29 25.57 -23.97 28.82
C ASN G 29 26.91 -23.74 29.53
N GLN G 30 28.02 -23.73 28.79
CA GLN G 30 29.34 -23.55 29.42
C GLN G 30 29.33 -22.21 30.15
N LEU G 31 28.89 -21.15 29.48
CA LEU G 31 28.76 -19.83 30.15
C LEU G 31 27.75 -19.97 31.29
N ARG G 32 26.60 -20.58 31.02
CA ARG G 32 25.57 -20.69 32.06
C ARG G 32 26.13 -21.34 33.31
N LYS G 33 26.94 -22.40 33.15
CA LYS G 33 27.58 -23.06 34.28
C LYS G 33 28.58 -22.14 34.96
N ALA G 34 29.39 -21.43 34.17
CA ALA G 34 30.30 -20.45 34.75
C ALA G 34 29.57 -19.43 35.62
N VAL G 35 28.31 -19.15 35.30
CA VAL G 35 27.59 -18.06 35.97
C VAL G 35 27.10 -18.50 37.35
N TYR G 36 26.48 -19.67 37.44
CA TYR G 36 26.04 -20.17 38.75
C TYR G 36 27.21 -20.22 39.74
N MET G 37 28.42 -20.50 39.25
CA MET G 37 29.60 -20.63 40.09
C MET G 37 30.13 -19.28 40.59
N MET G 38 29.67 -18.16 40.04
CA MET G 38 30.22 -16.86 40.43
C MET G 38 30.02 -16.63 41.92
N PRO G 39 31.02 -16.04 42.64
CA PRO G 39 30.97 -15.89 44.10
C PRO G 39 29.96 -14.86 44.58
N THR G 40 28.71 -15.07 44.20
CA THR G 40 27.65 -14.20 44.70
C THR G 40 27.43 -14.53 46.18
N SER G 46 19.28 -7.15 44.68
CA SER G 46 19.59 -7.22 43.22
C SER G 46 20.50 -6.07 42.81
N LYS G 47 21.68 -5.94 43.44
CA LYS G 47 22.59 -4.90 42.95
C LYS G 47 23.68 -5.45 42.03
N SER G 48 23.71 -6.75 41.79
CA SER G 48 24.75 -7.40 41.00
C SER G 48 24.15 -8.00 39.73
N VAL G 49 24.73 -7.64 38.58
CA VAL G 49 24.36 -8.30 37.33
C VAL G 49 24.56 -9.82 37.41
N PRO G 50 25.66 -10.34 37.97
CA PRO G 50 25.77 -11.81 38.06
C PRO G 50 24.69 -12.43 38.92
N LEU G 51 24.46 -11.85 40.11
CA LEU G 51 23.43 -12.37 41.00
C LEU G 51 22.08 -12.42 40.31
N ALA G 52 21.69 -11.33 39.65
CA ALA G 52 20.44 -11.32 38.90
C ALA G 52 20.51 -12.25 37.69
N LEU G 53 21.69 -12.37 37.06
CA LEU G 53 21.85 -13.29 35.94
C LEU G 53 21.73 -14.73 36.39
N GLN G 54 22.27 -15.04 37.58
CA GLN G 54 22.09 -16.36 38.14
C GLN G 54 20.62 -16.66 38.36
N ARG G 55 19.89 -15.70 38.93
CA ARG G 55 18.48 -15.89 39.20
C ARG G 55 17.70 -16.20 37.93
N VAL G 56 17.93 -15.40 36.88
CA VAL G 56 17.23 -15.62 35.61
C VAL G 56 17.67 -16.93 34.98
N PHE G 57 18.97 -17.18 34.95
CA PHE G 57 19.51 -18.39 34.35
C PHE G 57 18.98 -19.64 35.04
N TYR G 58 18.55 -19.53 36.29
CA TYR G 58 17.99 -20.72 36.99
C TYR G 58 16.53 -20.95 36.59
N GLU G 59 15.71 -19.92 36.68
CA GLU G 59 14.29 -20.08 36.42
C GLU G 59 13.99 -20.43 34.97
N LEU G 60 14.95 -20.19 34.06
CA LEU G 60 14.82 -20.68 32.70
C LEU G 60 15.13 -22.18 32.59
N GLN G 61 15.83 -22.76 33.56
CA GLN G 61 16.06 -24.21 33.66
C GLN G 61 15.18 -24.85 34.72
N HIS G 62 14.12 -24.17 35.15
CA HIS G 62 13.26 -24.63 36.22
C HIS G 62 11.99 -23.80 36.26
N ASP G 64 8.28 -23.38 34.84
CA ASP G 64 7.18 -23.86 34.02
C ASP G 64 6.23 -22.73 33.64
N LYS G 65 6.50 -21.52 34.16
CA LYS G 65 5.74 -20.33 33.79
C LYS G 65 6.66 -19.19 33.40
N VAL G 67 9.39 -16.23 32.87
CA VAL G 67 10.51 -15.77 33.74
C VAL G 67 10.50 -14.25 33.79
N GLY G 68 10.50 -13.69 35.00
CA GLY G 68 10.45 -12.24 35.17
C GLY G 68 11.80 -11.57 35.30
N THR G 69 12.17 -10.79 34.28
CA THR G 69 13.45 -10.09 34.17
C THR G 69 13.57 -8.88 35.09
N LYS G 70 12.56 -8.57 35.91
CA LYS G 70 12.50 -7.26 36.55
C LYS G 70 13.73 -6.96 37.41
N LYS G 71 14.33 -7.98 38.03
CA LYS G 71 15.50 -7.75 38.87
C LYS G 71 16.77 -7.50 38.07
N LEU G 72 16.83 -7.95 36.81
CA LEU G 72 18.05 -7.80 35.98
C LEU G 72 18.15 -6.35 35.49
N THR G 73 17.05 -5.80 34.99
CA THR G 73 17.05 -4.41 34.48
C THR G 73 17.35 -3.46 35.63
N LYS G 74 16.89 -3.79 36.84
CA LYS G 74 17.22 -2.95 38.00
C LYS G 74 18.67 -3.19 38.37
N SER G 75 19.17 -4.42 38.19
CA SER G 75 20.61 -4.65 38.42
C SER G 75 21.38 -3.74 37.48
N PHE G 76 20.79 -3.37 36.34
CA PHE G 76 21.45 -2.43 35.41
C PHE G 76 21.32 -0.99 35.92
N GLY G 77 20.66 -0.77 37.07
CA GLY G 77 20.46 0.59 37.55
C GLY G 77 19.38 1.37 36.83
N TRP G 78 18.46 0.66 36.20
CA TRP G 78 17.42 1.33 35.39
C TRP G 78 16.11 1.45 36.16
N GLU G 79 15.21 2.33 35.72
CA GLU G 79 13.85 2.42 36.32
C GLU G 79 12.87 1.71 35.39
N THR G 80 11.58 2.00 35.51
CA THR G 80 10.57 1.26 34.71
C THR G 80 10.58 1.78 33.27
N LEU G 81 10.69 3.09 33.08
CA LEU G 81 10.67 3.70 31.72
C LEU G 81 11.85 3.17 30.91
N ASP G 82 12.99 2.95 31.57
CA ASP G 82 14.20 2.46 30.88
C ASP G 82 13.89 1.10 30.26
N SER G 83 12.81 0.46 30.67
CA SER G 83 12.47 -0.84 30.12
C SER G 83 11.39 -0.75 29.04
N PHE G 84 11.03 0.45 28.61
CA PHE G 84 10.19 0.67 27.44
C PHE G 84 10.97 1.27 26.29
N MET G 85 12.30 1.14 26.34
CA MET G 85 13.21 1.65 25.32
C MET G 85 13.65 0.50 24.42
N GLN G 86 13.57 0.70 23.12
CA GLN G 86 13.98 -0.32 22.18
C GLN G 86 15.49 -0.23 21.96
N HIS G 87 16.09 -1.39 21.77
CA HIS G 87 17.56 -1.38 21.73
C HIS G 87 18.16 -2.38 20.77
N ASP G 88 19.42 -2.13 20.41
CA ASP G 88 20.18 -3.04 19.52
C ASP G 88 20.62 -4.24 20.35
N VAL G 89 20.32 -5.43 19.85
CA VAL G 89 20.70 -6.66 20.53
C VAL G 89 22.21 -6.75 20.68
N GLN G 90 22.94 -6.41 19.62
CA GLN G 90 24.38 -6.61 19.60
C GLN G 90 25.08 -5.57 20.48
N GLU G 91 24.49 -4.39 20.65
CA GLU G 91 25.04 -3.46 21.62
C GLU G 91 24.87 -4.01 23.02
N LEU G 92 23.75 -4.68 23.29
CA LEU G 92 23.54 -5.24 24.60
C LEU G 92 24.55 -6.35 24.90
N CYS G 93 24.83 -7.19 23.91
CA CYS G 93 25.83 -8.28 24.09
C CYS G 93 27.15 -7.70 24.59
N ARG G 94 27.72 -6.77 23.83
CA ARG G 94 29.03 -6.19 24.20
C ARG G 94 28.97 -5.60 25.60
N VAL G 95 27.99 -4.76 25.89
CA VAL G 95 27.93 -4.16 27.20
C VAL G 95 27.81 -5.24 28.29
N LEU G 96 26.96 -6.24 28.06
CA LEU G 96 26.69 -7.23 29.11
C LEU G 96 27.86 -8.20 29.30
N LEU G 97 28.39 -8.77 28.21
CA LEU G 97 29.50 -9.70 28.34
C LEU G 97 30.74 -9.01 28.91
N ASP G 98 30.95 -7.74 28.56
CA ASP G 98 32.09 -7.03 29.12
C ASP G 98 31.94 -6.85 30.62
N ASN G 99 30.71 -6.73 31.09
CA ASN G 99 30.45 -6.55 32.52
C ASN G 99 30.67 -7.84 33.31
N VAL G 100 30.21 -8.97 32.77
CA VAL G 100 30.28 -10.26 33.45
C VAL G 100 31.71 -10.79 33.45
N GLU G 101 32.48 -10.53 32.38
CA GLU G 101 33.87 -10.95 32.33
C GLU G 101 34.71 -10.20 33.36
N ASN G 102 34.44 -8.93 33.54
CA ASN G 102 35.12 -8.22 34.62
C ASN G 102 34.62 -8.68 35.97
N LYS G 103 33.35 -9.08 36.05
CA LYS G 103 32.84 -9.59 37.32
C LYS G 103 33.50 -10.91 37.67
N MET G 104 33.89 -11.69 36.67
CA MET G 104 34.52 -12.98 36.89
C MET G 104 36.01 -12.90 37.17
N LYS G 105 36.57 -11.72 37.41
CA LYS G 105 38.02 -11.55 37.55
C LYS G 105 38.43 -11.79 38.99
N GLY G 106 39.45 -12.62 39.19
CA GLY G 106 39.82 -13.00 40.53
C GLY G 106 38.95 -14.07 41.12
N THR G 107 38.26 -14.81 40.23
CA THR G 107 37.33 -15.88 40.65
C THR G 107 37.71 -17.21 39.99
N CYS G 108 36.97 -18.28 40.28
CA CYS G 108 37.27 -19.64 39.77
C CYS G 108 36.95 -19.76 38.28
N VAL G 109 36.14 -18.85 37.75
CA VAL G 109 35.71 -18.88 36.33
C VAL G 109 36.28 -17.68 35.58
N GLU G 110 37.40 -17.14 36.03
CA GLU G 110 38.07 -16.08 35.30
C GLU G 110 38.60 -16.58 33.96
N GLY G 111 38.48 -15.75 32.93
CA GLY G 111 38.83 -16.13 31.59
C GLY G 111 37.75 -16.88 30.85
N THR G 112 36.64 -17.19 31.53
CA THR G 112 35.59 -17.98 30.90
C THR G 112 35.17 -17.38 29.58
N ILE G 113 34.72 -16.12 29.61
CA ILE G 113 34.12 -15.43 28.46
C ILE G 113 35.15 -15.16 27.36
N PRO G 114 36.40 -14.78 27.69
CA PRO G 114 37.45 -14.81 26.65
C PRO G 114 37.67 -16.19 26.06
N LYS G 115 37.56 -17.27 26.87
CA LYS G 115 37.83 -18.61 26.35
C LYS G 115 36.79 -19.04 25.34
N LEU G 116 35.58 -18.50 25.46
CA LEU G 116 34.44 -18.91 24.67
C LEU G 116 34.20 -18.04 23.44
N PHE G 117 34.44 -16.73 23.53
CA PHE G 117 33.99 -15.82 22.50
C PHE G 117 35.10 -15.07 21.79
N ARG G 118 36.34 -15.14 22.26
CA ARG G 118 37.39 -14.25 21.77
C ARG G 118 38.35 -14.98 20.84
N GLY G 119 38.45 -14.48 19.60
CA GLY G 119 39.47 -14.88 18.66
C GLY G 119 40.54 -13.82 18.57
N LYS G 120 41.35 -13.93 17.52
CA LYS G 120 42.40 -12.92 17.24
C LYS G 120 42.52 -12.80 15.72
N MET G 121 42.75 -11.60 15.22
CA MET G 121 42.88 -11.40 13.76
C MET G 121 44.25 -10.76 13.45
N VAL G 122 44.63 -10.78 12.17
CA VAL G 122 45.90 -10.14 11.71
C VAL G 122 45.56 -9.11 10.65
N SER G 123 46.05 -7.89 10.80
CA SER G 123 45.89 -6.88 9.74
C SER G 123 47.24 -6.71 9.06
N TYR G 124 47.29 -6.96 7.76
CA TYR G 124 48.55 -6.82 6.99
C TYR G 124 48.47 -5.57 6.13
N ILE G 125 49.51 -4.74 6.16
CA ILE G 125 49.60 -3.49 5.34
C ILE G 125 50.90 -3.54 4.55
N GLN G 126 50.86 -3.38 3.23
CA GLN G 126 52.07 -3.43 2.36
C GLN G 126 52.10 -2.25 1.39
N CYS G 127 53.15 -1.44 1.45
CA CYS G 127 53.29 -0.27 0.61
C CYS G 127 53.50 -0.65 -0.84
N LYS G 128 52.92 0.14 -1.75
CA LYS G 128 52.95 -0.19 -3.17
C LYS G 128 54.22 0.35 -3.85
N GLU G 129 54.63 1.58 -3.55
CA GLU G 129 55.72 2.22 -4.29
C GLU G 129 56.99 2.46 -3.46
N VAL G 130 57.07 1.96 -2.23
CA VAL G 130 58.32 1.85 -1.50
C VAL G 130 58.33 0.52 -0.78
N ASP G 131 59.42 0.23 -0.08
CA ASP G 131 59.59 -1.07 0.57
C ASP G 131 59.35 -0.93 2.08
N TYR G 132 58.09 -1.09 2.48
CA TYR G 132 57.68 -0.97 3.88
C TYR G 132 56.47 -1.86 4.07
N ARG G 133 56.40 -2.52 5.23
CA ARG G 133 55.34 -3.47 5.54
C ARG G 133 55.09 -3.44 7.04
N SER G 134 53.83 -3.59 7.44
CA SER G 134 53.53 -3.59 8.87
C SER G 134 52.47 -4.64 9.19
N ASP G 135 52.38 -5.00 10.48
CA ASP G 135 51.45 -6.05 10.93
C ASP G 135 50.78 -5.63 12.23
N ARG G 136 49.55 -6.07 12.48
CA ARG G 136 48.89 -5.83 13.78
C ARG G 136 47.99 -7.00 14.11
N ARG G 137 48.01 -7.43 15.37
CA ARG G 137 47.15 -8.54 15.83
C ARG G 137 46.19 -8.01 16.89
N GLU G 138 44.89 -8.25 16.74
CA GLU G 138 43.92 -7.71 17.68
C GLU G 138 42.88 -8.76 18.06
N ASP G 139 42.44 -8.66 19.31
CA ASP G 139 41.38 -9.55 19.78
C ASP G 139 40.03 -9.03 19.31
N TYR G 140 39.08 -9.94 19.10
CA TYR G 140 37.70 -9.60 18.80
C TYR G 140 36.82 -10.52 19.62
N TYR G 141 35.56 -10.13 19.82
CA TYR G 141 34.60 -10.99 20.47
C TYR G 141 33.37 -11.22 19.62
N ASP G 142 33.38 -10.69 18.40
CA ASP G 142 32.29 -10.84 17.42
C ASP G 142 32.85 -10.47 16.04
N ILE G 143 32.12 -10.77 14.98
CA ILE G 143 32.57 -10.41 13.61
C ILE G 143 31.49 -9.56 12.93
N GLN G 144 31.88 -8.50 12.23
CA GLN G 144 31.01 -7.58 11.54
C GLN G 144 31.08 -7.88 10.06
N LEU G 145 30.01 -8.47 9.54
CA LEU G 145 30.06 -8.95 8.14
C LEU G 145 29.27 -8.08 7.17
N SER G 146 29.96 -7.44 6.23
CA SER G 146 29.32 -6.69 5.15
C SER G 146 28.23 -7.52 4.47
N ILE G 147 27.13 -6.86 4.09
CA ILE G 147 25.94 -7.54 3.59
C ILE G 147 25.52 -7.08 2.20
N LYS G 148 25.56 -5.77 1.93
CA LYS G 148 25.07 -5.26 0.66
C LYS G 148 25.92 -5.80 -0.48
N GLY G 149 25.27 -6.25 -1.54
CA GLY G 149 26.00 -6.77 -2.71
C GLY G 149 26.53 -8.18 -2.53
N LYS G 150 26.32 -8.77 -1.35
CA LYS G 150 26.82 -10.11 -1.07
C LYS G 150 25.61 -11.02 -0.98
N LYS G 151 25.75 -12.24 -1.50
CA LYS G 151 24.62 -13.15 -1.66
C LYS G 151 24.52 -14.19 -0.56
N ASN G 152 25.59 -14.41 0.20
CA ASN G 152 25.62 -15.46 1.22
C ASN G 152 26.77 -15.19 2.18
N ILE G 153 26.74 -15.87 3.33
CA ILE G 153 27.78 -15.72 4.35
C ILE G 153 29.18 -16.12 3.85
N PHE G 154 29.28 -16.98 2.85
CA PHE G 154 30.58 -17.21 2.25
C PHE G 154 31.10 -15.93 1.60
N GLU G 155 30.34 -15.37 0.64
CA GLU G 155 30.81 -14.19 -0.07
C GLU G 155 31.08 -13.02 0.87
N SER G 156 30.50 -13.03 2.06
CA SER G 156 30.77 -11.96 3.05
C SER G 156 32.18 -12.11 3.57
N PHE G 157 32.49 -13.28 4.13
CA PHE G 157 33.83 -13.58 4.67
C PHE G 157 34.90 -13.44 3.59
N VAL G 158 34.55 -13.57 2.31
CA VAL G 158 35.55 -13.36 1.28
C VAL G 158 35.88 -11.88 1.15
N ASP G 159 34.86 -11.02 1.10
CA ASP G 159 35.14 -9.58 1.08
C ASP G 159 35.87 -9.18 2.34
N TYR G 160 35.56 -9.83 3.46
CA TYR G 160 36.23 -9.55 4.72
C TYR G 160 37.74 -9.67 4.60
N VAL G 161 38.24 -10.76 4.03
CA VAL G 161 39.68 -10.92 3.87
C VAL G 161 40.12 -10.45 2.48
N ALA G 162 39.25 -9.73 1.79
CA ALA G 162 39.65 -9.18 0.51
C ALA G 162 40.69 -8.09 0.72
N VAL G 163 41.63 -8.01 -0.21
CA VAL G 163 42.64 -6.97 -0.14
C VAL G 163 42.02 -5.65 -0.56
N GLU G 164 42.30 -4.61 0.21
CA GLU G 164 41.87 -3.26 -0.09
C GLU G 164 43.06 -2.43 -0.54
N GLN G 165 42.77 -1.27 -1.14
CA GLN G 165 43.79 -0.29 -1.44
C GLN G 165 43.61 0.93 -0.54
N LEU G 166 44.73 1.39 0.00
CA LEU G 166 44.73 2.60 0.85
C LEU G 166 45.33 3.72 0.01
N ASP G 167 44.49 4.49 -0.68
CA ASP G 167 44.99 5.48 -1.62
C ASP G 167 44.20 6.78 -1.42
N GLY G 168 44.69 7.83 -2.08
CA GLY G 168 44.09 9.15 -2.06
C GLY G 168 43.93 9.77 -0.69
N ASP G 169 42.68 9.86 -0.24
CA ASP G 169 42.35 10.42 1.06
C ASP G 169 42.57 9.44 2.20
N ASN G 170 43.02 8.23 1.87
CA ASN G 170 43.27 7.18 2.89
C ASN G 170 44.66 6.58 2.68
N LYS G 171 45.68 7.39 2.39
CA LYS G 171 47.04 6.90 2.27
C LYS G 171 47.55 6.38 3.61
N TYR G 172 48.31 5.27 3.59
CA TYR G 172 48.89 4.74 4.81
C TYR G 172 50.06 5.60 5.26
N ASP G 173 50.20 5.73 6.58
CA ASP G 173 51.30 6.50 7.17
C ASP G 173 52.47 5.56 7.44
N ALA G 174 53.46 5.61 6.55
CA ALA G 174 54.54 4.64 6.65
C ALA G 174 55.83 5.23 7.24
N GLY G 175 55.70 5.94 8.35
CA GLY G 175 56.89 6.45 9.04
C GLY G 175 57.70 7.41 8.20
N GLU G 176 59.01 7.16 8.12
CA GLU G 176 59.93 8.07 7.39
C GLU G 176 59.53 8.19 5.92
N HIS G 177 58.95 7.14 5.35
CA HIS G 177 58.54 7.18 3.92
C HIS G 177 57.34 8.10 3.76
N GLY G 178 56.65 8.43 4.84
CA GLY G 178 55.51 9.35 4.78
C GLY G 178 54.21 8.69 4.41
N LEU G 179 53.25 9.48 3.95
CA LEU G 179 51.94 8.92 3.54
C LEU G 179 52.11 8.21 2.18
N GLN G 180 51.75 6.93 2.10
CA GLN G 180 52.00 6.15 0.87
C GLN G 180 50.84 5.23 0.49
N GLU G 181 50.60 5.02 -0.81
CA GLU G 181 49.65 4.04 -1.28
C GLU G 181 50.04 2.67 -0.75
N ALA G 182 49.06 1.88 -0.31
CA ALA G 182 49.39 0.61 0.32
C ALA G 182 48.28 -0.39 0.06
N GLU G 183 48.52 -1.63 0.50
CA GLU G 183 47.50 -2.71 0.39
C GLU G 183 47.24 -3.25 1.79
N LYS G 184 45.97 -3.41 2.14
CA LYS G 184 45.61 -3.92 3.49
C LYS G 184 44.80 -5.21 3.34
N GLY G 185 45.20 -6.25 4.07
CA GLY G 185 44.43 -7.46 4.08
C GLY G 185 44.25 -7.94 5.50
N VAL G 186 43.07 -8.45 5.85
CA VAL G 186 42.83 -9.07 7.15
C VAL G 186 42.69 -10.59 6.96
N LYS G 187 43.09 -11.33 7.99
CA LYS G 187 42.86 -12.77 8.06
C LYS G 187 42.67 -13.09 9.52
N PHE G 188 42.16 -14.28 9.81
CA PHE G 188 41.88 -14.68 11.19
C PHE G 188 43.01 -15.57 11.69
N LEU G 189 43.51 -15.31 12.89
CA LEU G 189 44.57 -16.19 13.45
C LEU G 189 43.86 -17.37 14.09
N THR G 190 42.91 -17.09 14.97
CA THR G 190 42.11 -18.10 15.60
C THR G 190 40.64 -17.75 15.40
N LEU G 191 39.79 -18.72 15.73
CA LEU G 191 38.32 -18.54 15.64
C LEU G 191 37.79 -19.11 16.94
N PRO G 192 36.99 -18.38 17.73
CA PRO G 192 36.58 -18.82 19.08
C PRO G 192 35.63 -20.00 19.01
N PRO G 193 35.52 -20.75 20.12
CA PRO G 193 34.56 -21.87 20.16
C PRO G 193 33.14 -21.44 19.82
N VAL G 194 32.74 -20.29 20.33
CA VAL G 194 31.45 -19.67 20.04
C VAL G 194 31.70 -18.43 19.19
N LEU G 195 31.19 -18.45 17.96
CA LEU G 195 31.37 -17.30 17.05
C LEU G 195 30.10 -16.46 17.04
N HIS G 196 30.20 -15.18 17.41
CA HIS G 196 29.06 -14.26 17.29
C HIS G 196 29.22 -13.53 15.96
N LEU G 197 28.18 -13.54 15.12
CA LEU G 197 28.29 -12.92 13.77
C LEU G 197 27.25 -11.81 13.65
N GLN G 198 27.70 -10.56 13.61
CA GLN G 198 26.79 -9.41 13.44
C GLN G 198 26.68 -9.09 11.96
N LEU G 199 25.48 -9.21 11.43
CA LEU G 199 25.21 -8.91 10.03
C LEU G 199 25.05 -7.40 9.85
N MET G 200 25.81 -6.83 8.91
CA MET G 200 25.82 -5.39 8.68
C MET G 200 24.61 -4.98 7.83
N ARG G 201 23.42 -5.09 8.44
CA ARG G 201 22.14 -4.89 7.75
C ARG G 201 21.64 -3.46 7.94
N PHE G 202 22.56 -2.51 7.74
CA PHE G 202 22.22 -1.08 7.87
C PHE G 202 23.12 -0.27 6.94
N MET G 203 22.63 0.89 6.50
CA MET G 203 23.43 1.78 5.63
C MET G 203 22.92 3.21 5.77
N TYR G 204 23.74 4.11 6.31
CA TYR G 204 23.35 5.54 6.39
C TYR G 204 23.64 6.17 5.03
N ASP G 205 22.60 6.32 4.22
CA ASP G 205 22.77 7.03 2.92
C ASP G 205 22.93 8.52 3.26
N PRO G 206 23.71 9.30 2.49
CA PRO G 206 23.94 10.72 2.78
C PRO G 206 22.67 11.57 2.66
N GLN G 207 21.76 11.47 3.64
CA GLN G 207 20.47 12.21 3.65
C GLN G 207 19.62 11.60 4.76
N THR G 208 19.78 10.30 5.04
CA THR G 208 19.05 9.60 6.12
C THR G 208 19.63 8.20 6.31
N ILE G 212 18.65 3.89 7.67
CA ILE G 212 18.11 2.90 6.74
C ILE G 212 18.60 1.48 7.06
N LYS G 213 17.68 0.55 7.28
CA LYS G 213 18.00 -0.86 7.48
C LYS G 213 18.05 -1.61 6.16
N ILE G 214 19.08 -2.43 5.95
CA ILE G 214 19.22 -3.25 4.71
C ILE G 214 18.41 -4.54 4.89
N ASN G 215 17.36 -4.74 4.09
CA ASN G 215 16.48 -5.93 4.23
C ASN G 215 16.71 -6.89 3.07
N ASP G 216 17.85 -6.78 2.40
CA ASP G 216 18.16 -7.61 1.21
C ASP G 216 18.34 -9.08 1.59
N ARG G 217 18.42 -9.96 0.59
CA ARG G 217 18.52 -11.42 0.86
C ARG G 217 19.95 -11.79 1.26
N PHE G 218 20.12 -12.34 2.46
CA PHE G 218 21.45 -12.78 2.89
C PHE G 218 21.42 -14.24 3.35
N GLU G 219 22.16 -15.07 2.63
CA GLU G 219 22.07 -16.52 2.78
C GLU G 219 23.16 -17.02 3.72
N PHE G 220 22.75 -17.84 4.70
CA PHE G 220 23.71 -18.45 5.62
C PHE G 220 23.40 -19.92 5.86
N PRO G 221 24.43 -20.78 6.00
CA PRO G 221 24.20 -22.23 6.07
C PRO G 221 24.24 -22.80 7.48
N GLU G 222 23.71 -24.02 7.63
CA GLU G 222 23.79 -24.72 8.90
C GLU G 222 25.21 -25.14 9.22
N GLN G 223 25.97 -25.46 8.17
CA GLN G 223 27.39 -25.87 8.34
C GLN G 223 28.29 -24.80 7.74
N LEU G 224 29.09 -24.14 8.57
CA LEU G 224 29.95 -23.03 8.09
C LEU G 224 31.41 -23.48 8.02
N PRO G 225 31.99 -23.64 6.81
CA PRO G 225 33.38 -23.98 6.65
C PRO G 225 34.24 -22.73 6.66
N LEU G 226 35.00 -22.50 7.73
CA LEU G 226 35.78 -21.24 7.86
C LEU G 226 37.29 -21.49 7.82
N ASP G 227 37.73 -22.66 7.37
CA ASP G 227 39.18 -22.88 7.31
C ASP G 227 39.84 -21.93 6.31
N GLU G 228 39.13 -21.59 5.22
CA GLU G 228 39.71 -20.72 4.20
C GLU G 228 40.17 -19.38 4.79
N PHE G 229 39.59 -18.96 5.90
CA PHE G 229 39.80 -17.62 6.44
C PHE G 229 40.76 -17.58 7.62
N LEU G 230 41.28 -18.73 8.04
CA LEU G 230 42.45 -18.75 8.91
C LEU G 230 43.70 -18.41 8.11
N GLN G 231 44.75 -18.03 8.82
CA GLN G 231 46.04 -17.86 8.16
C GLN G 231 46.80 -19.18 8.14
N LYS G 232 46.64 -19.95 9.21
CA LYS G 232 47.09 -21.33 9.28
C LYS G 232 45.97 -22.15 9.86
N THR G 233 45.73 -23.33 9.30
CA THR G 233 44.74 -24.21 9.88
C THR G 233 45.42 -25.17 10.87
N ASP G 234 44.67 -26.16 11.30
CA ASP G 234 45.09 -27.21 12.22
C ASP G 234 44.32 -28.47 11.89
N PRO G 235 44.98 -29.50 11.37
CA PRO G 235 44.27 -30.77 11.13
C PRO G 235 43.67 -31.38 12.39
N LYS G 236 44.35 -31.28 13.53
CA LYS G 236 43.82 -31.80 14.79
C LYS G 236 42.58 -31.06 15.27
N ASP G 237 42.09 -30.06 14.52
CA ASP G 237 40.89 -29.27 14.82
C ASP G 237 40.51 -28.38 13.64
N PRO G 238 39.58 -28.80 12.80
CA PRO G 238 39.17 -27.94 11.69
C PRO G 238 38.26 -26.81 12.16
N ALA G 239 38.10 -25.81 11.29
CA ALA G 239 37.26 -24.64 11.55
C ALA G 239 35.86 -24.86 10.94
N ASN G 240 35.19 -25.85 11.48
CA ASN G 240 33.83 -26.19 11.06
C ASN G 240 32.87 -25.71 12.12
N TYR G 241 31.88 -24.92 11.71
CA TYR G 241 30.96 -24.29 12.64
C TYR G 241 29.54 -24.74 12.34
N ILE G 242 28.83 -25.14 13.40
CA ILE G 242 27.45 -25.59 13.33
C ILE G 242 26.56 -24.46 13.82
N LEU G 243 25.49 -24.17 13.08
CA LEU G 243 24.55 -23.09 13.46
C LEU G 243 23.90 -23.41 14.80
N HIS G 244 24.01 -22.50 15.75
CA HIS G 244 23.37 -22.67 17.05
C HIS G 244 22.23 -21.70 17.28
N ALA G 245 22.33 -20.49 16.75
CA ALA G 245 21.28 -19.49 17.06
C ALA G 245 21.14 -18.44 15.97
N VAL G 246 19.91 -18.03 15.71
CA VAL G 246 19.65 -16.96 14.76
C VAL G 246 18.83 -15.88 15.48
N LEU G 247 19.42 -14.69 15.58
CA LEU G 247 18.70 -13.55 16.18
C LEU G 247 18.03 -12.82 15.02
N VAL G 248 16.73 -12.66 15.07
CA VAL G 248 15.94 -12.09 13.99
C VAL G 248 15.44 -10.71 14.42
N HIS G 249 15.40 -9.81 13.45
CA HIS G 249 14.93 -8.46 13.71
C HIS G 249 13.84 -8.13 12.71
N SER G 250 12.69 -7.68 13.21
CA SER G 250 11.55 -7.34 12.32
C SER G 250 11.23 -5.86 12.45
N GLY G 251 11.61 -5.05 11.47
CA GLY G 251 11.31 -3.61 11.53
C GLY G 251 12.33 -2.72 10.83
N ASP G 252 12.69 -1.60 11.47
CA ASP G 252 13.65 -0.62 10.87
C ASP G 252 14.71 -0.21 11.88
N ASN G 253 15.56 0.72 11.50
CA ASN G 253 16.69 1.15 12.38
C ASN G 253 16.16 1.66 13.70
N HIS G 254 15.10 2.48 13.67
CA HIS G 254 14.59 3.13 14.90
C HIS G 254 13.67 2.21 15.71
N GLY G 255 13.04 1.23 15.06
CA GLY G 255 12.06 0.42 15.82
C GLY G 255 11.75 -0.91 15.18
N GLY G 256 11.43 -1.89 16.02
CA GLY G 256 11.13 -3.23 15.50
C GLY G 256 10.84 -4.29 16.56
N HIS G 257 11.08 -5.56 16.23
CA HIS G 257 10.86 -6.62 17.18
C HIS G 257 12.04 -7.57 17.16
N TYR G 258 12.30 -8.22 18.30
CA TYR G 258 13.41 -9.17 18.40
C TYR G 258 12.93 -10.55 18.86
N VAL G 259 13.36 -11.59 18.15
CA VAL G 259 13.02 -13.00 18.45
C VAL G 259 14.28 -13.82 18.22
N VAL G 260 14.33 -15.02 18.79
CA VAL G 260 15.54 -15.89 18.65
C VAL G 260 15.14 -17.31 18.27
N TYR G 261 15.69 -17.80 17.17
CA TYR G 261 15.47 -19.22 16.77
C TYR G 261 16.68 -19.98 17.30
N LEU G 262 16.46 -21.13 17.93
CA LEU G 262 17.59 -21.84 18.57
C LEU G 262 17.42 -23.36 18.54
N ASN G 263 18.47 -24.10 18.16
CA ASN G 263 18.49 -25.58 18.28
C ASN G 263 19.43 -25.79 19.46
N PRO G 264 18.98 -25.65 20.73
CA PRO G 264 19.88 -25.64 21.89
C PRO G 264 20.84 -26.81 22.10
N LYS G 265 20.59 -27.94 21.45
CA LYS G 265 21.44 -29.14 21.64
C LYS G 265 22.25 -29.41 20.36
N GLY G 266 22.14 -28.56 19.34
CA GLY G 266 22.84 -28.82 18.11
C GLY G 266 22.34 -30.03 17.35
N ASP G 267 21.12 -30.48 17.66
CA ASP G 267 20.53 -31.66 17.05
C ASP G 267 19.63 -31.34 15.88
N GLY G 268 19.67 -30.11 15.37
CA GLY G 268 18.75 -29.71 14.34
C GLY G 268 17.30 -29.65 14.78
N LYS G 269 17.02 -29.74 16.08
CA LYS G 269 15.65 -29.72 16.60
C LYS G 269 15.34 -28.32 17.12
N TRP G 270 14.97 -27.46 16.16
CA TRP G 270 14.81 -26.01 16.45
C TRP G 270 13.48 -25.61 17.09
N CYS G 271 13.51 -24.51 17.83
CA CYS G 271 12.32 -23.87 18.42
C CYS G 271 12.49 -22.34 18.32
N LYS G 272 11.40 -21.57 18.35
CA LYS G 272 11.42 -20.11 18.33
C LYS G 272 11.06 -19.63 19.73
N PHE G 273 11.49 -18.40 20.05
CA PHE G 273 11.23 -17.80 21.36
C PHE G 273 10.77 -16.35 21.18
N ASP G 274 9.45 -16.15 21.06
CA ASP G 274 8.86 -14.79 20.93
C ASP G 274 8.55 -14.28 22.32
N ASP G 275 9.58 -13.97 23.10
CA ASP G 275 9.41 -13.48 24.48
C ASP G 275 8.67 -14.53 25.30
N ASP G 276 7.36 -14.40 25.45
CA ASP G 276 6.56 -15.32 26.31
C ASP G 276 6.20 -16.61 25.60
N VAL G 277 6.39 -16.71 24.29
CA VAL G 277 5.91 -17.90 23.54
C VAL G 277 7.07 -18.66 22.92
N VAL G 278 7.31 -19.88 23.38
CA VAL G 278 8.35 -20.73 22.81
C VAL G 278 7.68 -21.80 21.94
N SER G 279 8.16 -21.92 20.70
CA SER G 279 7.45 -22.80 19.74
C SER G 279 8.39 -23.60 18.85
N ARG G 280 8.34 -24.92 18.93
CA ARG G 280 9.05 -25.81 18.02
C ARG G 280 8.79 -25.38 16.56
N CYS G 281 9.71 -25.74 15.66
CA CYS G 281 9.65 -25.20 14.30
C CYS G 281 10.52 -26.04 13.38
N THR G 282 10.42 -25.73 12.08
CA THR G 282 11.24 -26.45 11.07
C THR G 282 12.60 -25.79 10.91
N LYS G 283 13.54 -26.50 10.29
CA LYS G 283 14.91 -25.95 10.08
C LYS G 283 14.90 -24.97 8.91
N GLU G 284 13.73 -24.73 8.32
CA GLU G 284 13.64 -23.70 7.26
C GLU G 284 12.97 -22.48 7.89
N GLU G 285 12.07 -22.70 8.84
CA GLU G 285 11.40 -21.59 9.56
C GLU G 285 12.41 -20.84 10.43
N ALA G 286 13.61 -21.41 10.63
CA ALA G 286 14.65 -20.75 11.39
C ALA G 286 15.82 -20.30 10.55
N ILE G 287 15.98 -20.82 9.35
CA ILE G 287 17.15 -20.48 8.54
C ILE G 287 16.71 -19.84 7.23
N GLU G 288 16.18 -20.66 6.33
CA GLU G 288 15.84 -20.17 4.99
C GLU G 288 14.77 -19.09 5.04
N HIS G 289 13.90 -19.11 6.07
CA HIS G 289 12.86 -18.11 6.25
C HIS G 289 13.35 -16.84 6.95
N ASN G 290 14.65 -16.73 7.22
CA ASN G 290 15.22 -15.51 7.76
C ASN G 290 16.31 -14.93 6.86
N TYR G 291 16.50 -15.48 5.68
CA TYR G 291 17.46 -14.94 4.72
C TYR G 291 16.94 -13.59 4.19
N VAL G 300 4.86 -7.85 7.22
CA VAL G 300 6.19 -7.33 7.66
C VAL G 300 7.27 -8.32 7.29
N ARG G 301 6.93 -9.44 6.62
CA ARG G 301 7.99 -10.34 6.16
C ARG G 301 8.94 -9.62 5.23
N HIS G 302 8.54 -8.45 4.73
CA HIS G 302 9.47 -7.57 4.02
C HIS G 302 10.59 -7.05 4.93
N CYS G 303 10.31 -6.73 6.19
CA CYS G 303 11.35 -6.18 7.06
C CYS G 303 11.74 -7.14 8.18
N THR G 304 11.46 -8.44 8.02
CA THR G 304 11.89 -9.49 8.95
C THR G 304 13.07 -10.21 8.32
N ASN G 305 14.11 -10.39 9.14
CA ASN G 305 15.34 -11.09 8.68
C ASN G 305 16.30 -11.30 9.84
N ALA G 306 17.34 -12.09 9.63
CA ALA G 306 18.35 -12.38 10.62
C ALA G 306 19.33 -11.22 10.77
N TYR G 307 19.76 -10.97 12.02
CA TYR G 307 20.73 -9.88 12.33
C TYR G 307 21.97 -10.46 13.02
N MET G 308 21.77 -11.25 14.07
CA MET G 308 22.93 -11.83 14.77
C MET G 308 22.89 -13.36 14.71
N LEU G 309 23.94 -13.95 14.15
CA LEU G 309 24.03 -15.43 14.07
C LEU G 309 25.03 -15.91 15.11
N VAL G 310 24.73 -17.01 15.79
CA VAL G 310 25.63 -17.58 16.80
C VAL G 310 25.96 -19.00 16.33
N TYR G 311 27.17 -19.21 15.83
CA TYR G 311 27.64 -20.53 15.40
C TYR G 311 28.55 -21.10 16.47
N ILE G 312 28.83 -22.40 16.43
CA ILE G 312 29.65 -23.10 17.42
C ILE G 312 30.60 -24.04 16.69
N ARG G 313 31.89 -24.02 17.08
CA ARG G 313 32.89 -24.88 16.46
C ARG G 313 32.58 -26.35 16.75
N GLU G 314 32.57 -27.16 15.69
CA GLU G 314 32.20 -28.58 15.80
C GLU G 314 33.04 -29.30 16.85
N SER G 315 34.33 -28.97 16.92
CA SER G 315 35.23 -29.69 17.86
C SER G 315 34.88 -29.40 19.31
N LYS G 316 34.19 -28.29 19.58
CA LYS G 316 33.96 -27.92 21.01
C LYS G 316 32.50 -27.98 21.43
N LEU G 317 31.60 -28.42 20.55
CA LEU G 317 30.14 -28.44 20.85
C LEU G 317 29.86 -29.15 22.18
N SER G 318 30.51 -30.28 22.42
CA SER G 318 30.26 -31.08 23.65
C SER G 318 30.51 -30.25 24.91
N GLU G 319 31.60 -29.48 24.95
CA GLU G 319 31.94 -28.72 26.18
C GLU G 319 31.02 -27.50 26.32
N VAL G 320 30.78 -26.79 25.22
CA VAL G 320 29.89 -25.61 25.26
C VAL G 320 28.50 -26.06 25.68
N LEU G 321 27.97 -27.10 25.01
CA LEU G 321 26.61 -27.62 25.31
C LEU G 321 26.68 -28.71 26.38
N GLN G 322 27.74 -28.72 27.21
CA GLN G 322 27.80 -29.65 28.32
C GLN G 322 26.49 -29.62 29.09
N ALA G 323 25.99 -30.81 29.43
CA ALA G 323 24.66 -30.91 30.01
C ALA G 323 24.61 -30.27 31.39
N VAL G 324 23.50 -29.60 31.68
CA VAL G 324 23.33 -28.91 33.00
C VAL G 324 22.08 -29.47 33.67
N MET H 1 48.53 9.98 15.61
CA MET H 1 48.60 8.58 15.20
C MET H 1 47.51 8.32 14.17
N GLN H 2 47.87 7.53 13.15
CA GLN H 2 46.88 7.15 12.13
C GLN H 2 46.24 5.83 12.53
N ILE H 3 44.97 5.87 12.91
CA ILE H 3 44.25 4.61 13.25
C ILE H 3 43.44 4.20 12.02
N PHE H 4 42.78 3.06 12.13
CA PHE H 4 41.95 2.56 11.02
C PHE H 4 40.52 2.36 11.51
N VAL H 5 39.55 2.81 10.73
CA VAL H 5 38.13 2.56 11.01
C VAL H 5 37.59 1.79 9.82
N LYS H 6 36.99 0.63 10.10
CA LYS H 6 36.19 -0.11 9.11
C LYS H 6 34.76 0.44 9.11
N THR H 7 34.36 1.06 8.00
CA THR H 7 33.05 1.72 7.92
C THR H 7 31.93 0.70 7.64
N LEU H 8 30.73 1.21 7.34
CA LEU H 8 29.57 0.31 7.21
C LEU H 8 29.70 -0.59 5.99
N THR H 9 30.32 -0.09 4.91
CA THR H 9 30.54 -0.85 3.69
C THR H 9 31.61 -1.91 3.83
N GLY H 10 32.50 -1.77 4.80
CA GLY H 10 33.64 -2.65 4.91
C GLY H 10 34.93 -2.04 4.40
N LYS H 11 34.89 -0.89 3.74
CA LYS H 11 36.11 -0.21 3.36
C LYS H 11 36.84 0.30 4.60
N THR H 12 38.13 0.03 4.70
CA THR H 12 38.94 0.62 5.75
C THR H 12 39.22 2.08 5.38
N ILE H 13 39.07 3.00 6.34
CA ILE H 13 39.55 4.35 6.16
C ILE H 13 40.59 4.66 7.23
N THR H 14 41.39 5.68 6.95
CA THR H 14 42.31 6.23 7.93
C THR H 14 41.67 7.35 8.72
N LEU H 15 42.08 7.48 9.98
CA LEU H 15 41.60 8.61 10.82
C LEU H 15 42.79 9.15 11.62
N GLU H 16 42.90 10.47 11.71
CA GLU H 16 44.04 11.06 12.38
C GLU H 16 43.59 11.58 13.75
N VAL H 17 43.93 10.81 14.77
CA VAL H 17 43.53 11.12 16.13
C VAL H 17 44.74 11.15 17.03
N GLU H 18 44.53 11.49 18.28
CA GLU H 18 45.65 11.50 19.25
C GLU H 18 45.26 10.59 20.40
N PRO H 19 46.20 9.93 21.11
CA PRO H 19 45.84 9.12 22.26
C PRO H 19 44.96 9.88 23.24
N SER H 20 45.08 11.21 23.28
CA SER H 20 44.31 12.05 24.22
C SER H 20 42.89 12.28 23.74
N ASP H 21 42.60 11.96 22.47
CA ASP H 21 41.27 12.28 21.96
C ASP H 21 40.21 11.47 22.67
N THR H 22 39.11 12.11 23.04
CA THR H 22 38.03 11.33 23.59
C THR H 22 37.24 10.66 22.47
N ILE H 23 36.48 9.65 22.86
CA ILE H 23 35.65 8.92 21.91
C ILE H 23 34.74 9.87 21.15
N GLU H 24 34.18 10.87 21.84
CA GLU H 24 33.39 11.88 21.15
C GLU H 24 34.22 12.62 20.12
N ASN H 25 35.49 12.91 20.42
CA ASN H 25 36.36 13.53 19.43
C ASN H 25 36.60 12.60 18.25
N VAL H 26 36.72 11.31 18.51
CA VAL H 26 36.90 10.32 17.39
C VAL H 26 35.64 10.31 16.54
N LYS H 27 34.46 10.29 17.18
CA LYS H 27 33.21 10.27 16.43
C LYS H 27 33.08 11.52 15.58
N ALA H 28 33.46 12.68 16.13
CA ALA H 28 33.46 13.90 15.33
C ALA H 28 34.31 13.71 14.09
N LYS H 29 35.49 13.14 14.25
CA LYS H 29 36.39 12.98 13.08
C LYS H 29 35.75 12.02 12.08
N ILE H 30 35.04 11.00 12.57
CA ILE H 30 34.32 10.12 11.66
C ILE H 30 33.19 10.88 10.94
N GLN H 31 32.59 11.86 11.61
CA GLN H 31 31.55 12.64 10.94
C GLN H 31 32.14 13.56 9.87
N ASP H 32 33.29 14.18 10.14
CA ASP H 32 33.95 14.99 9.12
C ASP H 32 34.31 14.15 7.90
N LYS H 33 34.74 12.91 8.12
CA LYS H 33 35.24 12.12 7.00
C LYS H 33 34.20 11.20 6.40
N GLU H 34 33.38 10.54 7.20
CA GLU H 34 32.38 9.62 6.69
C GLU H 34 30.96 10.16 6.76
N GLY H 35 30.74 11.28 7.43
CA GLY H 35 29.43 11.88 7.47
C GLY H 35 28.45 11.26 8.43
N ILE H 36 28.77 10.12 9.02
CA ILE H 36 27.93 9.48 10.03
C ILE H 36 27.77 10.44 11.20
N PRO H 37 26.56 10.85 11.58
CA PRO H 37 26.41 11.74 12.73
C PRO H 37 26.85 11.02 13.99
N PRO H 38 27.61 11.70 14.86
CA PRO H 38 28.18 11.02 16.04
C PRO H 38 27.14 10.35 16.91
N ASP H 39 25.89 10.80 16.86
CA ASP H 39 24.83 10.21 17.68
C ASP H 39 24.50 8.78 17.27
N GLN H 40 24.78 8.39 16.02
CA GLN H 40 24.44 7.08 15.52
C GLN H 40 25.62 6.10 15.50
N GLN H 41 26.85 6.57 15.73
CA GLN H 41 28.02 5.73 15.68
C GLN H 41 28.18 4.89 16.95
N ARG H 42 28.59 3.65 16.77
CA ARG H 42 29.12 2.79 17.82
C ARG H 42 30.44 2.20 17.32
N LEU H 43 31.47 2.25 18.16
CA LEU H 43 32.82 1.90 17.75
C LEU H 43 33.27 0.71 18.58
N ILE H 44 33.47 -0.42 17.93
CA ILE H 44 33.87 -1.64 18.62
C ILE H 44 35.35 -1.87 18.38
N PHE H 45 36.09 -1.97 19.49
CA PHE H 45 37.53 -2.33 19.44
C PHE H 45 37.72 -3.42 20.47
N ALA H 46 38.19 -4.60 20.07
CA ALA H 46 38.49 -5.73 20.99
C ALA H 46 37.29 -6.11 21.85
N GLY H 47 36.12 -6.28 21.23
CA GLY H 47 34.91 -6.72 21.96
C GLY H 47 34.37 -5.68 22.92
N LYS H 48 35.02 -4.53 23.01
CA LYS H 48 34.48 -3.47 23.85
C LYS H 48 33.89 -2.38 22.98
N GLN H 49 32.68 -1.94 23.31
CA GLN H 49 32.16 -0.72 22.71
C GLN H 49 32.75 0.47 23.44
N LEU H 50 33.38 1.37 22.70
CA LEU H 50 34.01 2.51 23.34
C LEU H 50 32.94 3.49 23.80
N GLU H 51 33.25 4.25 24.83
CA GLU H 51 32.26 4.99 25.59
C GLU H 51 32.58 6.48 25.60
N ASP H 52 31.59 7.28 25.25
CA ASP H 52 31.74 8.73 25.35
C ASP H 52 32.19 9.09 26.75
N GLY H 53 33.37 9.69 26.85
CA GLY H 53 33.91 10.09 28.13
C GLY H 53 35.32 9.61 28.33
N ARG H 54 35.59 8.34 27.97
CA ARG H 54 36.94 7.83 28.10
C ARG H 54 37.77 8.38 26.95
N THR H 55 39.07 8.20 27.03
CA THR H 55 39.94 8.63 25.95
C THR H 55 40.44 7.41 25.17
N LEU H 56 41.19 7.66 24.10
CA LEU H 56 41.73 6.55 23.27
C LEU H 56 42.79 5.75 24.05
N SER H 57 43.69 6.44 24.75
CA SER H 57 44.69 5.74 25.54
C SER H 57 44.06 4.81 26.58
N ASP H 58 42.86 5.16 27.05
CA ASP H 58 42.15 4.27 27.98
C ASP H 58 41.88 2.90 27.37
N TYR H 59 41.98 2.77 26.05
CA TYR H 59 41.63 1.48 25.42
C TYR H 59 42.88 0.85 24.76
N ASN H 60 44.05 1.44 24.97
CA ASN H 60 45.32 0.97 24.36
C ASN H 60 45.19 1.00 22.84
N ILE H 61 44.39 1.93 22.33
CA ILE H 61 44.25 2.12 20.86
C ILE H 61 45.44 2.96 20.44
N GLN H 62 46.17 2.50 19.42
CA GLN H 62 47.36 3.21 19.05
C GLN H 62 47.47 3.09 17.55
N LYS H 63 48.68 3.30 17.03
CA LYS H 63 48.86 3.33 15.57
C LYS H 63 48.36 2.03 14.96
N GLU H 64 47.74 2.16 13.80
CA GLU H 64 47.29 1.04 12.97
C GLU H 64 46.28 0.15 13.67
N SER H 65 45.82 0.53 14.87
CA SER H 65 44.63 -0.07 15.44
C SER H 65 43.47 0.02 14.46
N THR H 66 42.57 -0.98 14.50
CA THR H 66 41.35 -0.97 13.68
C THR H 66 40.12 -0.90 14.57
N LEU H 67 39.35 0.18 14.43
CA LEU H 67 38.05 0.32 15.10
C LEU H 67 36.95 -0.11 14.14
N HIS H 68 35.87 -0.67 14.67
CA HIS H 68 34.79 -1.21 13.84
C HIS H 68 33.50 -0.40 14.00
N LEU H 69 33.13 0.33 12.94
CA LEU H 69 31.94 1.17 12.96
C LEU H 69 30.70 0.33 12.72
N VAL H 70 29.62 0.68 13.43
CA VAL H 70 28.43 -0.15 13.54
C VAL H 70 27.25 0.74 13.91
N LEU H 71 26.09 0.49 13.30
CA LEU H 71 24.88 1.23 13.64
C LEU H 71 24.01 0.40 14.60
N ARG H 72 22.75 0.77 14.67
CA ARG H 72 21.83 0.12 15.62
C ARG H 72 20.55 -0.35 14.92
N LEU H 73 20.13 -1.57 15.22
CA LEU H 73 18.82 -2.07 14.73
C LEU H 73 17.99 -2.25 16.00
N ARG H 74 17.18 -1.25 16.37
CA ARG H 74 16.45 -1.30 17.66
C ARG H 74 15.17 -2.13 17.55
N GLY H 75 14.70 -2.68 18.67
CA GLY H 75 13.56 -3.56 18.65
C GLY H 75 12.82 -3.61 19.97
C10 XB7 I . -36.99 13.63 1.01
C11 XB7 I . -37.25 12.16 0.90
C12 XB7 I . -37.70 11.63 2.25
C13 XB7 I . -35.64 14.36 -1.11
C14 XB7 I . -33.66 14.48 -1.93
C15 XB7 I . -32.29 14.51 -2.15
C16 XB7 I . -31.85 14.68 -3.43
C17 XB7 I . -32.74 14.83 -4.51
C18 XB7 I . -34.10 14.78 -4.30
C19 XB7 I . -34.53 14.63 -3.01
C20 XB7 I . -37.07 14.64 -3.18
C21 XB7 I . -37.58 13.32 -3.72
C22 XB7 I . -36.89 12.65 -4.70
C23 XB7 I . -37.35 11.45 -5.21
C24 XB7 I . -38.52 10.96 -4.71
C25 XB7 I . -39.24 11.59 -3.75
C26 XB7 I . -38.75 12.78 -3.25
C8 XB7 I . -36.44 13.35 3.40
C9 XB7 I . -35.98 13.93 2.07
F1 XB7 I . -38.98 9.78 -5.21
N1 XB7 I . -36.69 11.90 3.29
N2 XB7 I . -36.75 14.28 -0.28
N3 XB7 I . -34.37 14.33 -0.74
N4 XB7 I . -35.80 14.54 -2.46
#